data_7JTI
#
_entry.id   7JTI
#
loop_
_entity.id
_entity.type
_entity.pdbx_description
1 polymer 'mAb5 Fab light chain'
2 polymer 'mAb5 Fab heavy chain'
3 polymer 'Retinol-binding protein 3'
4 polymer 'Retinol-binding protein 3'
5 polymer 'Retinol-binding protein 3'
6 polymer 'Retinol-binding protein 3'
#
loop_
_entity_poly.entity_id
_entity_poly.type
_entity_poly.pdbx_seq_one_letter_code
_entity_poly.pdbx_strand_id
1 'polypeptide(L)'
;QAVVTQESALTTSPGETVTLTCRSSTGAVTTSNYANWVQEKPDHLFTGLIGGTNNRAPGVPARFSGSLIGDKAALTITGA
QTEDEAIYFCALWYSNHWVFGGGTKLTVLGQPKSSPSVTLFPPSSEELETNKATLVCTITDFYPGVVTVDWKVDGTPVTQ
GMETTQPSKQSNNKYMASSYLTLTARAWERHSSYSCQVTHEGHTVEKSLS
;
L
2 'polypeptide(L)'
;QVQLKESGPGLVAPSQSLSITCTVSGFLLISNGVHWVRQPPGKGLEWLGVIWAGGNTNYNSALMSRVSISKDNSKSQVFL
KMKSLQTDDTAMYYCARDFYDYDVFYYAMDYWGQGTSVTVSSAKTTPPSVYPLAPGSAAQTNSMVTLGCLVKGYFPEPVT
VTWNSGSLSSGVHTFPAVLQSDLYTLSSSVTVPSSTWPSETVTCNVAHPASSTKVDKKIVP
;
H
3 'polypeptide(L)'
;VIQRLQEALREYYTLVDRVPALLSHLAAMDLSSVVSEDDLVTKLNAGLQAVSEDPRLQVQVVRPKEASSGPEEEAEEPPE
AVPEVPEDEAVRRALVDSVFQVSVLPGNVGYLRFDSFADASVLEVLGPYILHQVWEPLQDTEHLIMDLRQNPGGPSSAVP
LLLSYFQSPDASPVRLFSTYDRRTNITREHFSQTELLGRPYGTQRGVYLLTSHRTATAAEELAFLMQSLGWATLVGEITA
GSLLHTHTVSLLETPEGGLALTVPVLTFIDNHGECWLGGGVVPDAIVLAEEALDRAQEVLEFH
;
A
4 'polypeptide(L)'
;FSPTLIADMAKIFMDNYCSPEKLTGMEEAIDAASSNTEILSISDPTMLANVLTDGVKKTISDSRVKVTYEPDLILAAPPA
MPDIPLEHLAAMIKGTVKVEILEGNIGYLKIQHIIGEEMAQKVGPLLLEYIWDKILPTSAMILDFRSTVTGELSGIPYIV
SYFTDPEPLIHIDSVYDRTADLTIELWSMPTLLGKRYGTSKPLIILTSKDTLGIAEDVAYCLKNLKRATIVGENTAGGTV
KMSKMKVGDTDFYVTVPVAKSINPITGKSWEINGVAPDVDVAAEDALDAAIAIIKLRAEIPALAQAAAT
;
B
5 'polypeptide(L)'
;SLGELVEGTGRLLEAHYARPEVVGQMGALLRAKLAQGAYRTAVDLESLASQLTADLQEMSGDHRLLVFHSPGEMVAEEAP
PPPPVVPSPEELSYLIEALFKTEVLPGQLGYLRFDAMAELETVKAVGPQLVQLVWQKLVDTAALVVDLRYNPGSYSTAVP
LLCSYFFEAEPRRHLYSVFDRATSRVTEVWTLPHVTGQRYGSHKDLYVLVSHTSGSAAEAFAHTMQDLQRATIIGEPTAG
GALSVGIYQVGSSALYASMPTQMAMSASTGEAWDLAGVEPDITVPMSVALSTARDIVTLR
;
C
6 'polypeptide(L)'
;PTVLQTAGKLVADNYASPELGVKMAAELSGLQSRYARVTSEAALAELLQADLQVLSGDPHLKTAHIPEDAKDRIPGIVPM
QIPSPEVFEDLIKFSFHTNVLEGNVGYLRFDMFGDCELLTQVSELLVEHVWKKIVHTDALIVDMRFNIGGPTSSISALCS
YFFDEGPPILLDKIYNRPNNSVSELWTLSQLEGERYGSKKSMVILTSTLTAGAAEEFTYIMKRLGRALVIGEVTSGGCQP
PQTYHVDDTDLYLTIPTARSVGAADGSSWEGVGVVPDVAVPAEAALTRAQEMLQHT
;
D
#
# COMPACT_ATOMS: atom_id res chain seq x y z
N GLN A 1 -41.51 -21.64 -2.57
CA GLN A 1 -41.60 -21.42 -1.10
C GLN A 1 -41.95 -19.95 -0.79
N ALA A 2 -42.77 -19.88 0.26
CA ALA A 2 -43.40 -18.64 0.74
C ALA A 2 -44.49 -18.71 -0.38
N VAL A 3 -45.40 -19.61 -0.03
CA VAL A 3 -46.60 -19.98 -0.77
C VAL A 3 -47.69 -19.64 0.24
N VAL A 4 -48.60 -18.75 -0.10
CA VAL A 4 -49.64 -18.39 0.89
C VAL A 4 -50.90 -19.09 0.43
N THR A 5 -51.58 -19.80 1.28
CA THR A 5 -52.80 -20.47 0.81
C THR A 5 -53.97 -19.96 1.66
N GLN A 6 -55.14 -19.95 1.05
CA GLN A 6 -56.44 -19.55 1.55
C GLN A 6 -57.49 -20.56 1.11
N GLU A 7 -58.65 -20.66 1.75
CA GLU A 7 -59.70 -21.58 1.31
C GLU A 7 -60.06 -21.09 -0.07
N SER A 8 -60.51 -21.94 -0.98
CA SER A 8 -60.80 -21.35 -2.30
C SER A 8 -62.22 -20.84 -2.42
N ALA A 9 -63.14 -21.44 -1.68
CA ALA A 9 -64.54 -20.98 -1.75
C ALA A 9 -65.22 -21.19 -0.41
N LEU A 10 -66.07 -20.23 -0.07
CA LEU A 10 -66.83 -20.27 1.20
C LEU A 10 -68.19 -19.68 0.85
N THR A 11 -69.19 -20.05 1.62
CA THR A 11 -70.56 -19.59 1.40
C THR A 11 -71.17 -19.32 2.77
N THR A 12 -71.93 -18.25 2.83
CA THR A 12 -72.58 -17.82 4.07
C THR A 12 -73.94 -17.25 3.72
N SER A 13 -74.68 -16.80 4.72
CA SER A 13 -76.02 -16.20 4.49
C SER A 13 -75.97 -14.99 5.40
N PRO A 14 -76.76 -13.99 5.10
CA PRO A 14 -76.79 -12.73 5.85
C PRO A 14 -77.01 -12.88 7.35
N GLY A 15 -76.20 -12.14 8.13
CA GLY A 15 -76.31 -12.21 9.58
C GLY A 15 -75.40 -13.29 10.13
N GLU A 16 -74.82 -14.17 9.34
CA GLU A 16 -73.92 -15.18 9.95
C GLU A 16 -72.50 -14.66 10.04
N THR A 17 -71.67 -15.31 10.81
CA THR A 17 -70.23 -15.01 10.98
C THR A 17 -69.48 -15.98 10.08
N VAL A 18 -68.49 -15.56 9.33
CA VAL A 18 -67.65 -16.38 8.44
C VAL A 18 -66.18 -16.00 8.77
N THR A 19 -65.28 -16.94 8.82
CA THR A 19 -63.86 -16.71 9.10
C THR A 19 -63.07 -17.21 7.88
N LEU A 20 -62.23 -16.37 7.33
CA LEU A 20 -61.39 -16.74 6.17
C LEU A 20 -59.96 -16.88 6.73
N THR A 21 -59.20 -17.85 6.26
CA THR A 21 -57.84 -18.00 6.83
C THR A 21 -56.82 -17.89 5.72
N CYS A 22 -55.63 -17.57 6.20
CA CYS A 22 -54.44 -17.35 5.37
C CYS A 22 -53.23 -17.99 6.02
N ARG A 23 -52.66 -18.93 5.26
CA ARG A 23 -51.52 -19.72 5.75
C ARG A 23 -50.23 -19.52 4.97
N SER A 24 -49.11 -19.49 5.66
CA SER A 24 -47.77 -19.36 5.07
C SER A 24 -47.17 -20.77 4.99
N SER A 25 -46.60 -21.14 3.88
CA SER A 25 -46.00 -22.45 3.63
C SER A 25 -44.78 -22.65 4.53
N THR A 26 -44.14 -21.53 4.77
CA THR A 26 -42.93 -21.34 5.55
C THR A 26 -42.96 -21.48 7.06
N GLY A 27 -44.10 -21.36 7.70
CA GLY A 27 -44.25 -21.45 9.15
C GLY A 27 -45.48 -20.68 9.61
N ALA A 28 -45.52 -20.43 10.90
CA ALA A 28 -46.64 -19.70 11.49
C ALA A 28 -46.63 -18.26 11.00
N VAL A 29 -47.81 -17.70 10.86
CA VAL A 29 -47.98 -16.30 10.48
C VAL A 29 -47.78 -15.60 11.84
N THR A 30 -47.03 -14.55 11.77
CA THR A 30 -46.60 -13.63 12.82
C THR A 30 -47.02 -12.23 12.45
N THR A 31 -46.92 -11.34 13.38
CA THR A 31 -47.21 -9.91 13.37
C THR A 31 -46.33 -9.28 12.32
N SER A 32 -45.10 -9.69 12.21
CA SER A 32 -44.09 -9.26 11.26
C SER A 32 -44.40 -9.56 9.80
N ASN A 33 -45.47 -10.30 9.55
CA ASN A 33 -45.85 -10.59 8.17
C ASN A 33 -46.85 -9.54 7.68
N TYR A 34 -47.32 -8.73 8.60
CA TYR A 34 -48.28 -7.62 8.38
C TYR A 34 -49.44 -7.99 7.46
N ALA A 35 -50.10 -9.09 7.72
CA ALA A 35 -51.20 -9.56 6.90
C ALA A 35 -52.15 -8.42 6.49
N ASN A 36 -52.29 -8.34 5.19
CA ASN A 36 -53.13 -7.43 4.47
C ASN A 36 -54.26 -8.23 3.79
N TRP A 37 -55.45 -7.71 3.87
CA TRP A 37 -56.61 -8.35 3.26
C TRP A 37 -57.22 -7.36 2.26
N VAL A 38 -57.25 -7.77 1.01
CA VAL A 38 -57.75 -6.95 -0.10
C VAL A 38 -59.02 -7.50 -0.70
N GLN A 39 -59.96 -6.60 -0.97
CA GLN A 39 -61.20 -7.06 -1.56
C GLN A 39 -61.33 -6.72 -3.06
N GLU A 40 -61.66 -7.77 -3.80
CA GLU A 40 -61.93 -7.67 -5.20
C GLU A 40 -63.45 -7.77 -5.47
N LYS A 41 -63.93 -6.67 -6.04
CA LYS A 41 -65.31 -6.46 -6.47
C LYS A 41 -65.36 -6.44 -8.00
N PRO A 42 -66.45 -7.00 -8.53
CA PRO A 42 -66.66 -7.11 -9.96
C PRO A 42 -66.29 -5.83 -10.69
N ASP A 43 -65.42 -6.19 -11.60
CA ASP A 43 -64.68 -5.51 -12.66
C ASP A 43 -63.59 -4.68 -12.00
N HIS A 44 -62.66 -5.53 -11.60
CA HIS A 44 -61.40 -5.26 -10.95
C HIS A 44 -61.34 -4.04 -10.05
N LEU A 45 -62.21 -4.07 -9.05
CA LEU A 45 -62.28 -3.01 -8.04
C LEU A 45 -61.60 -3.67 -6.83
N PHE A 46 -60.43 -3.12 -6.52
CA PHE A 46 -59.62 -3.59 -5.39
C PHE A 46 -59.70 -2.54 -4.28
N THR A 47 -59.99 -3.04 -3.10
CA THR A 47 -60.13 -2.19 -1.91
C THR A 47 -59.36 -2.84 -0.75
N GLY A 48 -58.49 -2.10 -0.09
CA GLY A 48 -57.71 -2.59 1.05
C GLY A 48 -58.66 -2.55 2.26
N LEU A 49 -58.84 -3.66 2.94
CA LEU A 49 -59.73 -3.78 4.10
C LEU A 49 -59.05 -3.72 5.46
N ILE A 50 -58.06 -4.53 5.67
CA ILE A 50 -57.28 -4.67 6.90
C ILE A 50 -55.82 -4.63 6.55
N GLY A 51 -54.99 -4.02 7.34
CA GLY A 51 -53.52 -3.92 7.12
C GLY A 51 -52.92 -4.31 8.47
N GLY A 52 -51.67 -4.73 8.46
CA GLY A 52 -50.97 -5.11 9.69
C GLY A 52 -51.79 -6.02 10.56
N THR A 53 -52.30 -7.12 10.02
CA THR A 53 -53.04 -8.14 10.74
C THR A 53 -54.44 -7.79 11.22
N ASN A 54 -54.57 -6.71 11.97
CA ASN A 54 -55.87 -6.33 12.53
C ASN A 54 -56.36 -4.90 12.48
N ASN A 55 -55.78 -4.13 11.60
CA ASN A 55 -56.16 -2.74 11.48
C ASN A 55 -57.06 -2.53 10.28
N ARG A 56 -58.30 -2.29 10.60
CA ARG A 56 -59.37 -2.00 9.65
C ARG A 56 -59.07 -0.60 9.07
N ALA A 57 -59.15 -0.44 7.78
CA ALA A 57 -58.92 0.84 7.10
C ALA A 57 -60.10 1.69 7.57
N PRO A 58 -59.91 3.00 7.56
CA PRO A 58 -60.97 3.90 8.01
C PRO A 58 -62.29 3.76 7.28
N GLY A 59 -62.36 3.63 5.99
CA GLY A 59 -63.74 3.55 5.40
C GLY A 59 -64.48 2.25 5.51
N VAL A 60 -63.86 1.19 5.97
CA VAL A 60 -64.41 -0.14 6.07
C VAL A 60 -65.37 -0.35 7.22
N PRO A 61 -66.44 -1.08 6.92
CA PRO A 61 -67.45 -1.41 7.92
C PRO A 61 -66.89 -2.09 9.16
N ALA A 62 -67.43 -1.74 10.33
CA ALA A 62 -67.00 -2.32 11.60
C ALA A 62 -67.20 -3.83 11.65
N ARG A 63 -67.96 -4.47 10.79
CA ARG A 63 -68.17 -5.92 10.78
C ARG A 63 -66.98 -6.74 10.31
N PHE A 64 -65.93 -6.11 9.80
CA PHE A 64 -64.71 -6.75 9.37
C PHE A 64 -63.63 -6.67 10.45
N SER A 65 -63.07 -7.79 10.83
CA SER A 65 -61.97 -7.79 11.82
C SER A 65 -60.91 -8.79 11.34
N GLY A 66 -59.67 -8.59 11.79
CA GLY A 66 -58.58 -9.49 11.42
C GLY A 66 -57.88 -9.96 12.69
N SER A 67 -57.32 -11.16 12.69
CA SER A 67 -56.62 -11.67 13.87
C SER A 67 -55.67 -12.78 13.46
N LEU A 68 -54.96 -13.22 14.47
CA LEU A 68 -54.02 -14.35 14.30
C LEU A 68 -54.75 -15.49 15.04
N ILE A 69 -55.11 -16.49 14.32
CA ILE A 69 -55.82 -17.64 14.90
C ILE A 69 -54.76 -18.75 14.83
N GLY A 70 -54.11 -18.95 15.96
CA GLY A 70 -53.04 -19.97 15.97
C GLY A 70 -51.92 -19.49 15.06
N ASP A 71 -51.57 -20.28 14.10
CA ASP A 71 -50.50 -20.16 13.13
C ASP A 71 -50.81 -19.46 11.82
N LYS A 72 -52.04 -19.00 11.73
CA LYS A 72 -52.57 -18.35 10.55
C LYS A 72 -53.20 -16.99 10.81
N ALA A 73 -53.31 -16.22 9.75
CA ALA A 73 -53.97 -14.89 9.80
C ALA A 73 -55.43 -15.25 9.44
N ALA A 74 -56.38 -14.54 9.99
CA ALA A 74 -57.80 -14.67 9.80
C ALA A 74 -58.51 -13.32 9.61
N LEU A 75 -59.52 -13.31 8.76
CA LEU A 75 -60.42 -12.23 8.45
C LEU A 75 -61.78 -12.75 8.92
N THR A 76 -62.43 -12.11 9.87
CA THR A 76 -63.74 -12.53 10.35
C THR A 76 -64.75 -11.45 9.98
N ILE A 77 -65.87 -11.85 9.43
CA ILE A 77 -66.99 -10.97 9.06
C ILE A 77 -68.10 -11.37 10.06
N THR A 78 -68.44 -10.47 10.94
CA THR A 78 -69.45 -10.74 11.95
C THR A 78 -70.77 -10.18 11.48
N GLY A 79 -71.69 -10.98 10.99
CA GLY A 79 -72.97 -10.46 10.50
C GLY A 79 -72.78 -9.96 9.05
N ALA A 80 -72.46 -10.94 8.23
CA ALA A 80 -72.22 -10.85 6.81
C ALA A 80 -73.45 -10.29 6.11
N GLN A 81 -73.22 -9.45 5.12
CA GLN A 81 -74.21 -8.78 4.29
C GLN A 81 -74.10 -9.25 2.85
N THR A 82 -75.11 -9.11 2.02
CA THR A 82 -75.07 -9.58 0.63
C THR A 82 -73.96 -8.94 -0.21
N GLU A 83 -73.55 -7.75 0.16
CA GLU A 83 -72.52 -6.98 -0.53
C GLU A 83 -71.13 -7.41 -0.13
N ASP A 84 -71.01 -8.36 0.75
CA ASP A 84 -69.70 -8.90 1.18
C ASP A 84 -69.25 -9.98 0.20
N GLU A 85 -70.16 -10.38 -0.64
CA GLU A 85 -69.93 -11.36 -1.71
C GLU A 85 -68.84 -10.75 -2.60
N ALA A 86 -67.65 -11.33 -2.55
CA ALA A 86 -66.47 -10.85 -3.31
C ALA A 86 -65.37 -11.91 -3.22
N ILE A 87 -64.21 -11.59 -3.75
CA ILE A 87 -63.04 -12.46 -3.67
C ILE A 87 -62.15 -11.75 -2.64
N TYR A 88 -61.60 -12.45 -1.67
CA TYR A 88 -60.77 -11.83 -0.65
C TYR A 88 -59.37 -12.37 -0.84
N PHE A 89 -58.39 -11.50 -0.96
CA PHE A 89 -56.99 -11.87 -1.13
C PHE A 89 -56.25 -11.52 0.19
N CYS A 90 -55.35 -12.39 0.51
CA CYS A 90 -54.45 -12.29 1.67
C CYS A 90 -53.05 -12.04 1.06
N ALA A 91 -52.21 -11.27 1.70
CA ALA A 91 -50.84 -10.95 1.29
C ALA A 91 -50.03 -10.95 2.59
N LEU A 92 -48.82 -11.50 2.54
CA LEU A 92 -47.93 -11.61 3.70
C LEU A 92 -46.59 -11.01 3.31
N TRP A 93 -45.98 -10.24 4.15
CA TRP A 93 -44.69 -9.59 3.93
C TRP A 93 -43.57 -10.48 4.47
N TYR A 94 -42.58 -10.64 3.64
CA TYR A 94 -41.44 -11.50 4.03
C TYR A 94 -40.15 -10.73 3.92
N SER A 95 -39.98 -9.68 4.71
CA SER A 95 -38.85 -8.78 4.84
C SER A 95 -38.40 -8.04 3.58
N ASN A 96 -38.48 -8.64 2.43
CA ASN A 96 -38.10 -7.95 1.19
C ASN A 96 -39.20 -8.12 0.14
N HIS A 97 -40.20 -8.95 0.36
CA HIS A 97 -41.25 -9.08 -0.67
C HIS A 97 -42.59 -9.42 -0.10
N TRP A 98 -43.61 -9.23 -0.90
CA TRP A 98 -45.00 -9.54 -0.57
C TRP A 98 -45.38 -10.79 -1.36
N VAL A 99 -46.21 -11.66 -0.85
CA VAL A 99 -46.69 -12.87 -1.52
C VAL A 99 -48.22 -12.84 -1.27
N PHE A 100 -49.02 -12.90 -2.28
CA PHE A 100 -50.48 -12.91 -2.23
C PHE A 100 -50.91 -14.38 -2.20
N GLY A 101 -52.05 -14.63 -1.60
CA GLY A 101 -52.63 -15.99 -1.55
C GLY A 101 -53.50 -16.05 -2.82
N GLY A 102 -54.10 -17.22 -2.96
CA GLY A 102 -54.97 -17.53 -4.08
C GLY A 102 -56.29 -16.83 -4.02
N GLY A 103 -56.77 -16.37 -2.89
CA GLY A 103 -58.06 -15.67 -2.84
C GLY A 103 -59.16 -16.67 -2.47
N THR A 104 -60.15 -16.12 -1.79
CA THR A 104 -61.30 -16.87 -1.35
C THR A 104 -62.52 -16.20 -2.02
N LYS A 105 -63.32 -17.07 -2.58
CA LYS A 105 -64.57 -16.65 -3.24
C LYS A 105 -65.65 -16.80 -2.18
N LEU A 106 -66.27 -15.68 -1.80
CA LEU A 106 -67.32 -15.73 -0.77
C LEU A 106 -68.69 -15.53 -1.42
N THR A 107 -69.55 -16.50 -1.23
CA THR A 107 -70.91 -16.41 -1.75
C THR A 107 -71.83 -16.16 -0.54
N VAL A 108 -72.69 -15.16 -0.64
CA VAL A 108 -73.63 -14.85 0.46
C VAL A 108 -75.00 -15.23 -0.10
N LEU A 109 -75.69 -16.19 0.47
CA LEU A 109 -77.02 -16.55 -0.07
C LEU A 109 -77.98 -15.43 0.33
N GLY A 110 -79.21 -15.57 -0.12
CA GLY A 110 -80.32 -14.65 0.14
C GLY A 110 -80.29 -13.44 -0.77
N GLN A 111 -79.52 -13.54 -1.84
CA GLN A 111 -79.47 -12.41 -2.78
C GLN A 111 -80.83 -12.41 -3.49
N PRO A 112 -81.17 -11.23 -3.96
CA PRO A 112 -82.42 -11.02 -4.75
C PRO A 112 -82.34 -11.56 -6.18
N LYS A 113 -83.11 -12.57 -6.54
CA LYS A 113 -83.09 -13.18 -7.89
C LYS A 113 -83.85 -12.36 -8.94
N SER A 114 -83.34 -12.38 -10.16
CA SER A 114 -83.83 -11.70 -11.34
C SER A 114 -83.66 -12.62 -12.57
N SER A 115 -84.76 -12.66 -13.28
CA SER A 115 -84.92 -13.44 -14.51
C SER A 115 -84.47 -12.63 -15.73
N PRO A 116 -83.81 -13.33 -16.63
CA PRO A 116 -83.27 -12.72 -17.84
C PRO A 116 -84.24 -12.17 -18.84
N SER A 117 -83.78 -11.16 -19.58
CA SER A 117 -84.50 -10.54 -20.68
C SER A 117 -83.72 -11.09 -21.89
N VAL A 118 -84.40 -11.68 -22.85
CA VAL A 118 -83.82 -12.28 -24.03
C VAL A 118 -84.23 -11.59 -25.31
N THR A 119 -83.31 -11.38 -26.23
CA THR A 119 -83.65 -10.74 -27.52
C THR A 119 -82.93 -11.61 -28.54
N LEU A 120 -83.60 -11.98 -29.60
CA LEU A 120 -83.02 -12.81 -30.66
C LEU A 120 -82.94 -11.97 -31.94
N PHE A 121 -81.76 -11.87 -32.54
CA PHE A 121 -81.56 -11.11 -33.77
C PHE A 121 -81.16 -12.03 -34.95
N PRO A 122 -81.80 -11.81 -36.09
CA PRO A 122 -81.53 -12.58 -37.31
C PRO A 122 -80.23 -12.11 -37.96
N PRO A 123 -79.68 -12.92 -38.85
CA PRO A 123 -78.44 -12.57 -39.55
C PRO A 123 -78.78 -11.38 -40.44
N SER A 124 -77.86 -10.49 -40.69
CA SER A 124 -78.13 -9.33 -41.56
C SER A 124 -77.87 -9.75 -43.01
N SER A 125 -78.56 -9.08 -43.94
CA SER A 125 -78.38 -9.35 -45.37
C SER A 125 -76.94 -9.02 -45.76
N GLU A 126 -76.39 -7.99 -45.14
CA GLU A 126 -75.01 -7.57 -45.38
C GLU A 126 -74.04 -8.71 -45.05
N GLU A 127 -74.29 -9.39 -43.93
CA GLU A 127 -73.45 -10.51 -43.50
C GLU A 127 -73.64 -11.71 -44.44
N LEU A 128 -74.85 -11.95 -44.91
CA LEU A 128 -75.07 -13.10 -45.81
C LEU A 128 -74.23 -13.03 -47.07
N GLU A 129 -73.94 -11.85 -47.57
CA GLU A 129 -73.10 -11.66 -48.77
C GLU A 129 -71.77 -12.38 -48.57
N THR A 130 -71.23 -12.36 -47.35
CA THR A 130 -69.98 -12.95 -46.94
C THR A 130 -70.05 -14.46 -46.79
N ASN A 131 -71.20 -15.04 -46.98
CA ASN A 131 -71.49 -16.46 -46.89
C ASN A 131 -71.44 -17.07 -45.49
N LYS A 132 -71.74 -16.26 -44.50
CA LYS A 132 -71.81 -16.62 -43.09
C LYS A 132 -73.10 -15.97 -42.59
N ALA A 133 -73.66 -16.50 -41.53
CA ALA A 133 -74.93 -16.03 -40.92
C ALA A 133 -74.80 -16.17 -39.41
N THR A 134 -74.90 -15.11 -38.66
CA THR A 134 -74.78 -15.19 -37.19
C THR A 134 -76.11 -14.77 -36.55
N LEU A 135 -76.69 -15.59 -35.69
CA LEU A 135 -77.94 -15.27 -34.96
C LEU A 135 -77.40 -14.78 -33.60
N VAL A 136 -77.93 -13.70 -33.09
CA VAL A 136 -77.47 -13.14 -31.82
C VAL A 136 -78.60 -13.14 -30.81
N CYS A 137 -78.28 -13.76 -29.69
CA CYS A 137 -79.19 -13.90 -28.55
C CYS A 137 -78.62 -13.13 -27.35
N THR A 138 -79.23 -12.00 -27.05
CA THR A 138 -78.78 -11.17 -25.94
C THR A 138 -79.67 -11.47 -24.75
N ILE A 139 -79.05 -11.53 -23.59
CA ILE A 139 -79.60 -11.83 -22.27
C ILE A 139 -79.18 -10.78 -21.25
N THR A 140 -80.08 -10.01 -20.69
CA THR A 140 -79.73 -8.99 -19.70
C THR A 140 -80.59 -9.11 -18.43
N ASP A 141 -80.19 -8.28 -17.48
CA ASP A 141 -80.81 -8.11 -16.17
C ASP A 141 -81.18 -9.35 -15.38
N PHE A 142 -80.28 -10.31 -15.36
CA PHE A 142 -80.47 -11.56 -14.62
C PHE A 142 -79.57 -11.59 -13.39
N TYR A 143 -79.97 -12.39 -12.41
CA TYR A 143 -79.24 -12.55 -11.16
C TYR A 143 -79.73 -13.83 -10.50
N PRO A 144 -78.88 -14.73 -10.06
CA PRO A 144 -77.41 -14.72 -10.12
C PRO A 144 -76.95 -14.88 -11.56
N GLY A 145 -75.66 -14.63 -11.73
CA GLY A 145 -74.94 -14.63 -12.98
C GLY A 145 -74.58 -15.92 -13.64
N VAL A 146 -75.54 -16.81 -13.80
CA VAL A 146 -75.31 -18.09 -14.46
C VAL A 146 -76.62 -18.56 -15.09
N VAL A 147 -76.49 -18.65 -16.40
CA VAL A 147 -77.53 -19.08 -17.32
C VAL A 147 -77.03 -20.27 -18.14
N THR A 148 -77.96 -20.87 -18.83
CA THR A 148 -77.72 -21.96 -19.77
C THR A 148 -78.57 -21.67 -21.00
N VAL A 149 -77.92 -21.47 -22.12
CA VAL A 149 -78.64 -21.16 -23.37
C VAL A 149 -78.47 -22.36 -24.31
N ASP A 150 -79.62 -22.71 -24.87
CA ASP A 150 -79.71 -23.85 -25.81
C ASP A 150 -80.31 -23.23 -27.06
N TRP A 151 -79.86 -23.73 -28.20
CA TRP A 151 -80.32 -23.24 -29.50
C TRP A 151 -80.95 -24.39 -30.29
N LYS A 152 -82.00 -24.13 -31.02
CA LYS A 152 -82.66 -25.16 -31.82
C LYS A 152 -82.89 -24.67 -33.24
N VAL A 153 -82.49 -25.51 -34.19
CA VAL A 153 -82.73 -25.15 -35.61
C VAL A 153 -83.83 -26.11 -36.07
N ASP A 154 -84.95 -25.54 -36.47
CA ASP A 154 -86.10 -26.30 -36.94
C ASP A 154 -86.55 -27.36 -35.93
N GLY A 155 -86.67 -27.00 -34.67
CA GLY A 155 -87.09 -27.88 -33.58
C GLY A 155 -86.00 -28.80 -33.05
N THR A 156 -84.97 -29.00 -33.83
CA THR A 156 -83.83 -29.84 -33.48
C THR A 156 -82.79 -29.00 -32.76
N PRO A 157 -82.38 -29.50 -31.60
CA PRO A 157 -81.35 -28.85 -30.78
C PRO A 157 -80.04 -28.89 -31.57
N VAL A 158 -79.35 -27.77 -31.54
CA VAL A 158 -78.07 -27.57 -32.23
C VAL A 158 -76.99 -28.07 -31.26
N THR A 159 -75.96 -28.68 -31.81
CA THR A 159 -74.87 -29.20 -30.98
C THR A 159 -73.61 -28.36 -31.16
N GLN A 160 -73.35 -28.00 -32.40
CA GLN A 160 -72.16 -27.19 -32.71
C GLN A 160 -72.56 -25.85 -33.29
N GLY A 161 -71.55 -25.00 -33.37
CA GLY A 161 -71.66 -23.65 -33.89
C GLY A 161 -72.04 -22.52 -32.96
N MET A 162 -72.31 -22.77 -31.70
CA MET A 162 -72.68 -21.72 -30.76
C MET A 162 -71.53 -21.38 -29.81
N GLU A 163 -71.55 -20.13 -29.42
CA GLU A 163 -70.59 -19.53 -28.50
C GLU A 163 -71.37 -18.62 -27.57
N THR A 164 -71.11 -18.81 -26.28
CA THR A 164 -71.78 -18.01 -25.24
C THR A 164 -70.72 -17.28 -24.44
N THR A 165 -71.02 -16.04 -24.13
CA THR A 165 -70.06 -15.25 -23.36
C THR A 165 -70.24 -15.63 -21.88
N GLN A 166 -69.24 -15.20 -21.15
CA GLN A 166 -69.23 -15.39 -19.68
C GLN A 166 -70.03 -14.16 -19.22
N PRO A 167 -70.96 -14.35 -18.31
CA PRO A 167 -71.79 -13.25 -17.79
C PRO A 167 -70.95 -12.09 -17.30
N SER A 168 -71.39 -10.87 -17.47
CA SER A 168 -70.66 -9.69 -17.00
C SER A 168 -71.68 -8.95 -16.11
N LYS A 169 -71.13 -8.20 -15.20
CA LYS A 169 -71.92 -7.40 -14.24
C LYS A 169 -72.33 -6.13 -14.94
N GLN A 170 -73.56 -5.68 -14.74
CA GLN A 170 -74.02 -4.43 -15.37
C GLN A 170 -73.86 -3.42 -14.23
N SER A 171 -73.96 -2.15 -14.51
CA SER A 171 -73.86 -1.07 -13.50
C SER A 171 -74.74 -1.25 -12.27
N ASN A 172 -75.89 -1.84 -12.49
CA ASN A 172 -76.97 -2.15 -11.59
C ASN A 172 -76.78 -3.45 -10.84
N ASN A 173 -75.62 -4.03 -10.90
CA ASN A 173 -75.34 -5.29 -10.20
C ASN A 173 -76.01 -6.51 -10.78
N LYS A 174 -76.75 -6.43 -11.85
CA LYS A 174 -77.36 -7.61 -12.49
C LYS A 174 -76.32 -8.01 -13.55
N TYR A 175 -76.47 -9.16 -14.15
CA TYR A 175 -75.59 -9.67 -15.18
C TYR A 175 -76.17 -9.60 -16.60
N MET A 176 -75.24 -9.77 -17.54
CA MET A 176 -75.50 -9.79 -18.97
C MET A 176 -74.62 -10.88 -19.63
N ALA A 177 -75.12 -11.32 -20.77
CA ALA A 177 -74.41 -12.35 -21.55
C ALA A 177 -75.01 -12.28 -22.96
N SER A 178 -74.32 -12.89 -23.88
CA SER A 178 -74.65 -12.97 -25.30
C SER A 178 -74.39 -14.36 -25.85
N SER A 179 -75.20 -14.92 -26.71
CA SER A 179 -74.93 -16.26 -27.29
C SER A 179 -75.00 -16.05 -28.82
N TYR A 180 -74.08 -16.69 -29.50
CA TYR A 180 -73.97 -16.58 -30.96
C TYR A 180 -74.10 -17.92 -31.66
N LEU A 181 -74.93 -18.01 -32.66
CA LEU A 181 -75.07 -19.22 -33.46
C LEU A 181 -74.56 -18.80 -34.87
N THR A 182 -73.46 -19.39 -35.29
CA THR A 182 -72.91 -19.06 -36.60
C THR A 182 -73.24 -20.14 -37.61
N LEU A 183 -73.90 -19.82 -38.67
CA LEU A 183 -74.22 -20.81 -39.72
C LEU A 183 -73.54 -20.31 -41.01
N THR A 184 -73.66 -21.11 -42.05
CA THR A 184 -73.15 -20.63 -43.35
C THR A 184 -74.39 -19.96 -43.99
N ALA A 185 -74.27 -19.06 -44.96
CA ALA A 185 -75.49 -18.51 -45.59
C ALA A 185 -76.43 -19.62 -46.08
N ARG A 186 -75.92 -20.71 -46.61
CA ARG A 186 -76.64 -21.85 -47.17
C ARG A 186 -77.55 -22.49 -46.14
N ALA A 187 -77.01 -22.82 -45.00
CA ALA A 187 -77.72 -23.44 -43.88
C ALA A 187 -78.85 -22.52 -43.45
N TRP A 188 -78.54 -21.24 -43.36
CA TRP A 188 -79.51 -20.20 -42.97
C TRP A 188 -80.73 -20.33 -43.86
N GLU A 189 -80.51 -20.44 -45.15
CA GLU A 189 -81.59 -20.57 -46.11
C GLU A 189 -82.28 -21.89 -46.20
N ARG A 190 -81.71 -22.93 -45.67
CA ARG A 190 -82.25 -24.30 -45.69
C ARG A 190 -83.23 -24.57 -44.57
N HIS A 191 -83.18 -23.80 -43.49
CA HIS A 191 -84.07 -23.92 -42.32
C HIS A 191 -85.02 -22.73 -42.15
N SER A 192 -86.01 -22.97 -41.27
CA SER A 192 -87.01 -21.92 -41.06
C SER A 192 -87.17 -21.32 -39.68
N SER A 193 -87.21 -22.17 -38.67
CA SER A 193 -87.38 -21.61 -37.32
C SER A 193 -86.08 -21.81 -36.54
N TYR A 194 -85.80 -20.73 -35.83
CA TYR A 194 -84.60 -20.57 -34.98
C TYR A 194 -85.05 -20.11 -33.60
N SER A 195 -84.53 -20.80 -32.61
CA SER A 195 -84.87 -20.55 -31.21
C SER A 195 -83.67 -20.53 -30.29
N CYS A 196 -83.76 -19.49 -29.45
CA CYS A 196 -82.73 -19.25 -28.41
C CYS A 196 -83.46 -19.52 -27.09
N GLN A 197 -82.99 -20.54 -26.40
CA GLN A 197 -83.62 -20.92 -25.11
C GLN A 197 -82.60 -20.74 -23.99
N VAL A 198 -82.97 -19.87 -23.07
CA VAL A 198 -82.12 -19.55 -21.91
C VAL A 198 -82.74 -20.05 -20.61
N THR A 199 -81.95 -20.84 -19.92
CA THR A 199 -82.32 -21.45 -18.65
C THR A 199 -81.62 -20.78 -17.49
N HIS A 200 -82.43 -20.17 -16.65
CA HIS A 200 -81.99 -19.45 -15.45
C HIS A 200 -82.74 -19.96 -14.22
N GLU A 201 -81.96 -20.46 -13.28
CA GLU A 201 -82.42 -21.03 -11.99
C GLU A 201 -83.70 -21.82 -12.20
N GLY A 202 -83.65 -22.93 -12.92
CA GLY A 202 -84.86 -23.72 -13.16
C GLY A 202 -85.81 -23.21 -14.23
N HIS A 203 -86.01 -21.93 -14.46
CA HIS A 203 -86.93 -21.45 -15.50
C HIS A 203 -86.25 -21.37 -16.87
N THR A 204 -87.07 -21.39 -17.90
CA THR A 204 -86.60 -21.28 -19.29
C THR A 204 -87.30 -20.11 -19.96
N VAL A 205 -86.53 -19.34 -20.71
CA VAL A 205 -86.98 -18.19 -21.50
C VAL A 205 -86.46 -18.50 -22.92
N GLU A 206 -87.36 -18.72 -23.86
CA GLU A 206 -86.92 -18.99 -25.24
C GLU A 206 -87.50 -17.88 -26.13
N LYS A 207 -86.88 -17.59 -27.24
CA LYS A 207 -87.28 -16.58 -28.21
C LYS A 207 -87.06 -17.28 -29.55
N SER A 208 -87.91 -17.02 -30.52
CA SER A 208 -87.78 -17.68 -31.83
C SER A 208 -87.98 -16.71 -33.00
N LEU A 209 -87.61 -17.23 -34.16
CA LEU A 209 -87.74 -16.46 -35.42
C LEU A 209 -87.94 -17.40 -36.60
N SER A 210 -88.23 -16.77 -37.73
CA SER A 210 -88.45 -17.43 -39.03
C SER A 210 -87.78 -16.74 -40.22
N GLN B 1 -57.11 14.41 -4.45
CA GLN B 1 -57.26 13.08 -3.86
C GLN B 1 -56.35 12.05 -4.58
N VAL B 2 -56.06 11.02 -3.80
CA VAL B 2 -55.18 9.92 -4.17
C VAL B 2 -55.78 9.08 -5.30
N GLN B 3 -54.99 9.09 -6.35
CA GLN B 3 -55.36 8.39 -7.57
C GLN B 3 -54.09 7.79 -8.16
N LEU B 4 -54.25 6.64 -8.79
CA LEU B 4 -53.19 5.95 -9.53
C LEU B 4 -53.82 5.49 -10.88
N LYS B 5 -53.22 5.79 -12.02
CA LYS B 5 -53.72 5.39 -13.33
C LYS B 5 -52.57 4.76 -14.17
N GLU B 6 -52.85 3.56 -14.63
CA GLU B 6 -51.89 2.80 -15.43
C GLU B 6 -52.20 3.04 -16.90
N SER B 7 -51.18 2.93 -17.72
CA SER B 7 -51.36 3.10 -19.17
C SER B 7 -50.29 2.18 -19.76
N GLY B 8 -50.67 1.42 -20.76
CA GLY B 8 -49.70 0.46 -21.32
C GLY B 8 -50.04 0.25 -22.77
N PRO B 9 -49.29 -0.65 -23.40
CA PRO B 9 -49.45 -0.86 -24.82
C PRO B 9 -50.58 -1.68 -25.31
N GLY B 10 -51.33 -2.38 -24.47
CA GLY B 10 -52.43 -3.17 -25.07
C GLY B 10 -51.90 -4.44 -25.66
N LEU B 11 -51.42 -4.45 -26.89
CA LEU B 11 -50.90 -5.68 -27.48
C LEU B 11 -49.39 -5.68 -27.59
N VAL B 12 -48.74 -6.75 -27.19
CA VAL B 12 -47.30 -6.97 -27.28
C VAL B 12 -47.04 -8.43 -27.73
N ALA B 13 -46.00 -8.63 -28.51
CA ALA B 13 -45.58 -9.93 -29.02
C ALA B 13 -44.67 -10.69 -28.06
N PRO B 14 -44.84 -11.99 -28.07
CA PRO B 14 -43.99 -12.89 -27.28
C PRO B 14 -42.56 -12.52 -27.65
N SER B 15 -41.66 -12.71 -26.70
CA SER B 15 -40.23 -12.46 -26.68
C SER B 15 -39.88 -11.01 -26.86
N GLN B 16 -40.75 -10.08 -26.56
CA GLN B 16 -40.40 -8.67 -26.81
C GLN B 16 -40.48 -8.06 -25.42
N SER B 17 -40.58 -6.77 -25.36
CA SER B 17 -40.62 -6.01 -24.14
C SER B 17 -41.94 -5.35 -23.83
N LEU B 18 -42.11 -5.08 -22.55
CA LEU B 18 -43.32 -4.44 -22.04
C LEU B 18 -42.92 -3.25 -21.19
N SER B 19 -43.56 -2.14 -21.42
CA SER B 19 -43.36 -0.90 -20.65
C SER B 19 -44.76 -0.38 -20.33
N ILE B 20 -45.02 -0.08 -19.08
CA ILE B 20 -46.27 0.42 -18.52
C ILE B 20 -45.90 1.60 -17.58
N THR B 21 -46.77 2.55 -17.49
CA THR B 21 -46.64 3.73 -16.68
C THR B 21 -47.80 3.83 -15.69
N CYS B 22 -47.40 4.23 -14.50
CA CYS B 22 -48.36 4.48 -13.41
C CYS B 22 -48.24 6.00 -13.15
N THR B 23 -49.31 6.71 -13.41
CA THR B 23 -49.34 8.16 -13.21
C THR B 23 -50.08 8.36 -11.89
N VAL B 24 -49.43 8.99 -10.92
CA VAL B 24 -50.13 9.15 -9.62
C VAL B 24 -50.58 10.61 -9.42
N SER B 25 -51.55 10.76 -8.53
CA SER B 25 -52.00 12.14 -8.23
C SER B 25 -52.58 12.12 -6.83
N GLY B 26 -52.42 13.24 -6.15
CA GLY B 26 -52.91 13.36 -4.77
C GLY B 26 -51.83 13.03 -3.76
N PHE B 27 -50.66 12.61 -4.15
CA PHE B 27 -49.59 12.30 -3.19
C PHE B 27 -48.32 12.44 -4.01
N LEU B 28 -47.22 12.59 -3.32
CA LEU B 28 -45.92 12.77 -3.96
C LEU B 28 -45.09 11.49 -3.93
N LEU B 29 -44.34 11.21 -4.97
CA LEU B 29 -43.50 10.03 -5.03
C LEU B 29 -42.27 10.18 -4.15
N ILE B 30 -41.93 11.43 -3.81
CA ILE B 30 -40.75 11.66 -2.95
C ILE B 30 -41.10 11.18 -1.53
N SER B 31 -42.35 10.96 -1.21
CA SER B 31 -42.78 10.53 0.11
C SER B 31 -43.44 9.17 0.21
N ASN B 32 -43.89 8.58 -0.87
CA ASN B 32 -44.61 7.30 -0.89
C ASN B 32 -44.07 6.33 -1.91
N GLY B 33 -44.04 5.07 -1.56
CA GLY B 33 -43.58 4.01 -2.48
C GLY B 33 -44.80 3.54 -3.30
N VAL B 34 -44.53 2.82 -4.37
CA VAL B 34 -45.56 2.29 -5.26
C VAL B 34 -45.26 0.85 -5.65
N HIS B 35 -46.27 -0.01 -5.58
CA HIS B 35 -46.15 -1.42 -5.93
C HIS B 35 -46.80 -1.69 -7.29
N TRP B 36 -46.34 -2.72 -7.93
CA TRP B 36 -46.83 -3.23 -9.21
C TRP B 36 -47.29 -4.67 -8.90
N VAL B 37 -48.49 -4.96 -9.31
CA VAL B 37 -49.20 -6.24 -9.08
C VAL B 37 -49.85 -6.65 -10.40
N ARG B 38 -50.00 -7.92 -10.70
CA ARG B 38 -50.62 -8.35 -11.96
C ARG B 38 -51.61 -9.48 -11.56
N GLN B 39 -52.57 -9.64 -12.43
CA GLN B 39 -53.63 -10.64 -12.33
C GLN B 39 -53.84 -11.32 -13.68
N PRO B 40 -53.27 -12.49 -13.87
CA PRO B 40 -53.42 -13.26 -15.13
C PRO B 40 -54.88 -13.68 -15.19
N PRO B 41 -55.41 -13.79 -16.39
CA PRO B 41 -56.81 -14.17 -16.62
C PRO B 41 -57.13 -15.46 -15.89
N GLY B 42 -58.12 -15.35 -15.03
CA GLY B 42 -58.63 -16.44 -14.20
C GLY B 42 -57.57 -16.91 -13.21
N LYS B 43 -56.74 -16.00 -12.77
CA LYS B 43 -55.69 -16.25 -11.78
C LYS B 43 -55.86 -15.22 -10.66
N GLY B 44 -55.10 -15.46 -9.61
CA GLY B 44 -55.16 -14.55 -8.44
C GLY B 44 -54.15 -13.43 -8.73
N LEU B 45 -53.87 -12.63 -7.74
CA LEU B 45 -52.92 -11.53 -7.86
C LEU B 45 -51.50 -12.06 -7.64
N GLU B 46 -50.57 -11.41 -8.31
CA GLU B 46 -49.16 -11.71 -8.20
C GLU B 46 -48.42 -10.39 -8.07
N TRP B 47 -47.63 -10.24 -7.02
CA TRP B 47 -46.81 -9.08 -6.74
C TRP B 47 -45.59 -9.13 -7.66
N LEU B 48 -45.24 -7.97 -8.18
CA LEU B 48 -44.08 -7.83 -9.06
C LEU B 48 -42.96 -7.06 -8.37
N GLY B 49 -43.29 -5.96 -7.74
CA GLY B 49 -42.22 -5.19 -7.09
C GLY B 49 -42.76 -3.91 -6.50
N VAL B 50 -41.85 -3.19 -5.87
CA VAL B 50 -42.09 -1.92 -5.20
C VAL B 50 -40.88 -1.00 -5.41
N ILE B 51 -41.16 0.29 -5.44
CA ILE B 51 -40.10 1.29 -5.55
C ILE B 51 -40.44 2.19 -4.35
N TRP B 52 -39.55 2.26 -3.39
CA TRP B 52 -39.78 3.10 -2.21
C TRP B 52 -39.49 4.58 -2.52
N ALA B 53 -39.92 5.48 -1.66
CA ALA B 53 -39.74 6.93 -1.80
C ALA B 53 -38.30 7.33 -2.09
N GLY B 54 -37.37 6.70 -1.39
CA GLY B 54 -35.93 6.88 -1.44
C GLY B 54 -35.28 6.25 -2.65
N GLY B 55 -36.05 5.54 -3.46
CA GLY B 55 -35.57 4.93 -4.69
C GLY B 55 -35.20 3.46 -4.62
N ASN B 56 -35.12 2.87 -3.46
CA ASN B 56 -34.76 1.43 -3.40
C ASN B 56 -35.94 0.64 -3.96
N THR B 57 -35.65 -0.43 -4.65
CA THR B 57 -36.68 -1.29 -5.24
C THR B 57 -36.49 -2.72 -4.76
N ASN B 58 -37.55 -3.51 -4.76
CA ASN B 58 -37.43 -4.92 -4.32
C ASN B 58 -38.30 -5.62 -5.37
N TYR B 59 -37.87 -6.81 -5.78
CA TYR B 59 -38.61 -7.56 -6.79
C TYR B 59 -39.02 -8.96 -6.34
N ASN B 60 -40.09 -9.44 -6.96
CA ASN B 60 -40.54 -10.83 -6.68
C ASN B 60 -39.35 -11.60 -7.27
N SER B 61 -38.72 -12.47 -6.53
CA SER B 61 -37.53 -13.22 -6.99
C SER B 61 -37.74 -14.03 -8.24
N ALA B 62 -38.92 -14.58 -8.41
CA ALA B 62 -39.29 -15.37 -9.59
C ALA B 62 -39.11 -14.50 -10.83
N LEU B 63 -39.49 -13.25 -10.78
CA LEU B 63 -39.37 -12.34 -11.91
C LEU B 63 -38.06 -11.59 -11.94
N MET B 64 -37.50 -11.30 -10.81
CA MET B 64 -36.26 -10.57 -10.53
C MET B 64 -35.45 -10.12 -11.74
N SER B 65 -35.02 -11.04 -12.58
CA SER B 65 -34.26 -10.78 -13.80
C SER B 65 -34.96 -10.03 -14.93
N ARG B 66 -36.19 -10.36 -15.27
CA ARG B 66 -36.92 -9.73 -16.35
C ARG B 66 -37.59 -8.42 -15.97
N VAL B 67 -37.75 -8.08 -14.72
CA VAL B 67 -38.44 -6.86 -14.32
C VAL B 67 -37.51 -5.78 -13.80
N SER B 68 -37.94 -4.57 -14.04
CA SER B 68 -37.22 -3.35 -13.62
C SER B 68 -38.23 -2.23 -13.36
N ILE B 69 -38.19 -1.58 -12.20
CA ILE B 69 -39.14 -0.50 -11.89
C ILE B 69 -38.33 0.77 -11.71
N SER B 70 -38.89 1.89 -12.13
CA SER B 70 -38.22 3.19 -11.99
C SER B 70 -39.26 4.30 -11.86
N LYS B 71 -38.82 5.50 -11.56
CA LYS B 71 -39.81 6.59 -11.39
C LYS B 71 -39.24 7.93 -11.84
N ASP B 72 -40.13 8.90 -11.86
CA ASP B 72 -39.88 10.28 -12.18
C ASP B 72 -40.67 11.11 -11.15
N ASN B 73 -39.94 11.54 -10.14
CA ASN B 73 -40.55 12.30 -9.03
C ASN B 73 -41.32 13.52 -9.47
N SER B 74 -40.66 14.32 -10.27
CA SER B 74 -41.20 15.58 -10.83
C SER B 74 -42.41 15.29 -11.71
N LYS B 75 -42.34 14.18 -12.44
CA LYS B 75 -43.42 13.75 -13.31
C LYS B 75 -44.51 12.92 -12.66
N SER B 76 -44.38 12.48 -11.42
CA SER B 76 -45.44 11.69 -10.79
C SER B 76 -45.73 10.36 -11.52
N GLN B 77 -44.67 9.82 -12.10
CA GLN B 77 -44.72 8.57 -12.84
C GLN B 77 -43.76 7.50 -12.36
N VAL B 78 -44.33 6.29 -12.34
CA VAL B 78 -43.62 5.05 -11.98
C VAL B 78 -43.69 4.20 -13.26
N PHE B 79 -42.60 3.52 -13.57
CA PHE B 79 -42.59 2.68 -14.76
C PHE B 79 -42.16 1.26 -14.41
N LEU B 80 -42.71 0.34 -15.16
CA LEU B 80 -42.42 -1.09 -15.07
C LEU B 80 -41.99 -1.52 -16.50
N LYS B 81 -40.83 -2.12 -16.58
CA LYS B 81 -40.28 -2.65 -17.84
C LYS B 81 -40.25 -4.15 -17.58
N MET B 82 -40.77 -4.95 -18.47
CA MET B 82 -40.80 -6.42 -18.31
C MET B 82 -40.30 -7.03 -19.62
N LYS B 83 -39.28 -7.89 -19.57
CA LYS B 83 -38.78 -8.48 -20.80
C LYS B 83 -38.99 -9.98 -20.90
N SER B 84 -38.64 -10.46 -22.10
CA SER B 84 -38.71 -11.88 -22.45
C SER B 84 -40.16 -12.36 -22.33
N LEU B 85 -41.07 -11.61 -22.91
CA LEU B 85 -42.46 -12.04 -22.74
C LEU B 85 -42.76 -13.38 -23.41
N GLN B 86 -43.67 -14.07 -22.76
CA GLN B 86 -44.27 -15.36 -23.12
C GLN B 86 -45.76 -14.95 -23.06
N THR B 87 -46.65 -15.70 -23.62
CA THR B 87 -48.06 -15.37 -23.64
C THR B 87 -48.73 -15.44 -22.29
N ASP B 88 -48.06 -16.07 -21.36
CA ASP B 88 -48.50 -16.20 -19.97
C ASP B 88 -48.20 -14.90 -19.22
N ASP B 89 -47.75 -13.84 -19.84
CA ASP B 89 -47.51 -12.53 -19.26
C ASP B 89 -48.77 -11.71 -19.56
N THR B 90 -49.74 -12.33 -20.17
CA THR B 90 -51.03 -11.70 -20.46
C THR B 90 -51.64 -11.42 -19.08
N ALA B 91 -52.04 -10.18 -18.78
CA ALA B 91 -52.64 -9.90 -17.48
C ALA B 91 -53.10 -8.46 -17.37
N MET B 92 -53.80 -8.24 -16.27
CA MET B 92 -54.26 -6.91 -15.86
C MET B 92 -53.05 -6.47 -14.99
N TYR B 93 -52.49 -5.33 -15.22
CA TYR B 93 -51.33 -4.85 -14.47
C TYR B 93 -51.82 -3.66 -13.63
N TYR B 94 -51.57 -3.69 -12.33
CA TYR B 94 -51.99 -2.66 -11.39
C TYR B 94 -50.84 -2.04 -10.61
N CYS B 95 -51.03 -0.79 -10.25
CA CYS B 95 -50.10 -0.03 -9.39
C CYS B 95 -50.95 0.25 -8.13
N ALA B 96 -50.33 0.23 -6.97
CA ALA B 96 -50.98 0.46 -5.69
C ALA B 96 -49.97 1.25 -4.83
N ARG B 97 -50.48 2.14 -3.99
CA ARG B 97 -49.62 2.92 -3.13
C ARG B 97 -49.17 2.13 -1.88
N ASP B 98 -47.93 2.36 -1.53
CA ASP B 98 -47.36 1.76 -0.33
C ASP B 98 -47.51 2.75 0.85
N PHE B 99 -47.97 2.25 1.99
CA PHE B 99 -48.12 3.12 3.16
C PHE B 99 -47.73 2.42 4.44
N TYR B 100 -47.13 3.12 5.39
CA TYR B 100 -46.75 2.52 6.67
C TYR B 100 -46.83 3.50 7.83
N ASP B 101 -47.21 4.74 7.60
CA ASP B 101 -47.26 5.73 8.71
C ASP B 101 -48.50 5.58 9.58
N TYR B 102 -48.57 4.45 10.27
CA TYR B 102 -49.68 4.12 11.15
C TYR B 102 -49.29 4.27 12.61
N ASP B 103 -50.26 4.02 13.49
CA ASP B 103 -50.09 4.13 14.97
C ASP B 103 -49.03 3.16 15.47
N VAL B 104 -49.02 1.99 14.89
CA VAL B 104 -48.05 0.93 15.08
C VAL B 104 -47.53 0.70 13.65
N PHE B 105 -46.23 0.44 13.52
CA PHE B 105 -45.65 0.22 12.18
C PHE B 105 -46.19 -1.03 11.49
N TYR B 106 -46.54 -0.87 10.23
CA TYR B 106 -46.96 -1.99 9.36
C TYR B 106 -46.97 -1.42 7.95
N TYR B 107 -46.71 -2.23 6.98
CA TYR B 107 -46.76 -1.88 5.55
C TYR B 107 -48.15 -2.31 5.07
N ALA B 108 -48.75 -1.52 4.21
CA ALA B 108 -50.07 -1.76 3.62
C ALA B 108 -50.10 -1.21 2.21
N MET B 109 -50.89 -1.77 1.33
CA MET B 109 -51.04 -1.29 -0.07
C MET B 109 -52.39 -0.59 0.14
N ASP B 110 -52.43 0.71 0.33
CA ASP B 110 -53.73 1.35 0.66
C ASP B 110 -54.72 1.79 -0.39
N TYR B 111 -54.33 2.29 -1.52
CA TYR B 111 -55.07 2.77 -2.66
C TYR B 111 -54.55 2.03 -3.90
N TRP B 112 -55.45 1.45 -4.66
CA TRP B 112 -55.15 0.69 -5.87
C TRP B 112 -55.53 1.42 -7.14
N GLY B 113 -54.80 1.27 -8.22
CA GLY B 113 -55.16 1.90 -9.50
C GLY B 113 -56.25 0.95 -10.05
N GLN B 114 -56.76 1.29 -11.19
CA GLN B 114 -57.84 0.56 -11.89
C GLN B 114 -57.37 -0.55 -12.79
N GLY B 115 -56.09 -0.56 -13.13
CA GLY B 115 -55.47 -1.61 -13.97
C GLY B 115 -55.43 -1.29 -15.44
N THR B 116 -54.57 -1.99 -16.12
CA THR B 116 -54.38 -1.89 -17.57
C THR B 116 -54.14 -3.33 -18.04
N SER B 117 -54.90 -3.63 -19.06
CA SER B 117 -54.87 -4.95 -19.68
C SER B 117 -53.82 -5.02 -20.77
N VAL B 118 -52.98 -6.03 -20.67
CA VAL B 118 -51.90 -6.28 -21.63
C VAL B 118 -52.15 -7.67 -22.24
N THR B 119 -52.14 -7.70 -23.56
CA THR B 119 -52.35 -9.00 -24.24
C THR B 119 -51.00 -9.37 -24.85
N VAL B 120 -50.43 -10.52 -24.50
CA VAL B 120 -49.13 -10.92 -25.09
C VAL B 120 -49.50 -11.96 -26.16
N SER B 121 -49.36 -11.58 -27.41
CA SER B 121 -49.73 -12.51 -28.50
C SER B 121 -48.97 -12.18 -29.78
N SER B 122 -48.85 -13.19 -30.61
CA SER B 122 -48.18 -12.99 -31.92
C SER B 122 -49.27 -12.79 -32.99
N ALA B 123 -50.53 -12.72 -32.62
CA ALA B 123 -51.67 -12.50 -33.50
C ALA B 123 -51.59 -11.05 -34.01
N LYS B 124 -52.07 -10.88 -35.21
CA LYS B 124 -52.14 -9.68 -36.01
C LYS B 124 -53.34 -8.79 -35.71
N THR B 125 -53.18 -7.49 -35.74
CA THR B 125 -54.27 -6.53 -35.52
C THR B 125 -55.15 -6.62 -36.77
N THR B 126 -56.45 -6.71 -36.54
CA THR B 126 -57.42 -6.85 -37.63
C THR B 126 -58.64 -6.01 -37.30
N PRO B 127 -58.97 -5.06 -38.16
CA PRO B 127 -60.13 -4.16 -37.99
C PRO B 127 -61.44 -4.92 -38.03
N PRO B 128 -62.49 -4.44 -37.39
CA PRO B 128 -63.76 -5.16 -37.40
C PRO B 128 -64.63 -4.93 -38.63
N SER B 129 -65.61 -5.79 -38.83
CA SER B 129 -66.66 -5.76 -39.86
C SER B 129 -67.90 -5.41 -39.01
N VAL B 130 -68.69 -4.42 -39.39
CA VAL B 130 -69.84 -4.07 -38.55
C VAL B 130 -71.14 -4.37 -39.25
N TYR B 131 -72.02 -5.13 -38.61
CA TYR B 131 -73.32 -5.50 -39.19
C TYR B 131 -74.44 -4.98 -38.29
N PRO B 132 -75.52 -4.50 -38.88
CA PRO B 132 -76.68 -4.02 -38.12
C PRO B 132 -77.53 -5.18 -37.64
N LEU B 133 -78.10 -5.06 -36.48
CA LEU B 133 -79.01 -6.05 -35.88
C LEU B 133 -80.38 -5.33 -35.86
N ALA B 134 -81.27 -5.82 -36.68
CA ALA B 134 -82.64 -5.29 -36.84
C ALA B 134 -83.54 -6.45 -36.38
N PRO B 135 -84.71 -6.02 -35.91
CA PRO B 135 -85.67 -6.95 -35.32
C PRO B 135 -86.07 -8.12 -36.13
N GLY B 136 -86.29 -7.92 -37.41
CA GLY B 136 -86.74 -9.11 -38.22
C GLY B 136 -88.24 -9.08 -37.89
N SER B 137 -88.57 -9.69 -36.78
CA SER B 137 -89.94 -9.71 -36.25
C SER B 137 -90.32 -8.25 -36.00
N ALA B 138 -90.82 -7.58 -37.02
CA ALA B 138 -91.23 -6.18 -37.02
C ALA B 138 -92.60 -5.90 -36.41
N ALA B 139 -93.10 -6.84 -35.61
CA ALA B 139 -94.37 -6.76 -34.89
C ALA B 139 -94.10 -5.96 -33.61
N GLN B 140 -94.99 -5.01 -33.39
CA GLN B 140 -94.91 -4.16 -32.19
C GLN B 140 -94.99 -5.06 -30.95
N THR B 141 -93.88 -5.05 -30.23
CA THR B 141 -93.75 -5.83 -28.98
C THR B 141 -94.36 -5.02 -27.85
N ASN B 142 -94.14 -3.72 -27.89
CA ASN B 142 -94.68 -2.76 -26.91
C ASN B 142 -94.27 -1.40 -27.48
N SER B 143 -94.04 -0.47 -26.59
CA SER B 143 -93.64 0.88 -26.97
C SER B 143 -92.20 1.00 -27.46
N MET B 144 -91.33 0.08 -27.11
CA MET B 144 -89.91 0.15 -27.49
C MET B 144 -89.45 -0.90 -28.49
N VAL B 145 -88.45 -0.54 -29.28
CA VAL B 145 -87.89 -1.50 -30.25
C VAL B 145 -86.42 -1.60 -29.86
N THR B 146 -85.82 -2.77 -29.90
CA THR B 146 -84.38 -2.86 -29.55
C THR B 146 -83.62 -3.29 -30.78
N LEU B 147 -82.65 -2.45 -31.09
CA LEU B 147 -81.71 -2.57 -32.22
C LEU B 147 -80.26 -2.82 -31.73
N GLY B 148 -79.42 -3.23 -32.65
CA GLY B 148 -78.01 -3.51 -32.28
C GLY B 148 -77.03 -3.45 -33.45
N CYS B 149 -75.78 -3.69 -33.11
CA CYS B 149 -74.68 -3.72 -34.10
C CYS B 149 -73.83 -4.92 -33.69
N LEU B 150 -73.45 -5.72 -34.67
CA LEU B 150 -72.59 -6.88 -34.42
C LEU B 150 -71.18 -6.44 -34.85
N VAL B 151 -70.25 -6.52 -33.91
CA VAL B 151 -68.85 -6.13 -34.22
C VAL B 151 -68.05 -7.43 -34.31
N LYS B 152 -67.76 -7.81 -35.54
CA LYS B 152 -67.12 -9.12 -35.80
C LYS B 152 -65.70 -9.16 -36.32
N GLY B 153 -64.95 -10.18 -35.92
CA GLY B 153 -63.59 -10.39 -36.37
C GLY B 153 -62.48 -9.39 -36.19
N TYR B 154 -62.30 -8.88 -34.97
CA TYR B 154 -61.24 -7.89 -34.73
C TYR B 154 -60.24 -8.40 -33.71
N PHE B 155 -59.06 -7.81 -33.72
CA PHE B 155 -58.00 -8.17 -32.78
C PHE B 155 -57.06 -6.95 -32.69
N PRO B 156 -56.60 -6.54 -31.53
CA PRO B 156 -56.92 -7.07 -30.20
C PRO B 156 -58.10 -6.30 -29.61
N GLU B 157 -58.47 -6.55 -28.37
CA GLU B 157 -59.56 -5.74 -27.79
C GLU B 157 -58.88 -4.41 -27.41
N PRO B 158 -59.58 -3.35 -27.13
CA PRO B 158 -61.03 -3.21 -27.18
C PRO B 158 -61.54 -2.48 -28.41
N VAL B 159 -62.85 -2.44 -28.46
CA VAL B 159 -63.57 -1.69 -29.48
C VAL B 159 -64.48 -0.76 -28.62
N THR B 160 -64.86 0.35 -29.21
CA THR B 160 -65.76 1.33 -28.59
C THR B 160 -67.01 1.42 -29.44
N VAL B 161 -68.16 1.32 -28.82
CA VAL B 161 -69.43 1.39 -29.60
C VAL B 161 -70.24 2.55 -28.98
N THR B 162 -70.69 3.41 -29.86
CA THR B 162 -71.47 4.60 -29.48
C THR B 162 -72.71 4.64 -30.33
N TRP B 163 -73.76 5.25 -29.86
CA TRP B 163 -75.01 5.30 -30.67
C TRP B 163 -75.33 6.77 -30.98
N ASN B 164 -75.32 7.02 -32.28
CA ASN B 164 -75.59 8.38 -32.80
C ASN B 164 -74.63 9.34 -32.10
N SER B 165 -73.36 9.02 -32.17
CA SER B 165 -72.27 9.79 -31.57
C SER B 165 -72.46 10.10 -30.09
N GLY B 166 -72.93 9.18 -29.28
CA GLY B 166 -73.12 9.37 -27.86
C GLY B 166 -74.47 9.90 -27.40
N SER B 167 -75.27 10.44 -28.29
CA SER B 167 -76.60 11.00 -28.01
C SER B 167 -77.52 10.02 -27.28
N LEU B 168 -77.60 8.83 -27.86
CA LEU B 168 -78.42 7.75 -27.28
C LEU B 168 -77.57 7.12 -26.17
N SER B 169 -78.02 7.36 -24.97
CA SER B 169 -77.36 6.82 -23.76
C SER B 169 -78.36 5.90 -23.07
N SER B 170 -79.53 5.97 -23.64
CA SER B 170 -80.77 5.29 -23.35
C SER B 170 -80.65 3.78 -23.43
N GLY B 171 -80.65 3.08 -22.32
CA GLY B 171 -80.56 1.61 -22.28
C GLY B 171 -79.69 0.99 -23.36
N VAL B 172 -78.44 1.39 -23.34
CA VAL B 172 -77.42 0.88 -24.24
C VAL B 172 -76.74 -0.24 -23.46
N HIS B 173 -76.53 -1.34 -24.12
CA HIS B 173 -75.86 -2.53 -23.59
C HIS B 173 -74.72 -2.91 -24.55
N THR B 174 -73.53 -3.00 -24.01
CA THR B 174 -72.36 -3.42 -24.82
C THR B 174 -71.99 -4.73 -24.15
N PHE B 175 -72.21 -5.83 -24.85
CA PHE B 175 -71.96 -7.16 -24.25
C PHE B 175 -70.49 -7.52 -24.24
N PRO B 176 -70.13 -8.40 -23.33
CA PRO B 176 -68.73 -8.92 -23.31
C PRO B 176 -68.44 -9.55 -24.69
N ALA B 177 -67.19 -9.62 -25.11
CA ALA B 177 -66.62 -10.16 -26.33
C ALA B 177 -66.27 -11.64 -26.26
N VAL B 178 -66.50 -12.40 -27.31
CA VAL B 178 -66.22 -13.83 -27.45
C VAL B 178 -64.98 -13.87 -28.36
N LEU B 179 -64.10 -14.81 -28.14
CA LEU B 179 -62.85 -14.95 -28.89
C LEU B 179 -62.80 -16.29 -29.59
N GLN B 180 -62.84 -16.26 -30.89
CA GLN B 180 -62.77 -17.49 -31.71
C GLN B 180 -61.69 -17.41 -32.78
N SER B 181 -60.63 -18.16 -32.46
CA SER B 181 -59.46 -18.32 -33.32
C SER B 181 -58.75 -16.99 -33.50
N ASP B 182 -58.56 -16.37 -32.35
CA ASP B 182 -57.91 -15.07 -32.23
C ASP B 182 -58.66 -13.90 -32.82
N LEU B 183 -59.95 -13.98 -32.97
CA LEU B 183 -60.73 -12.86 -33.49
C LEU B 183 -61.87 -12.77 -32.48
N TYR B 184 -62.06 -11.56 -32.02
CA TYR B 184 -63.11 -11.25 -31.04
C TYR B 184 -64.36 -10.83 -31.79
N THR B 185 -65.50 -11.07 -31.15
CA THR B 185 -66.76 -10.61 -31.74
C THR B 185 -67.58 -10.15 -30.53
N LEU B 186 -68.21 -9.01 -30.67
CA LEU B 186 -69.06 -8.42 -29.62
C LEU B 186 -70.31 -7.78 -30.24
N SER B 187 -71.34 -7.56 -29.44
CA SER B 187 -72.55 -6.89 -29.92
C SER B 187 -72.85 -5.74 -28.93
N SER B 188 -73.61 -4.80 -29.45
CA SER B 188 -74.06 -3.67 -28.66
C SER B 188 -75.54 -3.47 -29.05
N SER B 189 -76.41 -3.18 -28.12
CA SER B 189 -77.83 -2.97 -28.42
C SER B 189 -78.32 -1.65 -27.79
N VAL B 190 -79.35 -1.08 -28.41
CA VAL B 190 -79.99 0.15 -27.99
C VAL B 190 -81.52 -0.05 -28.05
N THR B 191 -82.21 0.49 -27.07
CA THR B 191 -83.69 0.41 -27.03
C THR B 191 -84.26 1.80 -27.28
N VAL B 192 -85.14 1.91 -28.26
CA VAL B 192 -85.80 3.16 -28.64
C VAL B 192 -87.33 2.98 -28.80
N PRO B 193 -88.05 4.07 -28.57
CA PRO B 193 -89.52 4.11 -28.70
C PRO B 193 -89.87 3.69 -30.11
N SER B 194 -90.77 2.74 -30.28
CA SER B 194 -91.14 2.21 -31.59
C SER B 194 -91.77 3.21 -32.54
N SER B 195 -92.38 4.28 -32.05
CA SER B 195 -92.96 5.28 -32.94
C SER B 195 -91.89 6.02 -33.74
N THR B 196 -90.70 6.08 -33.21
CA THR B 196 -89.49 6.72 -33.66
C THR B 196 -88.72 6.13 -34.83
N TRP B 197 -88.45 4.86 -34.71
CA TRP B 197 -87.70 4.11 -35.75
C TRP B 197 -88.72 3.45 -36.65
N PRO B 198 -88.56 3.44 -37.97
CA PRO B 198 -87.46 4.00 -38.74
C PRO B 198 -87.58 5.45 -39.10
N SER B 199 -88.60 6.16 -38.68
CA SER B 199 -88.80 7.59 -38.96
C SER B 199 -87.54 8.41 -38.70
N GLU B 200 -86.98 8.16 -37.55
CA GLU B 200 -85.77 8.77 -37.03
C GLU B 200 -84.67 7.71 -37.09
N THR B 201 -83.54 8.05 -37.69
CA THR B 201 -82.37 7.20 -37.88
C THR B 201 -81.59 6.84 -36.62
N VAL B 202 -81.11 5.60 -36.62
CA VAL B 202 -80.30 5.07 -35.51
C VAL B 202 -79.02 4.54 -36.19
N THR B 203 -77.94 5.11 -35.69
CA THR B 203 -76.60 4.79 -36.18
C THR B 203 -75.67 4.36 -35.04
N CYS B 204 -74.94 3.30 -35.30
CA CYS B 204 -73.95 2.83 -34.33
C CYS B 204 -72.59 3.23 -34.94
N ASN B 205 -71.77 3.73 -34.05
CA ASN B 205 -70.40 4.21 -34.34
C ASN B 205 -69.39 3.33 -33.58
N VAL B 206 -68.56 2.66 -34.35
CA VAL B 206 -67.56 1.73 -33.81
C VAL B 206 -66.14 2.25 -34.03
N ALA B 207 -65.35 2.19 -32.98
CA ALA B 207 -63.96 2.63 -33.11
C ALA B 207 -63.06 1.49 -32.62
N HIS B 208 -62.09 1.17 -33.45
CA HIS B 208 -61.06 0.16 -33.16
C HIS B 208 -59.72 0.94 -33.08
N PRO B 209 -59.32 1.30 -31.88
CA PRO B 209 -58.12 2.06 -31.61
C PRO B 209 -56.85 1.47 -32.16
N ALA B 210 -56.69 0.16 -32.05
CA ALA B 210 -55.49 -0.54 -32.53
C ALA B 210 -55.27 -0.50 -34.04
N SER B 211 -56.32 -0.24 -34.79
CA SER B 211 -56.20 -0.18 -36.26
C SER B 211 -56.52 1.23 -36.73
N SER B 212 -56.79 2.14 -35.84
CA SER B 212 -57.18 3.53 -36.06
C SER B 212 -58.36 3.54 -37.04
N THR B 213 -59.31 2.66 -36.77
CA THR B 213 -60.48 2.55 -37.65
C THR B 213 -61.77 2.91 -36.92
N LYS B 214 -62.59 3.60 -37.68
CA LYS B 214 -63.90 4.09 -37.37
C LYS B 214 -64.85 3.70 -38.51
N VAL B 215 -65.96 3.09 -38.11
CA VAL B 215 -67.03 2.63 -39.00
C VAL B 215 -68.36 3.06 -38.35
N ASP B 216 -69.30 3.45 -39.16
CA ASP B 216 -70.64 3.86 -38.73
C ASP B 216 -71.63 3.00 -39.51
N LYS B 217 -72.61 2.43 -38.85
CA LYS B 217 -73.61 1.62 -39.58
C LYS B 217 -74.99 2.14 -39.23
N LYS B 218 -75.77 2.48 -40.22
CA LYS B 218 -77.13 3.02 -40.00
C LYS B 218 -78.00 1.80 -39.88
N ILE B 219 -78.84 1.74 -38.87
CA ILE B 219 -79.69 0.52 -38.75
C ILE B 219 -81.09 0.87 -39.26
N VAL B 220 -81.39 0.14 -40.34
CA VAL B 220 -82.64 0.20 -41.09
C VAL B 220 -83.36 -1.16 -40.95
N PRO B 221 -84.72 -0.90 -41.17
CA PRO B 221 -85.56 -2.13 -41.07
C PRO B 221 -85.28 -3.09 -42.22
N VAL C 1 0.54 26.13 -6.64
CA VAL C 1 0.14 24.80 -6.01
C VAL C 1 0.91 24.38 -4.81
N ILE C 2 2.25 24.45 -4.90
CA ILE C 2 3.16 24.01 -3.87
C ILE C 2 2.88 24.68 -2.55
N GLN C 3 2.61 26.00 -2.56
CA GLN C 3 2.28 26.74 -1.36
C GLN C 3 1.01 26.25 -0.69
N ARG C 4 -0.06 26.05 -1.48
CA ARG C 4 -1.33 25.55 -1.00
C ARG C 4 -1.24 24.12 -0.50
N LEU C 5 -0.49 23.26 -1.21
CA LEU C 5 -0.26 21.90 -0.81
C LEU C 5 0.43 21.75 0.53
N GLN C 6 1.54 22.48 0.76
CA GLN C 6 2.25 22.44 2.02
C GLN C 6 1.39 22.89 3.19
N GLU C 7 0.56 23.93 2.98
CA GLU C 7 -0.43 24.38 3.95
C GLU C 7 -1.48 23.34 4.25
N ALA C 8 -2.07 22.71 3.20
CA ALA C 8 -3.05 21.65 3.34
C ALA C 8 -2.52 20.44 4.09
N LEU C 9 -1.30 20.01 3.74
CA LEU C 9 -0.66 18.90 4.41
C LEU C 9 -0.36 19.13 5.87
N ARG C 10 0.18 20.31 6.22
CA ARG C 10 0.52 20.68 7.58
C ARG C 10 -0.66 20.62 8.53
N GLU C 11 -1.84 21.08 8.04
CA GLU C 11 -3.01 21.16 8.86
C GLU C 11 -3.92 19.95 8.81
N TYR C 12 -3.81 19.05 7.80
CA TYR C 12 -4.82 18.04 7.61
C TYR C 12 -4.29 16.64 7.41
N TYR C 13 -3.04 16.44 6.95
CA TYR C 13 -2.54 15.11 6.71
C TYR C 13 -2.43 14.29 7.97
N THR C 14 -3.03 13.09 7.96
CA THR C 14 -3.18 12.21 9.11
C THR C 14 -1.88 11.91 9.84
N LEU C 15 -0.80 11.75 9.07
CA LEU C 15 0.49 11.47 9.62
C LEU C 15 1.26 12.73 9.79
N VAL C 16 0.93 13.47 10.86
CA VAL C 16 1.53 14.74 11.25
C VAL C 16 3.04 14.65 11.43
N ASP C 17 3.54 13.48 11.87
CA ASP C 17 4.94 13.23 12.10
C ASP C 17 5.76 13.22 10.81
N ARG C 18 5.11 13.18 9.64
CA ARG C 18 5.81 13.24 8.37
C ARG C 18 5.86 14.64 7.81
N VAL C 19 5.14 15.60 8.41
CA VAL C 19 5.13 16.99 7.95
C VAL C 19 6.50 17.64 7.99
N PRO C 20 7.35 17.61 9.02
CA PRO C 20 8.66 18.26 9.00
C PRO C 20 9.53 17.90 7.81
N ALA C 21 9.68 16.59 7.53
CA ALA C 21 10.42 16.08 6.41
C ALA C 21 9.84 16.44 5.05
N LEU C 22 8.50 16.44 4.91
CA LEU C 22 7.82 16.91 3.71
C LEU C 22 8.06 18.37 3.42
N LEU C 23 8.05 19.21 4.46
CA LEU C 23 8.33 20.63 4.35
C LEU C 23 9.76 20.91 3.97
N SER C 24 10.68 20.00 4.32
CA SER C 24 12.07 20.08 3.89
C SER C 24 12.26 19.70 2.44
N HIS C 25 11.67 18.57 2.01
CA HIS C 25 11.87 18.01 0.69
C HIS C 25 11.12 18.70 -0.43
N LEU C 26 9.84 19.06 -0.23
CA LEU C 26 8.99 19.58 -1.30
C LEU C 26 9.46 20.85 -1.96
N ALA C 27 9.97 21.80 -1.16
CA ALA C 27 10.52 23.03 -1.65
C ALA C 27 11.88 22.86 -2.31
N ALA C 28 12.55 21.72 -2.10
CA ALA C 28 13.88 21.45 -2.60
C ALA C 28 13.87 20.72 -3.93
N MET C 29 12.71 20.23 -4.39
CA MET C 29 12.58 19.59 -5.68
C MET C 29 12.90 20.48 -6.88
N ASP C 30 13.39 19.85 -7.96
CA ASP C 30 13.60 20.50 -9.22
C ASP C 30 12.25 20.60 -9.97
N LEU C 31 11.71 21.82 -10.04
CA LEU C 31 10.49 22.17 -10.73
C LEU C 31 10.73 23.04 -11.94
N SER C 32 11.81 22.83 -12.71
CA SER C 32 12.00 23.63 -13.91
C SER C 32 11.78 22.78 -15.14
N SER C 33 11.10 21.64 -14.93
CA SER C 33 10.79 20.71 -15.99
C SER C 33 9.30 20.52 -16.18
N VAL C 34 8.47 21.08 -15.28
CA VAL C 34 7.04 20.84 -15.25
C VAL C 34 6.27 22.10 -15.59
N VAL C 35 5.39 22.04 -16.61
CA VAL C 35 4.62 23.21 -17.03
C VAL C 35 3.25 22.79 -17.51
N SER C 36 2.56 22.01 -16.68
CA SER C 36 1.24 21.55 -17.02
C SER C 36 0.77 21.00 -15.73
N GLU C 37 -0.54 21.04 -15.49
CA GLU C 37 -1.12 20.40 -14.35
C GLU C 37 -0.81 18.96 -14.21
N ASP C 38 -0.93 18.23 -15.35
CA ASP C 38 -0.74 16.81 -15.41
C ASP C 38 0.68 16.51 -14.97
N ASP C 39 1.66 17.32 -15.42
CA ASP C 39 3.05 17.18 -15.02
C ASP C 39 3.26 17.47 -13.54
N LEU C 40 2.63 18.55 -13.03
CA LEU C 40 2.70 18.93 -11.63
C LEU C 40 2.14 17.88 -10.70
N VAL C 41 0.98 17.30 -11.06
CA VAL C 41 0.37 16.19 -10.36
C VAL C 41 1.24 15.00 -10.31
N THR C 42 1.73 14.57 -11.49
CA THR C 42 2.58 13.41 -11.62
C THR C 42 3.87 13.55 -10.86
N LYS C 43 4.51 14.73 -10.95
CA LYS C 43 5.74 14.99 -10.25
C LYS C 43 5.60 15.01 -8.75
N LEU C 44 4.59 15.72 -8.22
CA LEU C 44 4.30 15.75 -6.81
C LEU C 44 3.82 14.45 -6.29
N ASN C 45 3.01 13.70 -7.06
CA ASN C 45 2.62 12.36 -6.68
C ASN C 45 3.74 11.39 -6.53
N ALA C 46 4.71 11.39 -7.46
CA ALA C 46 5.88 10.55 -7.35
C ALA C 46 6.71 10.87 -6.14
N GLY C 47 6.92 12.17 -5.88
CA GLY C 47 7.65 12.62 -4.72
C GLY C 47 6.94 12.35 -3.43
N LEU C 48 5.62 12.61 -3.35
CA LEU C 48 4.85 12.31 -2.17
C LEU C 48 4.84 10.84 -1.84
N GLN C 49 4.65 9.94 -2.82
CA GLN C 49 4.70 8.51 -2.57
C GLN C 49 6.05 8.00 -2.15
N ALA C 50 7.15 8.54 -2.70
CA ALA C 50 8.49 8.20 -2.27
C ALA C 50 8.76 8.57 -0.81
N VAL C 51 8.21 9.72 -0.38
CA VAL C 51 8.37 10.24 0.97
C VAL C 51 7.39 9.65 1.97
N SER C 52 6.18 9.27 1.54
CA SER C 52 5.15 8.83 2.46
C SER C 52 4.78 7.39 2.31
N GLU C 53 4.80 6.80 1.11
CA GLU C 53 4.27 5.45 0.92
C GLU C 53 2.81 5.34 1.37
N ASP C 54 2.02 6.41 1.10
CA ASP C 54 0.64 6.50 1.51
C ASP C 54 -0.16 6.78 0.24
N PRO C 55 -0.77 5.77 -0.38
CA PRO C 55 -1.49 5.91 -1.63
C PRO C 55 -2.75 6.74 -1.48
N ARG C 56 -3.21 7.03 -0.25
CA ARG C 56 -4.41 7.79 -0.03
C ARG C 56 -4.21 9.26 -0.31
N LEU C 57 -2.95 9.72 -0.18
CA LEU C 57 -2.56 11.07 -0.45
C LEU C 57 -2.23 11.24 -1.93
N GLN C 58 -3.14 11.87 -2.70
CA GLN C 58 -2.94 11.94 -4.12
C GLN C 58 -3.58 13.15 -4.74
N VAL C 59 -2.75 13.90 -5.49
CA VAL C 59 -3.13 14.98 -6.35
C VAL C 59 -3.81 14.41 -7.56
N GLN C 60 -4.95 14.97 -7.96
CA GLN C 60 -5.64 14.50 -9.13
C GLN C 60 -6.32 15.68 -9.77
N VAL C 61 -6.21 15.80 -11.11
CA VAL C 61 -6.84 16.80 -11.90
C VAL C 61 -8.04 16.27 -12.57
N VAL C 62 -9.05 17.11 -12.74
CA VAL C 62 -10.14 16.84 -13.63
C VAL C 62 -9.83 16.29 -15.03
N ARG C 63 -10.82 15.71 -15.73
CA ARG C 63 -10.71 15.51 -17.17
C ARG C 63 -10.32 16.81 -17.88
N PRO C 64 -9.20 16.95 -18.59
CA PRO C 64 -8.67 18.26 -19.01
C PRO C 64 -9.59 18.88 -20.04
N LYS C 65 -10.41 18.02 -20.65
CA LYS C 65 -11.38 18.38 -21.65
C LYS C 65 -12.68 18.94 -21.07
N GLU C 66 -12.95 18.82 -19.77
CA GLU C 66 -14.18 19.32 -19.21
C GLU C 66 -13.92 19.70 -17.78
N ALA C 67 -13.24 20.84 -17.58
CA ALA C 67 -12.56 21.06 -16.32
C ALA C 67 -13.43 21.38 -15.12
N SER C 68 -14.73 21.58 -15.34
CA SER C 68 -15.69 21.79 -14.28
C SER C 68 -15.98 20.53 -13.47
N SER C 69 -15.64 19.33 -13.99
CA SER C 69 -15.81 18.06 -13.30
C SER C 69 -14.61 17.12 -13.44
N GLY C 70 -14.23 16.43 -12.36
CA GLY C 70 -13.01 15.62 -12.33
C GLY C 70 -13.03 14.31 -11.62
N PRO C 71 -11.91 13.81 -11.08
CA PRO C 71 -11.84 12.46 -10.61
C PRO C 71 -11.92 12.58 -9.10
N GLU C 72 -12.56 13.66 -8.61
CA GLU C 72 -12.74 13.89 -7.20
C GLU C 72 -14.04 13.29 -6.74
N GLU C 73 -14.01 12.01 -6.33
CA GLU C 73 -15.16 11.28 -5.83
C GLU C 73 -16.39 11.27 -6.75
N GLU C 74 -17.52 10.78 -6.21
CA GLU C 74 -18.80 10.77 -6.88
C GLU C 74 -19.79 11.43 -5.96
N ALA C 75 -20.23 10.69 -4.92
CA ALA C 75 -21.20 11.17 -3.99
C ALA C 75 -21.40 10.12 -2.92
N GLU C 76 -21.62 10.57 -1.67
CA GLU C 76 -21.89 9.75 -0.52
C GLU C 76 -23.10 8.84 -0.70
N GLU C 77 -22.98 7.58 -0.24
CA GLU C 77 -23.99 6.56 -0.34
C GLU C 77 -25.33 6.94 0.29
N PRO C 78 -26.46 6.54 -0.24
CA PRO C 78 -27.73 6.77 0.42
C PRO C 78 -28.32 5.49 0.99
N PRO C 79 -28.14 5.08 2.23
CA PRO C 79 -28.89 3.96 2.79
C PRO C 79 -30.10 4.45 3.53
N GLU C 80 -30.83 3.52 4.17
CA GLU C 80 -32.00 3.79 5.00
C GLU C 80 -31.76 4.88 6.02
N ALA C 81 -32.55 5.94 5.98
CA ALA C 81 -32.36 7.07 6.86
C ALA C 81 -33.27 6.95 8.07
N VAL C 82 -32.82 7.42 9.25
CA VAL C 82 -33.64 7.48 10.47
C VAL C 82 -34.92 8.31 10.29
N PRO C 83 -34.99 9.47 9.62
CA PRO C 83 -36.25 10.15 9.32
C PRO C 83 -37.22 9.44 8.38
N GLU C 84 -36.88 8.26 7.81
CA GLU C 84 -37.72 7.54 6.87
C GLU C 84 -38.09 6.17 7.38
N VAL C 85 -37.79 5.88 8.66
CA VAL C 85 -38.09 4.59 9.26
C VAL C 85 -39.59 4.50 9.62
N PRO C 86 -40.36 3.49 9.22
CA PRO C 86 -41.75 3.35 9.62
C PRO C 86 -42.02 3.22 11.10
N GLU C 87 -43.24 3.55 11.55
CA GLU C 87 -43.57 3.47 12.96
C GLU C 87 -44.24 2.18 13.35
N ASP C 88 -45.03 1.64 12.42
CA ASP C 88 -45.75 0.41 12.59
C ASP C 88 -44.81 -0.80 12.67
N GLU C 89 -45.01 -1.65 13.70
CA GLU C 89 -44.22 -2.84 13.93
C GLU C 89 -44.28 -3.86 12.81
N ALA C 90 -45.44 -4.07 12.16
CA ALA C 90 -45.56 -4.97 11.04
C ALA C 90 -44.72 -4.51 9.86
N VAL C 91 -44.75 -3.20 9.54
CA VAL C 91 -43.93 -2.60 8.50
C VAL C 91 -42.45 -2.66 8.80
N ARG C 92 -42.05 -2.39 10.05
CA ARG C 92 -40.66 -2.50 10.46
C ARG C 92 -40.10 -3.93 10.34
N ARG C 93 -40.88 -4.96 10.74
CA ARG C 93 -40.49 -6.35 10.53
C ARG C 93 -40.36 -6.68 9.06
N ALA C 94 -41.32 -6.23 8.25
CA ALA C 94 -41.31 -6.43 6.80
C ALA C 94 -40.11 -5.81 6.11
N LEU C 95 -39.73 -4.59 6.52
CA LEU C 95 -38.55 -3.93 6.04
C LEU C 95 -37.26 -4.62 6.42
N VAL C 96 -37.13 -5.06 7.67
CA VAL C 96 -36.00 -5.87 8.10
C VAL C 96 -35.89 -7.16 7.33
N ASP C 97 -37.04 -7.81 7.03
CA ASP C 97 -37.10 -9.05 6.28
C ASP C 97 -36.62 -8.89 4.83
N SER C 98 -36.68 -7.66 4.25
CA SER C 98 -36.15 -7.42 2.91
C SER C 98 -34.74 -6.85 2.90
N VAL C 99 -34.29 -6.21 4.00
CA VAL C 99 -32.91 -5.75 4.14
C VAL C 99 -31.94 -6.90 4.31
N PHE C 100 -32.32 -7.90 5.11
CA PHE C 100 -31.45 -9.00 5.46
C PHE C 100 -32.01 -10.28 4.91
N GLN C 101 -31.25 -10.95 4.02
CA GLN C 101 -31.64 -12.23 3.49
C GLN C 101 -30.92 -13.32 4.24
N VAL C 102 -31.67 -14.24 4.87
CA VAL C 102 -31.11 -15.28 5.70
C VAL C 102 -31.56 -16.62 5.19
N SER C 103 -30.60 -17.53 4.96
CA SER C 103 -30.91 -18.87 4.50
C SER C 103 -30.15 -19.84 5.38
N VAL C 104 -30.67 -21.06 5.53
CA VAL C 104 -29.92 -22.14 6.15
C VAL C 104 -29.57 -23.07 5.02
N LEU C 105 -28.29 -23.06 4.62
CA LEU C 105 -27.83 -23.86 3.52
C LEU C 105 -27.66 -25.31 3.94
N PRO C 106 -27.78 -26.30 3.05
CA PRO C 106 -27.46 -27.69 3.33
C PRO C 106 -26.16 -27.90 4.07
N GLY C 107 -26.14 -28.86 5.02
CA GLY C 107 -25.00 -29.03 5.89
C GLY C 107 -25.00 -28.11 7.08
N ASN C 108 -26.12 -27.39 7.32
CA ASN C 108 -26.30 -26.52 8.46
C ASN C 108 -25.37 -25.31 8.45
N VAL C 109 -25.27 -24.66 7.27
CA VAL C 109 -24.40 -23.54 7.08
C VAL C 109 -25.28 -22.33 6.99
N GLY C 110 -25.11 -21.35 7.89
CA GLY C 110 -25.91 -20.14 7.77
C GLY C 110 -25.46 -19.25 6.64
N TYR C 111 -26.41 -18.61 5.96
CA TYR C 111 -26.12 -17.63 4.95
C TYR C 111 -26.81 -16.36 5.35
N LEU C 112 -26.06 -15.27 5.43
CA LEU C 112 -26.58 -13.96 5.72
C LEU C 112 -26.11 -13.00 4.66
N ARG C 113 -27.04 -12.34 3.97
CA ARG C 113 -26.73 -11.27 3.06
C ARG C 113 -27.47 -10.02 3.42
N PHE C 114 -26.77 -8.88 3.33
CA PHE C 114 -27.37 -7.58 3.36
C PHE C 114 -26.43 -6.68 2.62
N ASP C 115 -26.99 -5.65 2.00
CA ASP C 115 -26.32 -4.90 0.96
C ASP C 115 -26.23 -3.43 1.36
N SER C 116 -26.29 -3.06 2.64
CA SER C 116 -25.96 -1.70 3.03
C SER C 116 -25.66 -1.69 4.50
N PHE C 117 -25.00 -0.65 5.00
CA PHE C 117 -24.82 -0.47 6.43
C PHE C 117 -25.52 0.80 6.72
N ALA C 118 -26.60 0.74 7.52
CA ALA C 118 -27.26 1.94 7.95
C ALA C 118 -26.58 2.57 9.15
N ASP C 119 -26.88 3.85 9.43
CA ASP C 119 -26.44 4.50 10.65
C ASP C 119 -26.92 3.74 11.88
N ALA C 120 -26.17 3.80 12.98
CA ALA C 120 -26.52 3.18 14.23
C ALA C 120 -27.83 3.68 14.80
N SER C 121 -28.26 4.93 14.50
CA SER C 121 -29.58 5.43 14.87
C SER C 121 -30.72 4.67 14.21
N VAL C 122 -30.52 4.21 12.96
CA VAL C 122 -31.46 3.36 12.26
C VAL C 122 -31.44 1.95 12.79
N LEU C 123 -30.24 1.37 13.00
CA LEU C 123 -30.12 0.03 13.56
C LEU C 123 -30.75 -0.10 14.93
N GLU C 124 -30.72 0.96 15.75
CA GLU C 124 -31.38 1.01 17.03
C GLU C 124 -32.87 0.70 16.96
N VAL C 125 -33.59 1.40 16.07
CA VAL C 125 -35.00 1.19 15.79
C VAL C 125 -35.30 -0.18 15.21
N LEU C 126 -34.42 -0.70 14.33
CA LEU C 126 -34.65 -1.99 13.68
C LEU C 126 -34.23 -3.19 14.50
N GLY C 127 -33.38 -3.00 15.53
CA GLY C 127 -32.81 -4.05 16.35
C GLY C 127 -33.74 -5.13 16.85
N PRO C 128 -34.92 -4.85 17.41
CA PRO C 128 -35.87 -5.85 17.87
C PRO C 128 -36.34 -6.80 16.80
N TYR C 129 -36.40 -6.33 15.56
CA TYR C 129 -36.90 -7.06 14.42
C TYR C 129 -35.77 -7.85 13.78
N ILE C 130 -34.53 -7.34 13.87
CA ILE C 130 -33.33 -8.05 13.41
C ILE C 130 -33.10 -9.30 14.21
N LEU C 131 -33.50 -9.31 15.50
CA LEU C 131 -33.48 -10.51 16.31
C LEU C 131 -34.24 -11.67 15.66
N HIS C 132 -35.45 -11.39 15.16
CA HIS C 132 -36.28 -12.38 14.49
C HIS C 132 -35.76 -12.81 13.15
N GLN C 133 -35.27 -11.86 12.32
CA GLN C 133 -34.80 -12.16 10.98
C GLN C 133 -33.44 -12.83 10.93
N VAL C 134 -32.49 -12.38 11.76
CA VAL C 134 -31.08 -12.78 11.63
C VAL C 134 -30.60 -13.62 12.77
N TRP C 135 -30.57 -13.05 13.98
CA TRP C 135 -29.87 -13.63 15.08
C TRP C 135 -30.46 -14.91 15.62
N GLU C 136 -31.79 -14.99 15.76
CA GLU C 136 -32.42 -16.26 16.11
C GLU C 136 -32.29 -17.33 15.01
N PRO C 137 -32.61 -17.14 13.72
CA PRO C 137 -32.58 -18.23 12.74
C PRO C 137 -31.22 -18.85 12.52
N LEU C 138 -30.13 -18.08 12.64
CA LEU C 138 -28.81 -18.61 12.47
C LEU C 138 -28.26 -19.28 13.71
N GLN C 139 -28.93 -19.24 14.88
CA GLN C 139 -28.42 -19.89 16.08
C GLN C 139 -28.16 -21.39 15.97
N ASP C 140 -28.96 -22.09 15.15
CA ASP C 140 -28.85 -23.52 14.93
C ASP C 140 -27.60 -23.92 14.15
N THR C 141 -27.06 -23.00 13.33
CA THR C 141 -25.93 -23.24 12.44
C THR C 141 -24.60 -23.35 13.14
N GLU C 142 -23.65 -24.09 12.52
CA GLU C 142 -22.32 -24.27 13.07
C GLU C 142 -21.29 -23.42 12.37
N HIS C 143 -21.65 -22.88 11.21
CA HIS C 143 -20.79 -22.00 10.46
C HIS C 143 -21.67 -20.98 9.78
N LEU C 144 -21.14 -19.77 9.54
CA LEU C 144 -21.90 -18.66 8.99
C LEU C 144 -21.16 -17.98 7.87
N ILE C 145 -21.87 -17.74 6.75
CA ILE C 145 -21.33 -17.09 5.59
C ILE C 145 -22.03 -15.75 5.53
N MET C 146 -21.25 -14.68 5.65
CA MET C 146 -21.77 -13.34 5.54
C MET C 146 -21.42 -12.80 4.16
N ASP C 147 -22.42 -12.59 3.30
CA ASP C 147 -22.20 -12.17 1.94
C ASP C 147 -22.25 -10.66 1.84
N LEU C 148 -21.08 -10.04 1.59
CA LEU C 148 -20.97 -8.61 1.43
C LEU C 148 -20.60 -8.25 0.02
N ARG C 149 -20.70 -9.18 -0.95
CA ARG C 149 -20.32 -8.90 -2.34
C ARG C 149 -21.16 -7.86 -3.03
N GLN C 150 -22.36 -7.59 -2.51
CA GLN C 150 -23.23 -6.59 -3.07
C GLN C 150 -23.42 -5.42 -2.13
N ASN C 151 -22.56 -5.29 -1.08
CA ASN C 151 -22.77 -4.29 -0.06
C ASN C 151 -21.88 -3.04 -0.32
N PRO C 152 -22.38 -1.89 -0.77
CA PRO C 152 -21.62 -0.69 -0.99
C PRO C 152 -21.54 0.11 0.31
N GLY C 153 -21.89 -0.49 1.47
CA GLY C 153 -21.64 0.13 2.76
C GLY C 153 -22.60 1.22 3.14
N GLY C 154 -22.03 2.34 3.59
CA GLY C 154 -22.75 3.46 4.16
C GLY C 154 -22.00 4.00 5.35
N PRO C 155 -22.63 4.62 6.33
CA PRO C 155 -22.01 4.97 7.61
C PRO C 155 -21.39 3.83 8.35
N SER C 156 -20.30 4.10 9.07
CA SER C 156 -19.61 3.05 9.82
C SER C 156 -20.02 3.07 11.28
N SER C 157 -21.01 3.90 11.66
CA SER C 157 -21.43 4.09 13.05
C SER C 157 -21.93 2.83 13.73
N ALA C 158 -22.54 1.88 12.98
CA ALA C 158 -23.02 0.66 13.55
C ALA C 158 -22.09 -0.53 13.41
N VAL C 159 -20.90 -0.35 12.80
CA VAL C 159 -19.93 -1.42 12.65
C VAL C 159 -19.47 -2.01 13.98
N PRO C 160 -19.13 -1.27 15.05
CA PRO C 160 -18.77 -1.86 16.34
C PRO C 160 -19.87 -2.69 16.93
N LEU C 161 -21.13 -2.23 16.82
CA LEU C 161 -22.27 -2.97 17.30
C LEU C 161 -22.50 -4.28 16.59
N LEU C 162 -22.42 -4.29 15.25
CA LEU C 162 -22.54 -5.51 14.48
C LEU C 162 -21.45 -6.52 14.77
N LEU C 163 -20.19 -6.07 14.88
CA LEU C 163 -19.04 -6.90 15.18
C LEU C 163 -19.16 -7.62 16.50
N SER C 164 -19.80 -6.99 17.48
CA SER C 164 -19.96 -7.51 18.81
C SER C 164 -20.90 -8.71 18.90
N TYR C 165 -21.72 -8.99 17.85
CA TYR C 165 -22.49 -10.22 17.75
C TYR C 165 -21.59 -11.42 17.50
N PHE C 166 -20.31 -11.23 17.14
CA PHE C 166 -19.37 -12.29 16.85
C PHE C 166 -18.25 -12.29 17.86
N GLN C 167 -18.44 -11.61 19.01
CA GLN C 167 -17.47 -11.50 20.07
C GLN C 167 -18.01 -12.02 21.40
N SER C 168 -17.13 -12.19 22.42
CA SER C 168 -17.54 -12.65 23.74
C SER C 168 -18.47 -11.61 24.38
N PRO C 169 -19.61 -11.96 24.98
CA PRO C 169 -20.51 -11.00 25.62
C PRO C 169 -19.93 -10.21 26.76
N ASP C 170 -18.83 -10.69 27.37
CA ASP C 170 -18.36 -10.20 28.62
C ASP C 170 -17.70 -8.82 28.60
N ALA C 171 -17.36 -8.37 29.81
CA ALA C 171 -16.57 -7.21 30.02
C ALA C 171 -15.17 -7.59 30.47
N SER C 172 -14.11 -6.85 30.10
CA SER C 172 -14.05 -5.63 29.28
C SER C 172 -14.44 -5.82 27.82
N PRO C 173 -14.86 -4.83 27.04
CA PRO C 173 -14.96 -5.04 25.61
C PRO C 173 -13.62 -5.16 24.94
N VAL C 174 -13.64 -5.69 23.72
CA VAL C 174 -12.47 -5.91 22.92
C VAL C 174 -12.21 -4.66 22.12
N ARG C 175 -10.93 -4.25 22.04
CA ARG C 175 -10.49 -3.15 21.21
C ARG C 175 -10.59 -3.51 19.75
N LEU C 176 -11.25 -2.69 18.95
CA LEU C 176 -11.43 -2.99 17.54
C LEU C 176 -10.43 -2.26 16.72
N PHE C 177 -10.37 -0.94 16.93
CA PHE C 177 -9.46 -0.09 16.23
C PHE C 177 -9.35 1.19 17.01
N SER C 178 -8.41 2.03 16.62
CA SER C 178 -8.27 3.38 17.10
C SER C 178 -8.25 4.29 15.93
N THR C 179 -9.02 5.36 16.02
CA THR C 179 -9.07 6.40 15.02
C THR C 179 -8.13 7.50 15.44
N TYR C 180 -7.28 8.04 14.55
CA TYR C 180 -6.54 9.26 14.84
C TYR C 180 -6.87 10.26 13.75
N ASP C 181 -7.76 11.24 14.00
CA ASP C 181 -8.11 12.27 13.03
C ASP C 181 -7.24 13.41 13.35
N ARG C 182 -6.42 13.77 12.38
CA ARG C 182 -5.52 14.87 12.45
C ARG C 182 -6.17 16.22 12.54
N ARG C 183 -7.32 16.41 11.88
CA ARG C 183 -8.05 17.68 11.90
C ARG C 183 -8.39 18.16 13.29
N THR C 184 -8.40 17.22 14.23
CA THR C 184 -8.52 17.49 15.64
C THR C 184 -7.51 16.57 16.32
N ASN C 185 -7.76 16.09 17.54
CA ASN C 185 -6.90 15.13 18.21
C ASN C 185 -7.78 14.02 18.73
N ILE C 186 -8.49 13.33 17.81
CA ILE C 186 -9.35 12.20 18.11
C ILE C 186 -8.72 11.16 18.98
N THR C 187 -7.79 10.33 18.44
CA THR C 187 -7.17 9.24 19.17
C THR C 187 -8.20 8.38 19.90
N ARG C 188 -9.37 8.19 19.26
CA ARG C 188 -10.51 7.62 19.91
C ARG C 188 -10.41 6.13 19.72
N GLU C 189 -10.38 5.40 20.84
CA GLU C 189 -10.39 3.97 20.79
C GLU C 189 -11.81 3.48 20.66
N HIS C 190 -12.00 2.57 19.70
CA HIS C 190 -13.31 2.05 19.43
C HIS C 190 -13.32 0.62 19.91
N PHE C 191 -14.31 0.32 20.74
CA PHE C 191 -14.46 -0.95 21.40
C PHE C 191 -15.77 -1.57 20.99
N SER C 192 -15.82 -2.90 21.10
CA SER C 192 -17.04 -3.67 21.07
C SER C 192 -18.00 -3.29 22.19
N GLN C 193 -19.27 -3.62 22.01
CA GLN C 193 -20.28 -3.45 23.03
C GLN C 193 -20.37 -4.68 23.89
N THR C 194 -20.53 -4.46 25.20
CA THR C 194 -20.67 -5.46 26.25
C THR C 194 -22.05 -6.10 26.25
N GLU C 195 -23.05 -5.52 25.56
CA GLU C 195 -24.37 -6.08 25.49
C GLU C 195 -24.97 -5.79 24.13
N LEU C 196 -25.59 -6.80 23.52
CA LEU C 196 -26.23 -6.70 22.23
C LEU C 196 -27.64 -7.14 22.39
N LEU C 197 -28.50 -6.71 21.45
CA LEU C 197 -29.88 -7.11 21.50
C LEU C 197 -30.10 -8.35 20.69
N GLY C 198 -30.58 -9.43 21.32
CA GLY C 198 -30.64 -10.72 20.68
C GLY C 198 -29.46 -11.56 20.90
N ARG C 199 -29.52 -12.80 20.37
CA ARG C 199 -28.47 -13.76 20.64
C ARG C 199 -27.22 -13.42 19.85
N PRO C 200 -26.05 -13.18 20.42
CA PRO C 200 -24.82 -13.16 19.66
C PRO C 200 -24.56 -14.49 18.99
N TYR C 201 -23.93 -14.50 17.82
CA TYR C 201 -23.50 -15.71 17.15
C TYR C 201 -22.35 -16.35 17.93
N GLY C 202 -21.62 -15.53 18.71
CA GLY C 202 -20.53 -15.97 19.54
C GLY C 202 -19.22 -15.94 18.80
N THR C 203 -18.12 -16.31 19.50
CA THR C 203 -16.76 -16.23 18.94
C THR C 203 -16.22 -17.53 18.45
N GLN C 204 -16.97 -18.63 18.58
CA GLN C 204 -16.41 -19.93 18.33
C GLN C 204 -16.74 -20.49 16.96
N ARG C 205 -17.99 -20.35 16.50
CA ARG C 205 -18.43 -20.85 15.21
C ARG C 205 -17.71 -20.22 14.04
N GLY C 206 -17.47 -21.00 12.97
CA GLY C 206 -16.79 -20.50 11.77
C GLY C 206 -17.54 -19.40 11.09
N VAL C 207 -16.83 -18.34 10.68
CA VAL C 207 -17.42 -17.22 10.00
C VAL C 207 -16.62 -16.96 8.75
N TYR C 208 -17.32 -16.80 7.61
CA TYR C 208 -16.70 -16.60 6.33
C TYR C 208 -17.34 -15.40 5.67
N LEU C 209 -16.56 -14.37 5.32
CA LEU C 209 -17.11 -13.14 4.76
C LEU C 209 -16.77 -13.07 3.29
N LEU C 210 -17.80 -12.91 2.45
CA LEU C 210 -17.62 -12.85 1.02
C LEU C 210 -17.50 -11.43 0.53
N THR C 211 -16.51 -11.13 -0.31
CA THR C 211 -16.23 -9.78 -0.76
C THR C 211 -16.15 -9.67 -2.27
N SER C 212 -16.43 -8.48 -2.83
CA SER C 212 -16.24 -8.19 -4.24
C SER C 212 -15.53 -6.87 -4.35
N HIS C 213 -15.17 -6.48 -5.58
CA HIS C 213 -14.68 -5.16 -5.92
C HIS C 213 -15.69 -4.04 -5.70
N ARG C 214 -16.99 -4.36 -5.59
CA ARG C 214 -18.02 -3.37 -5.28
C ARG C 214 -18.21 -3.16 -3.80
N THR C 215 -17.69 -4.06 -2.93
CA THR C 215 -17.78 -3.92 -1.48
C THR C 215 -17.12 -2.64 -1.02
N ALA C 216 -17.85 -1.78 -0.27
CA ALA C 216 -17.40 -0.41 -0.05
C ALA C 216 -17.64 0.08 1.36
N THR C 217 -16.93 1.16 1.72
CA THR C 217 -17.03 1.91 2.98
C THR C 217 -17.13 1.07 4.23
N ALA C 218 -18.24 1.18 4.97
CA ALA C 218 -18.51 0.43 6.17
C ALA C 218 -18.44 -1.08 6.03
N ALA C 219 -18.83 -1.63 4.86
CA ALA C 219 -18.69 -3.04 4.56
C ALA C 219 -17.24 -3.49 4.49
N GLU C 220 -16.34 -2.67 3.90
CA GLU C 220 -14.91 -2.91 3.91
C GLU C 220 -14.32 -2.87 5.30
N GLU C 221 -14.74 -1.89 6.13
CA GLU C 221 -14.33 -1.81 7.52
C GLU C 221 -14.76 -3.01 8.34
N LEU C 222 -16.01 -3.48 8.18
CA LEU C 222 -16.47 -4.68 8.82
C LEU C 222 -15.69 -5.92 8.41
N ALA C 223 -15.44 -6.11 7.09
CA ALA C 223 -14.65 -7.21 6.62
C ALA C 223 -13.21 -7.17 7.10
N PHE C 224 -12.56 -5.99 7.02
CA PHE C 224 -11.21 -5.79 7.49
C PHE C 224 -11.08 -6.08 8.97
N LEU C 225 -12.02 -5.58 9.79
CA LEU C 225 -12.02 -5.85 11.21
C LEU C 225 -12.29 -7.27 11.59
N MET C 226 -13.19 -7.98 10.89
CA MET C 226 -13.33 -9.42 11.09
C MET C 226 -12.07 -10.19 10.76
N GLN C 227 -11.33 -9.76 9.73
CA GLN C 227 -10.03 -10.31 9.41
C GLN C 227 -8.93 -9.97 10.40
N SER C 228 -8.81 -8.70 10.83
CA SER C 228 -7.77 -8.21 11.73
C SER C 228 -7.87 -8.81 13.11
N LEU C 229 -9.11 -9.12 13.53
CA LEU C 229 -9.34 -9.74 14.80
C LEU C 229 -9.21 -11.26 14.71
N GLY C 230 -8.94 -11.83 13.52
CA GLY C 230 -8.87 -13.27 13.28
C GLY C 230 -10.14 -13.99 13.51
N TRP C 231 -11.27 -13.30 13.32
CA TRP C 231 -12.56 -13.86 13.64
C TRP C 231 -13.19 -14.52 12.46
N ALA C 232 -12.92 -14.02 11.25
CA ALA C 232 -13.42 -14.67 10.08
C ALA C 232 -12.40 -14.73 8.99
N THR C 233 -12.65 -15.65 8.05
CA THR C 233 -11.88 -15.81 6.84
C THR C 233 -12.54 -14.99 5.77
N LEU C 234 -11.78 -14.11 5.08
CA LEU C 234 -12.31 -13.29 4.01
C LEU C 234 -12.10 -13.95 2.66
N VAL C 235 -13.17 -14.02 1.83
CA VAL C 235 -13.13 -14.76 0.60
C VAL C 235 -13.70 -13.94 -0.54
N GLY C 236 -12.97 -13.79 -1.66
CA GLY C 236 -13.51 -13.09 -2.81
C GLY C 236 -12.51 -12.19 -3.42
N GLU C 237 -12.95 -11.02 -3.87
CA GLU C 237 -12.09 -10.08 -4.55
C GLU C 237 -11.59 -9.03 -3.61
N ILE C 238 -10.49 -8.34 -4.02
CA ILE C 238 -10.04 -7.13 -3.38
C ILE C 238 -11.13 -6.08 -3.48
N THR C 239 -11.42 -5.41 -2.35
CA THR C 239 -12.57 -4.53 -2.25
C THR C 239 -12.30 -3.18 -2.88
N ALA C 240 -13.32 -2.29 -2.94
CA ALA C 240 -13.28 -1.09 -3.75
C ALA C 240 -12.24 -0.07 -3.34
N GLY C 241 -11.83 -0.05 -2.05
CA GLY C 241 -10.86 0.90 -1.58
C GLY C 241 -11.45 2.25 -1.31
N SER C 242 -12.76 2.30 -1.04
CA SER C 242 -13.47 3.53 -0.77
C SER C 242 -13.77 3.58 0.70
N LEU C 243 -12.91 4.25 1.50
CA LEU C 243 -13.14 4.44 2.91
C LEU C 243 -13.35 5.90 3.17
N LEU C 244 -14.05 6.23 4.26
CA LEU C 244 -14.37 7.60 4.59
C LEU C 244 -13.30 8.23 5.49
N HIS C 245 -12.02 8.10 5.10
CA HIS C 245 -10.90 8.54 5.92
C HIS C 245 -10.18 9.74 5.33
N THR C 246 -10.65 10.29 4.20
CA THR C 246 -9.97 11.37 3.50
C THR C 246 -10.91 12.54 3.27
N HIS C 247 -10.34 13.68 2.86
CA HIS C 247 -11.07 14.84 2.43
C HIS C 247 -10.34 15.38 1.21
N THR C 248 -11.08 16.05 0.31
CA THR C 248 -10.58 16.60 -0.94
C THR C 248 -10.44 18.09 -0.83
N VAL C 249 -9.25 18.60 -1.19
CA VAL C 249 -8.93 20.01 -1.11
C VAL C 249 -8.59 20.46 -2.48
N SER C 250 -9.41 21.36 -3.03
CA SER C 250 -9.20 21.96 -4.33
C SER C 250 -7.99 22.88 -4.32
N LEU C 251 -7.25 22.96 -5.42
CA LEU C 251 -6.24 23.96 -5.53
C LEU C 251 -6.91 25.10 -6.24
N LEU C 252 -7.08 26.25 -5.55
CA LEU C 252 -7.60 27.49 -6.12
C LEU C 252 -6.82 28.02 -7.33
N GLU C 253 -5.68 27.38 -7.66
CA GLU C 253 -4.89 27.58 -8.83
C GLU C 253 -5.63 27.08 -10.04
N THR C 254 -6.48 27.93 -10.62
CA THR C 254 -7.04 27.74 -11.96
C THR C 254 -6.00 27.65 -13.07
N PRO C 255 -4.75 28.21 -13.08
CA PRO C 255 -3.76 27.96 -14.12
C PRO C 255 -3.39 26.53 -14.21
N GLU C 256 -3.54 25.88 -13.04
CA GLU C 256 -3.37 24.49 -12.86
C GLU C 256 -4.79 23.76 -12.98
N GLY C 257 -5.55 24.37 -13.95
CA GLY C 257 -6.54 23.63 -14.76
C GLY C 257 -7.68 22.73 -14.28
N GLY C 258 -7.80 22.71 -12.96
CA GLY C 258 -8.81 21.91 -12.16
C GLY C 258 -8.18 20.97 -11.18
N LEU C 259 -6.92 21.19 -10.77
CA LEU C 259 -6.36 20.33 -9.77
C LEU C 259 -6.93 20.31 -8.36
N ALA C 260 -6.81 19.14 -7.71
CA ALA C 260 -7.13 19.01 -6.31
C ALA C 260 -6.25 17.98 -5.67
N LEU C 261 -6.24 17.94 -4.34
CA LEU C 261 -5.55 16.93 -3.59
C LEU C 261 -6.47 16.27 -2.61
N THR C 262 -6.51 14.93 -2.65
CA THR C 262 -7.19 14.10 -1.66
C THR C 262 -6.22 13.78 -0.57
N VAL C 263 -6.58 14.10 0.68
CA VAL C 263 -5.68 13.95 1.81
C VAL C 263 -6.32 13.05 2.84
N PRO C 264 -5.77 11.93 3.27
CA PRO C 264 -6.20 11.27 4.49
C PRO C 264 -6.07 12.13 5.71
N VAL C 265 -7.20 12.32 6.40
CA VAL C 265 -7.23 13.09 7.61
C VAL C 265 -7.30 12.18 8.80
N LEU C 266 -7.57 10.88 8.55
CA LEU C 266 -7.79 9.89 9.55
C LEU C 266 -6.87 8.70 9.36
N THR C 267 -6.26 8.24 10.46
CA THR C 267 -5.45 7.03 10.52
C THR C 267 -6.27 6.02 11.25
N PHE C 268 -6.29 4.78 10.72
CA PHE C 268 -7.07 3.71 11.28
C PHE C 268 -6.06 2.70 11.74
N ILE C 269 -5.93 2.53 13.06
CA ILE C 269 -4.96 1.63 13.64
C ILE C 269 -5.72 0.50 14.22
N ASP C 270 -5.55 -0.73 13.70
CA ASP C 270 -6.27 -1.89 14.17
C ASP C 270 -5.80 -2.40 15.53
N ASN C 271 -6.42 -3.48 15.99
CA ASN C 271 -6.11 -4.11 17.25
C ASN C 271 -4.74 -4.81 17.29
N HIS C 272 -4.05 -4.98 16.15
CA HIS C 272 -2.69 -5.52 16.10
C HIS C 272 -1.68 -4.39 15.97
N GLY C 273 -2.15 -3.12 16.00
CA GLY C 273 -1.31 -1.95 15.84
C GLY C 273 -0.98 -1.60 14.43
N GLU C 274 -1.56 -2.29 13.43
CA GLU C 274 -1.28 -1.99 12.04
C GLU C 274 -2.09 -0.78 11.58
N CYS C 275 -1.43 0.16 10.87
CA CYS C 275 -2.14 1.21 10.18
C CYS C 275 -2.74 0.67 8.91
N TRP C 276 -4.05 0.79 8.74
CA TRP C 276 -4.68 0.45 7.51
C TRP C 276 -4.75 1.64 6.55
N LEU C 277 -4.16 1.49 5.36
CA LEU C 277 -4.11 2.54 4.37
C LEU C 277 -5.21 2.40 3.36
N GLY C 278 -6.17 1.49 3.62
CA GLY C 278 -7.26 1.27 2.70
C GLY C 278 -6.79 0.82 1.37
N GLY C 279 -7.46 1.26 0.28
CA GLY C 279 -7.12 0.82 -1.06
C GLY C 279 -7.69 -0.54 -1.39
N GLY C 280 -8.42 -1.11 -0.42
CA GLY C 280 -9.11 -2.38 -0.55
C GLY C 280 -8.67 -3.36 0.50
N VAL C 281 -9.63 -4.06 1.09
CA VAL C 281 -9.41 -5.27 1.86
C VAL C 281 -8.87 -6.35 0.96
N VAL C 282 -7.83 -7.06 1.40
CA VAL C 282 -7.25 -8.13 0.64
C VAL C 282 -7.77 -9.42 1.23
N PRO C 283 -8.56 -10.23 0.55
CA PRO C 283 -9.06 -11.49 1.07
C PRO C 283 -7.99 -12.49 1.42
N ASP C 284 -8.27 -13.38 2.38
CA ASP C 284 -7.44 -14.53 2.67
C ASP C 284 -7.47 -15.51 1.52
N ALA C 285 -8.67 -15.74 0.95
CA ALA C 285 -8.80 -16.55 -0.23
C ALA C 285 -9.31 -15.71 -1.37
N ILE C 286 -8.38 -15.35 -2.27
CA ILE C 286 -8.68 -14.52 -3.41
C ILE C 286 -9.25 -15.34 -4.53
N VAL C 287 -10.49 -15.03 -4.93
CA VAL C 287 -11.17 -15.68 -6.04
C VAL C 287 -12.04 -14.64 -6.66
N LEU C 288 -12.54 -14.84 -7.89
CA LEU C 288 -13.55 -13.97 -8.48
C LEU C 288 -14.83 -14.01 -7.67
N ALA C 289 -15.61 -12.92 -7.66
CA ALA C 289 -16.76 -12.77 -6.80
C ALA C 289 -17.82 -13.87 -6.95
N GLU C 290 -18.04 -14.36 -8.19
CA GLU C 290 -18.93 -15.44 -8.50
C GLU C 290 -18.52 -16.78 -7.89
N GLU C 291 -17.22 -16.96 -7.54
CA GLU C 291 -16.69 -18.22 -7.05
C GLU C 291 -16.58 -18.22 -5.52
N ALA C 292 -16.87 -17.08 -4.86
CA ALA C 292 -16.65 -16.93 -3.43
C ALA C 292 -17.51 -17.80 -2.52
N LEU C 293 -18.80 -17.98 -2.88
CA LEU C 293 -19.68 -18.84 -2.12
C LEU C 293 -19.29 -20.30 -2.20
N ASP C 294 -18.92 -20.79 -3.40
CA ASP C 294 -18.41 -22.13 -3.59
C ASP C 294 -17.17 -22.34 -2.75
N ARG C 295 -16.20 -21.40 -2.82
CA ARG C 295 -14.96 -21.46 -2.09
C ARG C 295 -15.13 -21.51 -0.57
N ALA C 296 -16.07 -20.73 -0.01
CA ALA C 296 -16.42 -20.79 1.39
C ALA C 296 -16.94 -22.15 1.83
N GLN C 297 -17.83 -22.75 1.01
CA GLN C 297 -18.31 -24.09 1.20
C GLN C 297 -17.19 -25.12 1.14
N GLU C 298 -16.23 -25.01 0.18
CA GLU C 298 -15.06 -25.90 0.15
C GLU C 298 -14.22 -25.82 1.41
N VAL C 299 -13.93 -24.60 1.89
CA VAL C 299 -13.16 -24.39 3.11
C VAL C 299 -13.84 -25.01 4.31
N LEU C 300 -15.17 -24.83 4.42
CA LEU C 300 -15.94 -25.46 5.46
C LEU C 300 -15.90 -26.98 5.42
N GLU C 301 -16.09 -27.58 4.23
CA GLU C 301 -16.14 -29.03 4.04
C GLU C 301 -14.85 -29.74 4.40
N PHE C 302 -13.70 -29.12 4.08
CA PHE C 302 -12.40 -29.71 4.30
C PHE C 302 -11.68 -29.13 5.52
N HIS C 303 -12.41 -28.53 6.48
CA HIS C 303 -11.85 -28.11 7.76
C HIS C 303 -11.48 -29.30 8.69
N PHE D 1 26.33 43.29 -65.84
CA PHE D 1 26.44 42.15 -64.88
C PHE D 1 27.90 41.67 -64.79
N SER D 2 28.20 40.56 -65.48
CA SER D 2 29.53 39.90 -65.42
C SER D 2 29.48 38.66 -64.50
N PRO D 3 30.49 37.77 -64.61
CA PRO D 3 30.81 36.84 -63.51
C PRO D 3 31.44 37.55 -62.29
N THR D 4 32.08 38.71 -62.53
CA THR D 4 32.67 39.57 -61.47
C THR D 4 31.71 39.82 -60.31
N LEU D 5 30.45 40.08 -60.66
CA LEU D 5 29.38 40.25 -59.68
C LEU D 5 29.36 39.13 -58.63
N ILE D 6 29.39 37.88 -59.08
CA ILE D 6 29.31 36.74 -58.18
C ILE D 6 30.51 36.75 -57.23
N ALA D 7 31.69 36.92 -57.81
CA ALA D 7 32.94 36.99 -57.06
C ALA D 7 32.92 38.09 -55.99
N ASP D 8 32.32 39.24 -56.31
CA ASP D 8 32.28 40.39 -55.41
C ASP D 8 31.25 40.25 -54.28
N MET D 9 30.14 39.58 -54.59
CA MET D 9 29.14 39.25 -53.58
C MET D 9 29.74 38.28 -52.59
N ALA D 10 30.35 37.24 -53.16
CA ALA D 10 30.94 36.15 -52.40
C ALA D 10 31.97 36.66 -51.40
N LYS D 11 32.81 37.59 -51.83
CA LYS D 11 33.82 38.18 -50.96
C LYS D 11 33.18 38.92 -49.78
N ILE D 12 32.10 39.65 -50.05
CA ILE D 12 31.41 40.38 -48.99
C ILE D 12 30.86 39.38 -47.96
N PHE D 13 30.18 38.35 -48.46
CA PHE D 13 29.66 37.28 -47.61
C PHE D 13 30.78 36.62 -46.78
N MET D 14 31.86 36.21 -47.45
CA MET D 14 32.94 35.45 -46.79
C MET D 14 33.68 36.30 -45.76
N ASP D 15 33.82 37.59 -46.04
CA ASP D 15 34.57 38.49 -45.18
C ASP D 15 33.79 38.88 -43.91
N ASN D 16 32.48 38.69 -43.92
CA ASN D 16 31.64 39.28 -42.87
C ASN D 16 30.75 38.30 -42.11
N TYR D 17 30.57 37.10 -42.64
CA TYR D 17 29.68 36.12 -41.99
C TYR D 17 30.21 35.76 -40.60
N CYS D 18 29.34 35.80 -39.58
CA CYS D 18 29.76 35.63 -38.19
C CYS D 18 30.40 34.28 -37.87
N SER D 19 30.16 33.24 -38.68
CA SER D 19 30.71 31.92 -38.35
C SER D 19 31.55 31.26 -39.46
N PRO D 20 32.75 31.81 -39.71
CA PRO D 20 33.62 31.34 -40.80
C PRO D 20 33.98 29.87 -40.70
N GLU D 21 34.10 29.33 -39.48
CA GLU D 21 34.36 27.89 -39.28
C GLU D 21 33.31 26.94 -39.90
N LYS D 22 32.14 27.45 -40.26
CA LYS D 22 31.10 26.62 -40.85
C LYS D 22 31.06 26.71 -42.37
N LEU D 23 32.11 27.24 -42.97
CA LEU D 23 32.11 27.57 -44.39
C LEU D 23 32.95 26.63 -45.29
N THR D 24 33.21 25.41 -44.81
CA THR D 24 33.80 24.37 -45.66
C THR D 24 32.95 24.20 -46.94
N GLY D 25 33.62 24.20 -48.09
CA GLY D 25 32.95 23.95 -49.36
C GLY D 25 32.47 25.23 -50.03
N MET D 26 32.45 26.33 -49.29
CA MET D 26 31.91 27.58 -49.82
C MET D 26 32.74 28.17 -50.97
N GLU D 27 34.06 28.22 -50.79
CA GLU D 27 34.94 28.75 -51.84
C GLU D 27 34.74 27.97 -53.14
N GLU D 28 34.50 26.66 -53.01
CA GLU D 28 34.30 25.77 -54.14
C GLU D 28 32.94 26.02 -54.83
N ALA D 29 31.89 26.25 -54.04
CA ALA D 29 30.57 26.53 -54.61
C ALA D 29 30.53 27.89 -55.31
N ILE D 30 31.35 28.83 -54.82
CA ILE D 30 31.57 30.13 -55.46
C ILE D 30 32.16 29.96 -56.86
N ASP D 31 33.25 29.22 -56.93
CA ASP D 31 33.89 28.93 -58.21
C ASP D 31 32.92 28.29 -59.22
N ALA D 32 32.21 27.24 -58.80
CA ALA D 32 31.22 26.59 -59.65
C ALA D 32 30.14 27.58 -60.12
N ALA D 33 29.58 28.33 -59.18
CA ALA D 33 28.54 29.30 -59.49
C ALA D 33 28.96 30.31 -60.56
N SER D 34 30.24 30.68 -60.55
CA SER D 34 30.81 31.63 -61.52
C SER D 34 30.86 31.08 -62.95
N SER D 35 30.79 29.77 -63.08
CA SER D 35 30.83 29.16 -64.40
C SER D 35 29.55 28.41 -64.74
N ASN D 36 28.57 28.52 -63.85
CA ASN D 36 27.28 27.90 -64.06
C ASN D 36 26.55 28.70 -65.14
N THR D 37 26.32 28.06 -66.29
CA THR D 37 25.78 28.78 -67.44
C THR D 37 24.29 29.10 -67.30
N GLU D 38 23.57 28.33 -66.49
CA GLU D 38 22.18 28.71 -66.15
C GLU D 38 22.11 30.06 -65.41
N ILE D 39 22.98 30.25 -64.41
CA ILE D 39 23.17 31.54 -63.73
C ILE D 39 23.56 32.65 -64.72
N LEU D 40 24.55 32.36 -65.56
CA LEU D 40 25.00 33.28 -66.57
C LEU D 40 23.91 33.60 -67.61
N SER D 41 22.85 32.79 -67.67
CA SER D 41 21.76 32.98 -68.64
C SER D 41 20.65 33.89 -68.10
N ILE D 42 20.77 34.25 -66.82
CA ILE D 42 19.75 35.09 -66.17
C ILE D 42 20.00 36.56 -66.49
N SER D 43 19.00 37.22 -67.04
CA SER D 43 19.11 38.64 -67.33
C SER D 43 18.33 39.46 -66.33
N ASP D 44 17.36 38.83 -65.69
CA ASP D 44 16.51 39.46 -64.70
C ASP D 44 17.30 39.58 -63.38
N PRO D 45 17.50 40.82 -62.89
CA PRO D 45 18.33 40.96 -61.68
C PRO D 45 17.69 40.41 -60.40
N THR D 46 16.37 40.49 -60.29
CA THR D 46 15.65 39.93 -59.15
C THR D 46 15.65 38.39 -59.15
N MET D 47 15.49 37.79 -60.33
CA MET D 47 15.72 36.37 -60.47
C MET D 47 17.15 35.96 -60.11
N LEU D 48 18.15 36.69 -60.61
CA LEU D 48 19.53 36.43 -60.21
C LEU D 48 19.66 36.40 -58.67
N ALA D 49 19.10 37.41 -58.02
CA ALA D 49 19.18 37.53 -56.54
C ALA D 49 18.48 36.33 -55.83
N ASN D 50 17.31 35.94 -56.31
CA ASN D 50 16.58 34.80 -55.75
C ASN D 50 17.34 33.48 -55.88
N VAL D 51 17.97 33.30 -57.03
CA VAL D 51 18.70 32.09 -57.35
C VAL D 51 19.94 31.96 -56.47
N LEU D 52 20.70 33.04 -56.34
CA LEU D 52 21.91 32.98 -55.55
C LEU D 52 21.56 32.75 -54.07
N THR D 53 20.43 33.31 -53.65
CA THR D 53 19.91 33.21 -52.28
C THR D 53 19.57 31.75 -51.93
N ASP D 54 18.78 31.09 -52.77
CA ASP D 54 18.50 29.65 -52.65
C ASP D 54 19.75 28.76 -52.77
N GLY D 55 20.68 29.16 -53.63
CA GLY D 55 21.93 28.46 -53.80
C GLY D 55 22.76 28.40 -52.53
N VAL D 56 22.85 29.51 -51.82
CA VAL D 56 23.58 29.57 -50.55
C VAL D 56 22.83 28.76 -49.44
N LYS D 57 21.50 28.79 -49.47
CA LYS D 57 20.67 28.00 -48.53
C LYS D 57 21.00 26.51 -48.59
N LYS D 58 21.05 25.95 -49.80
CA LYS D 58 21.40 24.55 -50.00
C LYS D 58 22.92 24.33 -49.88
N THR D 59 23.61 25.29 -49.26
CA THR D 59 25.05 25.20 -49.03
C THR D 59 25.42 25.52 -47.57
N ILE D 60 24.71 26.46 -46.97
CA ILE D 60 25.11 27.02 -45.68
C ILE D 60 24.12 26.78 -44.54
N SER D 61 22.89 26.42 -44.88
CA SER D 61 21.81 26.23 -43.90
C SER D 61 21.51 27.43 -42.96
N ASP D 62 21.73 28.65 -43.42
CA ASP D 62 21.42 29.84 -42.62
C ASP D 62 20.42 30.72 -43.35
N SER D 63 19.20 30.74 -42.85
CA SER D 63 18.10 31.45 -43.51
C SER D 63 18.18 32.97 -43.45
N ARG D 64 19.11 33.49 -42.65
CA ARG D 64 19.28 34.94 -42.53
C ARG D 64 20.14 35.55 -43.66
N VAL D 65 20.72 34.70 -44.49
CA VAL D 65 21.62 35.19 -45.53
C VAL D 65 20.82 35.33 -46.81
N LYS D 66 20.95 36.48 -47.46
CA LYS D 66 20.11 36.82 -48.60
C LYS D 66 20.89 37.72 -49.56
N VAL D 67 20.63 37.59 -50.86
CA VAL D 67 21.07 38.61 -51.80
C VAL D 67 19.82 39.24 -52.39
N THR D 68 19.81 40.57 -52.48
CA THR D 68 18.66 41.29 -53.01
C THR D 68 19.12 42.29 -54.05
N TYR D 69 18.20 42.65 -54.92
CA TYR D 69 18.44 43.70 -55.88
C TYR D 69 17.52 44.85 -55.48
N GLU D 70 18.13 45.95 -55.08
CA GLU D 70 17.37 47.08 -54.54
C GLU D 70 17.81 48.44 -55.13
N PRO D 71 17.36 48.73 -56.37
CA PRO D 71 17.52 50.09 -56.88
C PRO D 71 16.56 51.01 -56.12
N ASP D 72 16.89 52.28 -56.00
CA ASP D 72 16.05 53.24 -55.25
C ASP D 72 16.10 53.04 -53.72
N LEU D 73 16.93 52.10 -53.24
CA LEU D 73 17.14 52.00 -51.80
C LEU D 73 17.90 53.24 -51.33
N ILE D 74 17.30 53.96 -50.40
CA ILE D 74 18.02 55.01 -49.68
C ILE D 74 17.85 54.72 -48.19
N LEU D 75 18.97 54.64 -47.48
CA LEU D 75 18.92 54.47 -46.03
C LEU D 75 18.79 55.82 -45.34
N ALA D 76 17.80 55.90 -44.44
CA ALA D 76 17.59 57.07 -43.60
C ALA D 76 18.80 57.25 -42.67
N ALA D 77 19.56 58.32 -42.93
CA ALA D 77 20.70 58.69 -42.09
C ALA D 77 20.20 59.24 -40.75
N PRO D 78 20.94 58.99 -39.65
CA PRO D 78 20.60 59.63 -38.38
C PRO D 78 20.28 61.12 -38.55
N PRO D 79 19.27 61.64 -37.81
CA PRO D 79 18.87 63.05 -37.99
C PRO D 79 19.88 64.03 -37.37
N ALA D 80 19.94 65.23 -37.94
CA ALA D 80 20.75 66.32 -37.42
C ALA D 80 20.21 66.75 -36.06
N MET D 81 21.10 67.04 -35.12
CA MET D 81 20.67 67.35 -33.78
C MET D 81 21.55 68.37 -33.12
N PRO D 82 20.95 69.37 -32.44
CA PRO D 82 21.70 70.24 -31.56
C PRO D 82 22.20 69.48 -30.31
N ASP D 83 22.81 70.17 -29.35
CA ASP D 83 23.19 69.52 -28.10
C ASP D 83 21.91 69.08 -27.38
N ILE D 84 21.88 67.84 -26.92
CA ILE D 84 20.74 67.43 -26.09
C ILE D 84 21.22 67.27 -24.65
N PRO D 85 20.77 68.14 -23.73
CA PRO D 85 21.32 68.08 -22.36
C PRO D 85 20.87 66.84 -21.62
N LEU D 86 21.58 66.51 -20.54
CA LEU D 86 21.29 65.26 -19.79
C LEU D 86 19.86 65.21 -19.24
N GLU D 87 19.39 66.33 -18.71
CA GLU D 87 18.02 66.42 -18.21
C GLU D 87 16.98 66.04 -19.29
N HIS D 88 17.20 66.34 -20.58
CA HIS D 88 16.17 65.97 -21.56
C HIS D 88 16.31 64.53 -22.01
N LEU D 89 17.53 64.00 -21.88
CA LEU D 89 17.73 62.57 -22.16
C LEU D 89 17.02 61.78 -21.07
N ALA D 90 17.15 62.23 -19.84
CA ALA D 90 16.47 61.60 -18.72
C ALA D 90 14.95 61.59 -18.92
N ALA D 91 14.38 62.67 -19.46
CA ALA D 91 12.95 62.72 -19.74
C ALA D 91 12.54 61.74 -20.84
N MET D 92 13.40 61.59 -21.85
CA MET D 92 13.17 60.58 -22.88
C MET D 92 13.21 59.17 -22.31
N ILE D 93 14.12 58.88 -21.39
CA ILE D 93 14.17 57.54 -20.79
C ILE D 93 12.91 57.25 -19.94
N LYS D 94 12.48 58.23 -19.14
CA LYS D 94 11.22 58.13 -18.40
C LYS D 94 10.04 57.70 -19.28
N GLY D 95 10.02 58.18 -20.52
CA GLY D 95 8.99 57.79 -21.47
C GLY D 95 9.10 56.37 -22.02
N THR D 96 10.20 55.68 -21.75
CA THR D 96 10.37 54.32 -22.27
C THR D 96 10.21 53.30 -21.14
N VAL D 97 9.95 53.76 -19.92
CA VAL D 97 9.81 52.85 -18.79
C VAL D 97 8.48 53.06 -18.05
N LYS D 98 7.97 52.00 -17.44
CA LYS D 98 6.84 52.10 -16.51
C LYS D 98 7.31 51.47 -15.22
N VAL D 99 7.32 52.26 -14.15
CA VAL D 99 7.78 51.82 -12.84
C VAL D 99 6.59 51.80 -11.88
N GLU D 100 6.42 50.71 -11.15
CA GLU D 100 5.26 50.58 -10.27
C GLU D 100 5.52 49.59 -9.13
N ILE D 101 4.81 49.77 -8.01
CA ILE D 101 4.74 48.75 -6.97
C ILE D 101 3.32 48.17 -7.02
N LEU D 102 3.27 46.86 -7.29
CA LEU D 102 1.99 46.17 -7.44
C LEU D 102 1.56 45.67 -6.08
N GLU D 103 0.26 45.50 -5.89
CA GLU D 103 -0.27 45.01 -4.62
C GLU D 103 0.51 43.76 -4.26
N GLY D 104 1.00 43.69 -3.02
CA GLY D 104 1.85 42.60 -2.58
C GLY D 104 3.29 43.03 -2.36
N ASN D 105 3.55 44.34 -2.52
CA ASN D 105 4.90 44.92 -2.45
C ASN D 105 5.84 44.30 -3.50
N ILE D 106 5.34 44.19 -4.73
CA ILE D 106 6.15 43.60 -5.80
C ILE D 106 6.49 44.67 -6.82
N GLY D 107 7.79 44.82 -7.07
CA GLY D 107 8.31 45.81 -8.01
C GLY D 107 7.98 45.41 -9.43
N TYR D 108 7.64 46.40 -10.23
CA TYR D 108 7.37 46.19 -11.63
C TYR D 108 8.11 47.29 -12.41
N LEU D 109 8.82 46.86 -13.44
CA LEU D 109 9.58 47.75 -14.27
C LEU D 109 9.44 47.26 -15.70
N LYS D 110 8.69 48.00 -16.49
CA LYS D 110 8.54 47.70 -17.91
C LYS D 110 9.61 48.52 -18.63
N ILE D 111 10.43 47.83 -19.43
CA ILE D 111 11.53 48.49 -20.15
C ILE D 111 11.32 48.29 -21.65
N GLN D 112 11.05 49.38 -22.35
CA GLN D 112 10.85 49.35 -23.79
C GLN D 112 12.14 49.36 -24.61
N HIS D 113 13.23 49.83 -24.01
CA HIS D 113 14.48 49.99 -24.73
C HIS D 113 15.62 49.81 -23.76
N ILE D 114 16.53 48.89 -24.07
CA ILE D 114 17.70 48.70 -23.20
C ILE D 114 18.74 49.79 -23.52
N ILE D 115 19.01 50.66 -22.55
CA ILE D 115 19.89 51.78 -22.79
C ILE D 115 21.37 51.33 -22.71
N GLY D 116 22.22 51.99 -23.47
CA GLY D 116 23.64 51.60 -23.57
C GLY D 116 24.46 52.18 -22.44
N GLU D 117 25.72 51.75 -22.38
CA GLU D 117 26.65 52.13 -21.33
C GLU D 117 26.82 53.64 -21.15
N GLU D 118 26.89 54.38 -22.27
CA GLU D 118 27.10 55.85 -22.15
C GLU D 118 25.94 56.53 -21.50
N MET D 119 24.76 56.28 -22.04
CA MET D 119 23.51 56.75 -21.50
C MET D 119 23.35 56.33 -20.02
N ALA D 120 23.62 55.07 -19.70
CA ALA D 120 23.48 54.62 -18.33
C ALA D 120 24.44 55.37 -17.39
N GLN D 121 25.69 55.55 -17.81
CA GLN D 121 26.67 56.26 -16.98
C GLN D 121 26.35 57.76 -16.81
N LYS D 122 25.91 58.39 -17.88
CA LYS D 122 25.72 59.84 -17.92
C LYS D 122 24.35 60.29 -17.43
N VAL D 123 23.30 59.54 -17.73
CA VAL D 123 21.95 59.96 -17.37
C VAL D 123 21.40 59.17 -16.16
N GLY D 124 22.00 58.02 -15.90
CA GLY D 124 21.64 57.20 -14.74
C GLY D 124 21.51 57.93 -13.42
N PRO D 125 22.47 58.83 -13.09
CA PRO D 125 22.29 59.55 -11.83
C PRO D 125 21.02 60.39 -11.79
N LEU D 126 20.48 60.79 -12.94
CA LEU D 126 19.26 61.59 -13.00
C LEU D 126 17.99 60.76 -12.88
N LEU D 127 18.14 59.44 -12.85
CA LEU D 127 16.98 58.55 -12.88
C LEU D 127 16.94 57.64 -11.66
N LEU D 128 17.98 57.72 -10.85
CA LEU D 128 18.13 56.87 -9.68
C LEU D 128 16.88 56.96 -8.81
N GLU D 129 16.54 58.17 -8.40
CA GLU D 129 15.40 58.38 -7.50
C GLU D 129 14.09 57.97 -8.18
N TYR D 130 13.93 58.31 -9.44
CA TYR D 130 12.71 58.08 -10.17
C TYR D 130 12.39 56.59 -10.48
N ILE D 131 13.41 55.81 -10.81
CA ILE D 131 13.19 54.41 -11.14
C ILE D 131 13.61 53.51 -9.99
N TRP D 132 14.88 53.54 -9.69
CA TRP D 132 15.49 52.51 -8.87
C TRP D 132 15.09 52.60 -7.40
N ASP D 133 15.17 53.80 -6.82
CA ASP D 133 14.80 53.94 -5.40
C ASP D 133 13.35 53.57 -5.10
N LYS D 134 12.46 53.75 -6.06
CA LYS D 134 11.05 53.39 -5.89
C LYS D 134 10.86 51.87 -5.65
N ILE D 135 11.61 51.05 -6.39
CA ILE D 135 11.42 49.58 -6.35
C ILE D 135 12.43 48.81 -5.51
N LEU D 136 13.49 49.48 -5.08
CA LEU D 136 14.45 48.88 -4.15
C LEU D 136 13.81 48.20 -2.91
N PRO D 137 12.83 48.85 -2.23
CA PRO D 137 12.34 48.19 -1.00
C PRO D 137 11.31 47.08 -1.22
N THR D 138 11.00 46.77 -2.49
CA THR D 138 10.05 45.69 -2.81
C THR D 138 10.56 44.31 -2.37
N SER D 139 9.64 43.35 -2.25
CA SER D 139 10.02 42.02 -1.78
C SER D 139 10.37 41.10 -2.94
N ALA D 140 9.95 41.50 -4.14
CA ALA D 140 10.17 40.75 -5.39
C ALA D 140 10.09 41.69 -6.56
N MET D 141 10.62 41.26 -7.71
CA MET D 141 10.75 42.15 -8.85
C MET D 141 10.28 41.48 -10.11
N ILE D 142 9.46 42.17 -10.87
CA ILE D 142 9.08 41.69 -12.19
C ILE D 142 9.63 42.66 -13.24
N LEU D 143 10.47 42.14 -14.14
CA LEU D 143 10.93 42.90 -15.31
C LEU D 143 10.11 42.52 -16.52
N ASP D 144 9.45 43.51 -17.09
CA ASP D 144 8.56 43.24 -18.22
C ASP D 144 9.22 43.59 -19.54
N PHE D 145 9.61 42.55 -20.28
CA PHE D 145 10.22 42.68 -21.60
C PHE D 145 9.26 42.29 -22.71
N ARG D 146 7.98 42.14 -22.39
CA ARG D 146 7.05 41.63 -23.40
C ARG D 146 6.96 42.46 -24.67
N SER D 147 7.24 43.75 -24.59
CA SER D 147 7.21 44.53 -25.81
C SER D 147 8.56 45.17 -26.16
N THR D 148 9.65 44.68 -25.55
CA THR D 148 11.00 45.23 -25.78
C THR D 148 11.59 44.69 -27.07
N VAL D 149 11.84 45.57 -28.05
CA VAL D 149 12.27 45.14 -29.38
C VAL D 149 13.51 45.86 -29.87
N THR D 150 14.12 46.67 -29.00
CA THR D 150 15.31 47.44 -29.32
C THR D 150 16.18 47.58 -28.06
N GLY D 151 17.45 47.87 -28.27
CA GLY D 151 18.36 48.08 -27.14
C GLY D 151 19.81 47.97 -27.52
N GLU D 152 20.69 48.30 -26.57
CA GLU D 152 22.13 48.30 -26.84
C GLU D 152 22.84 47.21 -26.08
N LEU D 153 23.75 46.52 -26.75
CA LEU D 153 24.52 45.44 -26.15
C LEU D 153 25.22 45.90 -24.86
N SER D 154 25.77 47.10 -24.90
CA SER D 154 26.56 47.62 -23.81
C SER D 154 25.75 47.89 -22.55
N GLY D 155 24.42 47.90 -22.66
CA GLY D 155 23.56 48.01 -21.47
C GLY D 155 23.42 46.76 -20.62
N ILE D 156 23.80 45.59 -21.16
CA ILE D 156 23.56 44.34 -20.46
C ILE D 156 24.21 44.28 -19.07
N PRO D 157 25.49 44.70 -18.94
CA PRO D 157 26.13 44.68 -17.61
C PRO D 157 25.39 45.52 -16.55
N TYR D 158 24.80 46.64 -16.97
CA TYR D 158 24.06 47.52 -16.07
C TYR D 158 22.82 46.84 -15.47
N ILE D 159 22.11 46.04 -16.27
CA ILE D 159 20.97 45.29 -15.74
C ILE D 159 21.40 44.12 -14.83
N VAL D 160 22.31 43.29 -15.34
CA VAL D 160 22.68 42.06 -14.64
C VAL D 160 23.34 42.38 -13.31
N SER D 161 24.14 43.45 -13.31
CA SER D 161 24.93 43.80 -12.14
C SER D 161 24.08 44.13 -10.92
N TYR D 162 22.94 44.77 -11.12
CA TYR D 162 22.04 45.19 -10.02
C TYR D 162 21.37 44.02 -9.32
N PHE D 163 21.43 42.86 -9.96
CA PHE D 163 20.72 41.66 -9.48
C PHE D 163 21.67 40.56 -9.08
N THR D 164 22.97 40.82 -9.11
CA THR D 164 23.96 39.80 -8.77
C THR D 164 24.93 40.31 -7.70
N ASP D 165 25.66 39.40 -7.06
CA ASP D 165 26.70 39.76 -6.07
C ASP D 165 27.82 40.53 -6.78
N PRO D 166 28.44 41.50 -6.06
CA PRO D 166 29.56 42.25 -6.65
C PRO D 166 30.75 41.34 -6.94
N GLU D 167 30.88 40.28 -6.14
CA GLU D 167 32.02 39.38 -6.26
C GLU D 167 31.55 37.93 -6.19
N PRO D 168 32.13 37.04 -7.04
CA PRO D 168 33.16 37.32 -8.04
C PRO D 168 32.58 38.02 -9.27
N LEU D 169 33.40 38.74 -10.04
CA LEU D 169 32.93 39.30 -11.32
C LEU D 169 32.36 38.17 -12.22
N ILE D 170 31.28 38.49 -12.92
CA ILE D 170 30.62 37.51 -13.77
C ILE D 170 30.90 37.83 -15.23
N HIS D 171 31.25 36.82 -16.00
CA HIS D 171 31.43 37.00 -17.43
C HIS D 171 30.08 36.71 -18.08
N ILE D 172 29.35 37.78 -18.42
CA ILE D 172 27.93 37.71 -18.78
C ILE D 172 27.75 37.12 -20.18
N ASP D 173 28.53 37.65 -21.12
CA ASP D 173 28.41 37.24 -22.51
C ASP D 173 29.71 37.54 -23.25
N SER D 174 29.88 36.88 -24.38
CA SER D 174 31.01 37.11 -25.24
C SER D 174 30.38 37.29 -26.62
N VAL D 175 30.70 38.37 -27.30
CA VAL D 175 30.10 38.59 -28.62
C VAL D 175 31.21 38.70 -29.65
N TYR D 176 31.11 37.94 -30.74
CA TYR D 176 32.12 38.05 -31.78
C TYR D 176 31.56 38.85 -32.96
N ASP D 177 32.30 39.86 -33.41
CA ASP D 177 31.89 40.64 -34.57
C ASP D 177 32.85 40.31 -35.72
N ARG D 178 32.35 39.70 -36.79
CA ARG D 178 33.27 39.25 -37.86
C ARG D 178 33.92 40.43 -38.64
N THR D 179 33.12 41.46 -38.91
CA THR D 179 33.63 42.63 -39.67
C THR D 179 34.79 43.31 -38.93
N ALA D 180 34.64 43.48 -37.63
CA ALA D 180 35.72 44.01 -36.78
C ALA D 180 36.81 42.98 -36.42
N ASP D 181 36.56 41.69 -36.72
CA ASP D 181 37.37 40.56 -36.22
C ASP D 181 37.79 40.78 -34.78
N LEU D 182 36.78 40.95 -33.92
CA LEU D 182 37.01 41.30 -32.52
C LEU D 182 35.97 40.58 -31.66
N THR D 183 36.41 40.10 -30.51
CA THR D 183 35.47 39.64 -29.50
C THR D 183 35.23 40.71 -28.44
N ILE D 184 33.96 40.95 -28.18
CA ILE D 184 33.54 41.87 -27.13
C ILE D 184 33.09 41.09 -25.93
N GLU D 185 33.71 41.34 -24.77
CA GLU D 185 33.33 40.62 -23.57
C GLU D 185 32.49 41.52 -22.68
N LEU D 186 31.39 40.99 -22.15
CA LEU D 186 30.50 41.74 -21.26
C LEU D 186 30.61 41.17 -19.86
N TRP D 187 31.02 42.01 -18.92
CA TRP D 187 31.25 41.60 -17.53
C TRP D 187 30.42 42.42 -16.58
N SER D 188 30.11 41.84 -15.42
CA SER D 188 29.49 42.56 -14.31
C SER D 188 30.47 43.61 -13.80
N MET D 189 29.91 44.55 -13.06
CA MET D 189 30.63 45.69 -12.50
C MET D 189 30.41 45.65 -11.01
N PRO D 190 31.52 45.53 -10.28
CA PRO D 190 31.48 45.46 -8.82
C PRO D 190 30.97 46.76 -8.17
N THR D 191 31.29 47.91 -8.76
CA THR D 191 30.79 49.18 -8.24
C THR D 191 29.65 49.76 -9.11
N LEU D 192 28.53 50.08 -8.47
CA LEU D 192 27.39 50.69 -9.17
C LEU D 192 27.02 52.01 -8.55
N LEU D 193 26.37 52.86 -9.34
CA LEU D 193 25.76 54.08 -8.83
C LEU D 193 24.72 53.83 -7.73
N GLY D 194 23.77 52.93 -8.01
CA GLY D 194 22.72 52.60 -7.06
C GLY D 194 23.07 51.42 -6.16
N LYS D 195 22.16 51.12 -5.23
CA LYS D 195 22.28 49.94 -4.41
C LYS D 195 21.84 48.73 -5.21
N ARG D 196 22.53 47.62 -4.97
CA ARG D 196 22.15 46.32 -5.46
C ARG D 196 20.84 45.83 -4.88
N TYR D 197 20.07 45.12 -5.72
CA TYR D 197 18.78 44.56 -5.29
C TYR D 197 18.97 43.35 -4.39
N GLY D 198 20.14 42.72 -4.47
CA GLY D 198 20.41 41.48 -3.76
C GLY D 198 20.08 40.24 -4.57
N THR D 199 20.38 39.08 -3.98
CA THR D 199 20.34 37.79 -4.66
C THR D 199 19.19 36.93 -4.10
N SER D 200 18.55 37.42 -3.04
CA SER D 200 17.52 36.69 -2.29
C SER D 200 16.13 36.92 -2.84
N LYS D 201 15.77 38.18 -3.08
CA LYS D 201 14.48 38.50 -3.65
C LYS D 201 14.25 37.87 -5.02
N PRO D 202 13.06 37.29 -5.23
CA PRO D 202 12.70 36.72 -6.53
C PRO D 202 12.80 37.74 -7.63
N LEU D 203 13.29 37.29 -8.78
CA LEU D 203 13.28 38.09 -10.00
C LEU D 203 12.60 37.27 -11.05
N ILE D 204 11.55 37.82 -11.62
CA ILE D 204 10.89 37.19 -12.74
C ILE D 204 10.96 38.11 -13.95
N ILE D 205 11.19 37.53 -15.14
CA ILE D 205 11.20 38.32 -16.35
C ILE D 205 10.06 37.84 -17.23
N LEU D 206 9.26 38.77 -17.74
CA LEU D 206 8.16 38.43 -18.62
C LEU D 206 8.59 38.57 -20.05
N THR D 207 8.25 37.56 -20.87
CA THR D 207 8.62 37.57 -22.28
C THR D 207 7.44 37.29 -23.21
N SER D 208 7.49 37.85 -24.42
CA SER D 208 6.51 37.51 -25.45
C SER D 208 7.22 37.02 -26.71
N LYS D 209 6.44 36.57 -27.70
CA LYS D 209 6.98 36.24 -29.02
C LYS D 209 7.55 37.47 -29.73
N ASP D 210 7.18 38.67 -29.29
CA ASP D 210 7.71 39.86 -29.90
C ASP D 210 9.04 40.29 -29.27
N THR D 211 9.35 39.78 -28.08
CA THR D 211 10.60 40.18 -27.40
C THR D 211 11.81 39.89 -28.28
N LEU D 212 12.58 40.93 -28.60
CA LEU D 212 13.61 40.81 -29.66
C LEU D 212 14.85 41.60 -29.32
N GLY D 213 16.00 40.96 -29.54
CA GLY D 213 17.29 41.64 -29.49
C GLY D 213 17.96 41.51 -28.14
N ILE D 214 18.57 42.60 -27.69
CA ILE D 214 19.34 42.61 -26.46
C ILE D 214 18.51 42.10 -25.28
N ALA D 215 17.19 42.35 -25.31
CA ALA D 215 16.35 41.89 -24.22
C ALA D 215 16.34 40.36 -24.10
N GLU D 216 16.42 39.68 -25.25
CA GLU D 216 16.50 38.22 -25.21
C GLU D 216 17.80 37.77 -24.56
N ASP D 217 18.86 38.54 -24.80
CA ASP D 217 20.15 38.19 -24.21
C ASP D 217 20.11 38.40 -22.69
N VAL D 218 19.50 39.50 -22.23
CA VAL D 218 19.43 39.73 -20.77
C VAL D 218 18.70 38.56 -20.08
N ALA D 219 17.57 38.18 -20.66
CA ALA D 219 16.75 37.12 -20.09
C ALA D 219 17.48 35.79 -20.15
N TYR D 220 18.10 35.48 -21.31
CA TYR D 220 18.88 34.25 -21.43
C TYR D 220 19.98 34.18 -20.36
N CYS D 221 20.68 35.29 -20.15
CA CYS D 221 21.82 35.26 -19.22
C CYS D 221 21.34 35.14 -17.77
N LEU D 222 20.27 35.86 -17.44
CA LEU D 222 19.79 35.83 -16.05
C LEU D 222 19.15 34.47 -15.74
N LYS D 223 18.53 33.90 -16.76
CA LYS D 223 18.06 32.52 -16.68
C LYS D 223 19.19 31.51 -16.45
N ASN D 224 20.25 31.59 -17.26
CA ASN D 224 21.35 30.62 -17.17
C ASN D 224 22.14 30.80 -15.88
N LEU D 225 22.18 32.03 -15.39
CA LEU D 225 22.78 32.34 -14.10
C LEU D 225 21.90 31.84 -12.94
N LYS D 226 20.70 31.36 -13.23
CA LYS D 226 19.74 30.89 -12.20
C LYS D 226 19.31 32.05 -11.26
N ARG D 227 19.33 33.27 -11.77
CA ARG D 227 18.91 34.43 -10.99
C ARG D 227 17.44 34.74 -11.27
N ALA D 228 16.99 34.50 -12.50
CA ALA D 228 15.64 34.86 -12.88
C ALA D 228 14.82 33.69 -13.39
N THR D 229 13.52 33.75 -13.11
CA THR D 229 12.56 32.85 -13.72
C THR D 229 11.94 33.55 -14.91
N ILE D 230 11.87 32.87 -16.04
CA ILE D 230 11.28 33.45 -17.24
C ILE D 230 9.83 32.98 -17.40
N VAL D 231 8.91 33.92 -17.52
CA VAL D 231 7.46 33.64 -17.62
C VAL D 231 6.92 34.27 -18.88
N GLY D 232 6.35 33.43 -19.73
CA GLY D 232 5.65 33.91 -20.90
C GLY D 232 5.81 32.99 -22.09
N GLU D 233 6.09 33.59 -23.23
CA GLU D 233 6.28 32.85 -24.47
C GLU D 233 7.75 32.85 -24.85
N ASN D 234 8.13 31.86 -25.65
CA ASN D 234 9.44 31.87 -26.31
C ASN D 234 9.64 33.18 -27.07
N THR D 235 10.79 33.83 -26.86
CA THR D 235 11.10 35.11 -27.51
C THR D 235 11.33 34.94 -29.03
N ALA D 236 11.45 36.07 -29.73
CA ALA D 236 11.45 36.12 -31.20
C ALA D 236 12.63 35.43 -31.88
N GLY D 237 13.81 35.46 -31.23
CA GLY D 237 15.00 34.81 -31.82
C GLY D 237 15.71 35.71 -32.81
N GLY D 238 16.17 36.86 -32.33
CA GLY D 238 16.88 37.80 -33.20
C GLY D 238 18.34 37.44 -33.41
N THR D 239 19.14 38.43 -33.77
CA THR D 239 20.55 38.22 -34.12
C THR D 239 21.26 39.44 -33.56
N VAL D 240 22.44 39.27 -32.93
CA VAL D 240 23.06 40.46 -32.35
C VAL D 240 23.32 41.59 -33.37
N LYS D 241 23.75 41.24 -34.58
CA LYS D 241 23.91 42.24 -35.65
C LYS D 241 23.84 41.61 -37.03
N MET D 242 22.89 42.12 -37.81
CA MET D 242 22.79 41.95 -39.27
C MET D 242 23.38 43.17 -39.97
N SER D 243 24.04 42.95 -41.09
CA SER D 243 24.47 44.05 -41.92
C SER D 243 23.96 43.83 -43.37
N LYS D 244 23.44 44.89 -43.97
CA LYS D 244 22.95 44.87 -45.35
C LYS D 244 23.96 45.64 -46.18
N MET D 245 24.71 44.94 -47.03
CA MET D 245 25.91 45.48 -47.63
C MET D 245 25.85 45.56 -49.14
N LYS D 246 26.05 46.78 -49.66
CA LYS D 246 26.07 47.05 -51.10
C LYS D 246 27.25 46.35 -51.78
N VAL D 247 26.98 45.77 -52.95
CA VAL D 247 28.00 45.12 -53.75
C VAL D 247 28.59 46.15 -54.74
N GLY D 248 29.82 46.59 -54.47
CA GLY D 248 30.47 47.64 -55.30
C GLY D 248 29.56 48.81 -55.63
N ASP D 249 29.56 49.21 -56.90
CA ASP D 249 28.72 50.30 -57.38
C ASP D 249 27.42 49.81 -57.97
N THR D 250 27.07 48.54 -57.67
CA THR D 250 25.88 47.89 -58.19
C THR D 250 24.67 48.08 -57.26
N ASP D 251 23.47 47.73 -57.72
CA ASP D 251 22.27 47.77 -56.88
C ASP D 251 21.97 46.45 -56.15
N PHE D 252 22.96 45.56 -56.10
CA PHE D 252 22.81 44.32 -55.37
C PHE D 252 23.31 44.52 -53.95
N TYR D 253 22.64 43.85 -53.00
CA TYR D 253 22.99 43.92 -51.58
C TYR D 253 23.10 42.53 -50.99
N VAL D 254 24.08 42.34 -50.11
CA VAL D 254 24.28 41.09 -49.40
C VAL D 254 23.88 41.34 -47.95
N THR D 255 22.92 40.56 -47.47
CA THR D 255 22.48 40.66 -46.08
C THR D 255 23.01 39.44 -45.31
N VAL D 256 23.74 39.73 -44.24
CA VAL D 256 24.56 38.73 -43.56
C VAL D 256 24.56 38.99 -42.05
N PRO D 257 24.35 37.92 -41.26
CA PRO D 257 24.64 38.08 -39.81
C PRO D 257 26.16 38.25 -39.62
N VAL D 258 26.56 39.35 -38.98
CA VAL D 258 27.99 39.65 -38.84
C VAL D 258 28.52 39.53 -37.40
N ALA D 259 27.59 39.36 -36.46
CA ALA D 259 28.01 39.19 -35.07
C ALA D 259 27.12 38.18 -34.39
N LYS D 260 27.61 37.58 -33.32
CA LYS D 260 26.87 36.54 -32.60
C LYS D 260 27.30 36.50 -31.13
N SER D 261 26.42 35.95 -30.29
CA SER D 261 26.72 35.70 -28.89
C SER D 261 27.19 34.27 -28.74
N ILE D 262 28.17 34.08 -27.87
CA ILE D 262 28.67 32.76 -27.54
C ILE D 262 28.62 32.76 -26.01
N ASN D 263 27.57 32.17 -25.47
CA ASN D 263 27.30 32.30 -24.04
C ASN D 263 28.36 31.56 -23.22
N PRO D 264 28.95 32.24 -22.22
CA PRO D 264 30.00 31.66 -21.37
C PRO D 264 29.58 30.44 -20.52
N ILE D 265 28.27 30.28 -20.28
CA ILE D 265 27.77 29.15 -19.51
C ILE D 265 27.32 28.03 -20.46
N THR D 266 26.42 28.33 -21.39
CA THR D 266 25.84 27.26 -22.23
C THR D 266 26.69 26.91 -23.47
N GLY D 267 27.44 27.89 -23.97
CA GLY D 267 28.20 27.76 -25.20
C GLY D 267 27.32 28.05 -26.37
N LYS D 268 26.07 28.41 -26.10
CA LYS D 268 25.10 28.59 -27.14
C LYS D 268 24.68 30.06 -27.15
N SER D 269 23.52 30.31 -27.72
CA SER D 269 23.06 31.67 -27.83
C SER D 269 21.55 31.71 -27.72
N TRP D 270 21.06 32.88 -27.38
CA TRP D 270 19.65 33.22 -27.45
C TRP D 270 19.18 33.37 -28.89
N GLU D 271 20.12 33.55 -29.83
CA GLU D 271 19.78 33.98 -31.17
C GLU D 271 19.10 32.87 -31.96
N ILE D 272 18.23 33.27 -32.90
CA ILE D 272 17.57 32.37 -33.86
C ILE D 272 16.44 31.59 -33.22
N ASN D 273 16.74 30.80 -32.20
CA ASN D 273 15.70 30.04 -31.52
C ASN D 273 14.99 30.83 -30.41
N GLY D 274 15.62 31.90 -29.95
CA GLY D 274 15.06 32.67 -28.85
C GLY D 274 15.25 31.98 -27.51
N VAL D 275 14.63 32.55 -26.48
CA VAL D 275 14.76 32.02 -25.14
C VAL D 275 13.45 31.37 -24.72
N ALA D 276 13.53 30.15 -24.20
CA ALA D 276 12.38 29.37 -23.70
C ALA D 276 12.00 29.78 -22.28
N PRO D 277 10.69 29.99 -22.05
CA PRO D 277 10.26 30.36 -20.71
C PRO D 277 10.42 29.18 -19.73
N ASP D 278 10.64 29.47 -18.47
CA ASP D 278 10.55 28.45 -17.41
C ASP D 278 9.07 28.10 -17.21
N VAL D 279 8.22 29.10 -17.23
CA VAL D 279 6.76 28.90 -17.14
C VAL D 279 6.10 29.40 -18.40
N ASP D 280 5.56 28.48 -19.16
CA ASP D 280 5.00 28.82 -20.45
C ASP D 280 3.53 29.18 -20.28
N VAL D 281 3.19 30.42 -20.64
CA VAL D 281 1.82 30.96 -20.61
C VAL D 281 1.71 32.02 -21.71
N ALA D 282 0.49 32.24 -22.18
CA ALA D 282 0.19 33.35 -23.09
C ALA D 282 0.72 34.67 -22.51
N ALA D 283 1.24 35.53 -23.39
CA ALA D 283 1.93 36.75 -22.98
C ALA D 283 1.01 37.67 -22.20
N GLU D 284 -0.25 37.78 -22.66
CA GLU D 284 -1.27 38.56 -21.94
C GLU D 284 -1.54 38.10 -20.50
N ASP D 285 -1.23 36.84 -20.21
CA ASP D 285 -1.44 36.26 -18.89
C ASP D 285 -0.16 36.22 -18.07
N ALA D 286 0.97 36.62 -18.68
CA ALA D 286 2.27 36.44 -18.03
C ALA D 286 2.39 37.19 -16.71
N LEU D 287 1.87 38.42 -16.68
CA LEU D 287 1.97 39.23 -15.46
C LEU D 287 1.20 38.59 -14.30
N ASP D 288 -0.02 38.13 -14.57
CA ASP D 288 -0.85 37.46 -13.54
C ASP D 288 -0.16 36.23 -12.98
N ALA D 289 0.43 35.43 -13.88
CA ALA D 289 1.12 34.21 -13.48
C ALA D 289 2.34 34.51 -12.65
N ALA D 290 3.07 35.57 -12.99
CA ALA D 290 4.28 35.92 -12.23
C ALA D 290 3.90 36.33 -10.83
N ILE D 291 2.85 37.14 -10.72
CA ILE D 291 2.34 37.55 -9.41
C ILE D 291 1.96 36.31 -8.58
N ALA D 292 1.18 35.42 -9.17
CA ALA D 292 0.76 34.17 -8.49
C ALA D 292 1.94 33.29 -8.03
N ILE D 293 2.97 33.16 -8.88
CA ILE D 293 4.18 32.44 -8.49
C ILE D 293 4.86 33.06 -7.26
N ILE D 294 5.06 34.38 -7.30
CA ILE D 294 5.74 35.11 -6.23
C ILE D 294 4.96 35.00 -4.92
N LYS D 295 3.66 35.16 -5.01
CA LYS D 295 2.81 35.08 -3.81
C LYS D 295 2.84 33.72 -3.13
N LEU D 296 2.77 32.66 -3.94
CA LEU D 296 2.75 31.30 -3.40
C LEU D 296 4.06 31.03 -2.69
N ARG D 297 5.18 31.32 -3.35
CA ARG D 297 6.52 31.01 -2.82
C ARG D 297 6.80 31.75 -1.50
N ALA D 298 6.30 32.98 -1.38
CA ALA D 298 6.45 33.78 -0.17
C ALA D 298 5.68 33.18 1.03
N GLU D 299 4.54 32.53 0.74
CA GLU D 299 3.71 31.83 1.73
C GLU D 299 4.40 30.58 2.31
N ILE D 300 5.33 29.99 1.56
CA ILE D 300 5.89 28.69 1.93
C ILE D 300 6.63 28.62 3.26
N PRO D 301 7.53 29.59 3.56
CA PRO D 301 8.29 29.46 4.82
C PRO D 301 7.40 29.41 6.06
N ALA D 302 6.37 30.24 6.11
CA ALA D 302 5.44 30.28 7.25
C ALA D 302 4.65 28.96 7.34
N LEU D 303 4.22 28.47 6.20
CA LEU D 303 3.55 27.19 6.15
C LEU D 303 4.43 26.13 6.79
N ALA D 304 5.71 26.11 6.40
CA ALA D 304 6.67 25.12 6.89
C ALA D 304 6.84 25.16 8.40
N GLN D 305 6.97 26.36 8.95
CA GLN D 305 7.19 26.55 10.39
C GLN D 305 5.98 26.19 11.25
N ALA D 306 4.79 26.28 10.66
CA ALA D 306 3.55 25.84 11.33
C ALA D 306 3.43 24.31 11.33
N ALA D 307 3.84 23.69 10.21
CA ALA D 307 3.86 22.23 10.05
C ALA D 307 4.94 21.55 10.90
N ALA D 308 6.14 22.15 10.92
CA ALA D 308 7.27 21.65 11.72
C ALA D 308 6.90 21.60 13.20
N THR D 309 6.25 22.66 13.67
CA THR D 309 5.78 22.77 15.05
C THR D 309 4.52 23.62 15.11
N SER E 1 -11.70 -28.42 8.30
CA SER E 1 -10.22 -28.31 8.07
C SER E 1 -9.33 -28.18 9.30
N LEU E 2 -9.56 -27.22 10.22
CA LEU E 2 -8.71 -27.07 11.38
C LEU E 2 -8.69 -28.30 12.30
N GLY E 3 -9.86 -28.85 12.65
CA GLY E 3 -9.95 -30.12 13.40
C GLY E 3 -9.39 -31.33 12.69
N GLU E 4 -9.50 -31.39 11.35
CA GLU E 4 -8.97 -32.47 10.53
C GLU E 4 -7.44 -32.56 10.64
N LEU E 5 -6.76 -31.40 10.55
CA LEU E 5 -5.34 -31.33 10.83
C LEU E 5 -5.00 -31.61 12.29
N VAL E 6 -5.71 -31.00 13.25
CA VAL E 6 -5.44 -31.14 14.68
C VAL E 6 -5.56 -32.58 15.18
N GLU E 7 -6.62 -33.30 14.78
CA GLU E 7 -6.81 -34.70 15.10
C GLU E 7 -5.72 -35.59 14.53
N GLY E 8 -5.29 -35.34 13.28
CA GLY E 8 -4.19 -36.10 12.69
C GLY E 8 -2.88 -35.79 13.36
N THR E 9 -2.57 -34.50 13.58
CA THR E 9 -1.34 -34.03 14.24
C THR E 9 -1.18 -34.63 15.61
N GLY E 10 -2.23 -34.64 16.47
CA GLY E 10 -2.12 -35.25 17.79
C GLY E 10 -1.78 -36.72 17.77
N ARG E 11 -2.47 -37.50 16.92
CA ARG E 11 -2.21 -38.90 16.72
C ARG E 11 -0.82 -39.20 16.21
N LEU E 12 -0.33 -38.39 15.24
CA LEU E 12 1.03 -38.50 14.77
C LEU E 12 2.05 -38.24 15.88
N LEU E 13 1.87 -37.16 16.67
CA LEU E 13 2.74 -36.80 17.77
C LEU E 13 2.81 -37.86 18.87
N GLU E 14 1.67 -38.41 19.31
CA GLU E 14 1.59 -39.43 20.33
C GLU E 14 2.36 -40.69 19.96
N ALA E 15 2.23 -41.15 18.70
CA ALA E 15 2.88 -42.36 18.28
C ALA E 15 4.34 -42.21 17.86
N HIS E 16 4.76 -41.04 17.36
CA HIS E 16 6.05 -40.93 16.69
C HIS E 16 7.00 -39.85 17.19
N TYR E 17 6.59 -38.86 17.99
CA TYR E 17 7.49 -37.77 18.39
C TYR E 17 8.59 -38.21 19.35
N ALA E 18 9.86 -37.93 18.99
CA ALA E 18 11.05 -38.41 19.67
C ALA E 18 11.13 -38.11 21.15
N ARG E 19 10.47 -37.04 21.60
CA ARG E 19 10.32 -36.73 23.01
C ARG E 19 8.92 -37.16 23.52
N PRO E 20 8.63 -38.44 23.86
CA PRO E 20 7.34 -38.86 24.38
C PRO E 20 6.92 -38.20 25.66
N GLU E 21 7.86 -37.71 26.49
CA GLU E 21 7.58 -37.09 27.76
C GLU E 21 6.85 -35.77 27.58
N VAL E 22 6.96 -35.16 26.39
CA VAL E 22 6.29 -33.90 26.08
C VAL E 22 4.83 -34.12 25.66
N VAL E 23 4.42 -35.35 25.28
CA VAL E 23 3.11 -35.64 24.69
C VAL E 23 1.92 -35.28 25.57
N GLY E 24 1.92 -35.62 26.87
CA GLY E 24 0.86 -35.23 27.82
C GLY E 24 0.52 -33.76 27.84
N GLN E 25 1.56 -32.91 27.90
CA GLN E 25 1.42 -31.47 27.85
C GLN E 25 0.95 -30.95 26.50
N MET E 26 1.44 -31.52 25.38
CA MET E 26 0.94 -31.17 24.05
C MET E 26 -0.54 -31.49 23.86
N GLY E 27 -0.98 -32.67 24.32
CA GLY E 27 -2.38 -33.08 24.26
C GLY E 27 -3.31 -32.18 25.04
N ALA E 28 -2.82 -31.62 26.16
CA ALA E 28 -3.54 -30.57 26.86
C ALA E 28 -3.59 -29.24 26.11
N LEU E 29 -2.43 -28.71 25.65
CA LEU E 29 -2.35 -27.40 25.04
C LEU E 29 -2.96 -27.28 23.64
N LEU E 30 -2.73 -28.27 22.74
CA LEU E 30 -3.15 -28.19 21.35
C LEU E 30 -4.65 -28.09 21.19
N ARG E 31 -5.41 -28.88 21.98
CA ARG E 31 -6.85 -28.82 21.99
C ARG E 31 -7.39 -27.66 22.82
N ALA E 32 -6.60 -27.10 23.75
CA ALA E 32 -6.96 -25.94 24.56
C ALA E 32 -7.24 -24.70 23.73
N LYS E 33 -6.43 -24.52 22.66
CA LYS E 33 -6.58 -23.47 21.67
C LYS E 33 -7.94 -23.46 20.98
N LEU E 34 -8.55 -24.64 20.69
CA LEU E 34 -9.90 -24.71 20.15
C LEU E 34 -10.99 -24.22 21.08
N ALA E 35 -11.00 -24.76 22.31
CA ALA E 35 -12.03 -24.47 23.30
C ALA E 35 -12.00 -23.05 23.83
N GLN E 36 -10.81 -22.46 23.99
CA GLN E 36 -10.68 -21.08 24.44
C GLN E 36 -10.66 -20.10 23.27
N GLY E 37 -10.88 -20.60 22.04
CA GLY E 37 -11.27 -19.78 20.91
C GLY E 37 -10.19 -19.30 19.99
N ALA E 38 -8.93 -19.74 20.19
CA ALA E 38 -7.77 -19.39 19.39
C ALA E 38 -7.85 -19.82 17.94
N TYR E 39 -8.41 -21.01 17.68
CA TYR E 39 -8.57 -21.54 16.34
C TYR E 39 -9.82 -21.01 15.64
N ARG E 40 -10.24 -19.78 15.94
CA ARG E 40 -11.33 -19.16 15.19
C ARG E 40 -10.79 -18.03 14.35
N THR E 41 -9.45 -17.93 14.21
CA THR E 41 -8.79 -16.85 13.48
C THR E 41 -8.04 -17.37 12.25
N ALA E 42 -7.95 -18.70 12.08
CA ALA E 42 -7.16 -19.31 11.02
C ALA E 42 -8.05 -20.04 10.04
N VAL E 43 -7.97 -19.73 8.72
CA VAL E 43 -8.86 -20.31 7.72
C VAL E 43 -8.10 -20.57 6.44
N ASP E 44 -6.83 -20.95 6.57
CA ASP E 44 -6.00 -21.32 5.44
C ASP E 44 -5.01 -22.35 5.97
N LEU E 45 -4.41 -23.14 5.06
CA LEU E 45 -3.33 -24.06 5.34
C LEU E 45 -2.10 -23.32 5.82
N GLU E 46 -1.78 -22.17 5.21
CA GLU E 46 -0.65 -21.36 5.63
C GLU E 46 -0.80 -20.84 7.05
N SER E 47 -2.00 -20.33 7.37
CA SER E 47 -2.35 -19.92 8.72
C SER E 47 -2.37 -21.04 9.74
N LEU E 48 -2.86 -22.23 9.35
CA LEU E 48 -2.77 -23.42 10.20
C LEU E 48 -1.36 -23.84 10.51
N ALA E 49 -0.49 -23.89 9.49
CA ALA E 49 0.90 -24.22 9.66
C ALA E 49 1.64 -23.20 10.50
N SER E 50 1.44 -21.90 10.27
CA SER E 50 2.05 -20.87 11.09
C SER E 50 1.61 -20.85 12.53
N GLN E 51 0.29 -20.96 12.81
CA GLN E 51 -0.22 -21.02 14.17
C GLN E 51 0.27 -22.22 14.95
N LEU E 52 0.12 -23.44 14.39
CA LEU E 52 0.61 -24.65 15.02
C LEU E 52 2.11 -24.69 15.16
N THR E 53 2.89 -24.23 14.15
CA THR E 53 4.34 -24.11 14.27
C THR E 53 4.75 -23.16 15.39
N ALA E 54 4.10 -21.99 15.55
CA ALA E 54 4.40 -21.11 16.67
C ALA E 54 4.11 -21.75 18.03
N ASP E 55 2.90 -22.31 18.20
CA ASP E 55 2.49 -23.02 19.39
C ASP E 55 3.37 -24.23 19.70
N LEU E 56 3.73 -25.06 18.68
CA LEU E 56 4.64 -26.18 18.85
C LEU E 56 6.04 -25.75 19.29
N GLN E 57 6.63 -24.70 18.69
CA GLN E 57 7.93 -24.19 19.11
C GLN E 57 7.93 -23.63 20.53
N GLU E 58 6.87 -22.91 20.94
CA GLU E 58 6.70 -22.47 22.31
C GLU E 58 6.64 -23.61 23.33
N MET E 59 5.92 -24.70 23.03
CA MET E 59 5.83 -25.83 23.93
C MET E 59 6.96 -26.85 23.87
N SER E 60 7.74 -26.93 22.77
CA SER E 60 8.78 -27.95 22.66
C SER E 60 10.20 -27.44 22.56
N GLY E 61 10.40 -26.27 21.93
CA GLY E 61 11.72 -25.76 21.56
C GLY E 61 12.47 -26.61 20.56
N ASP E 62 11.76 -27.46 19.80
CA ASP E 62 12.40 -28.41 18.92
C ASP E 62 12.13 -28.06 17.48
N HIS E 63 13.15 -27.47 16.82
CA HIS E 63 13.07 -26.97 15.44
C HIS E 63 12.96 -28.06 14.41
N ARG E 64 13.09 -29.34 14.81
CA ARG E 64 12.90 -30.44 13.89
C ARG E 64 11.42 -30.76 13.68
N LEU E 65 10.56 -30.38 14.66
CA LEU E 65 9.14 -30.64 14.61
C LEU E 65 8.43 -29.47 14.00
N LEU E 66 8.03 -29.58 12.71
CA LEU E 66 7.51 -28.45 11.98
C LEU E 66 6.44 -28.86 10.98
N VAL E 67 5.39 -28.03 10.87
CA VAL E 67 4.37 -28.18 9.85
C VAL E 67 4.76 -27.36 8.65
N PHE E 68 4.68 -27.95 7.45
CA PHE E 68 5.00 -27.27 6.22
C PHE E 68 4.04 -27.67 5.12
N HIS E 69 4.00 -26.90 4.03
CA HIS E 69 3.39 -27.30 2.77
C HIS E 69 4.04 -28.53 2.17
N SER E 70 3.26 -29.51 1.64
CA SER E 70 3.77 -30.69 0.92
C SER E 70 4.76 -30.43 -0.19
N PRO E 71 4.75 -29.31 -0.94
CA PRO E 71 5.87 -28.94 -1.79
C PRO E 71 7.26 -28.90 -1.17
N GLY E 72 7.39 -28.67 0.16
CA GLY E 72 8.68 -28.54 0.84
C GLY E 72 9.13 -29.79 1.54
N GLU E 73 8.63 -30.96 1.11
CA GLU E 73 8.91 -32.24 1.73
C GLU E 73 10.20 -32.91 1.25
N MET E 74 11.35 -32.52 1.85
CA MET E 74 12.68 -33.03 1.52
C MET E 74 13.08 -32.91 0.04
N VAL E 75 13.93 -33.82 -0.46
CA VAL E 75 14.27 -33.92 -1.86
C VAL E 75 14.31 -35.40 -2.23
N ALA E 76 15.33 -36.14 -1.78
CA ALA E 76 15.52 -37.54 -2.04
C ALA E 76 16.74 -37.94 -1.23
N GLU E 77 16.86 -39.21 -0.84
CA GLU E 77 18.05 -39.72 -0.19
C GLU E 77 19.31 -39.71 -1.06
N GLU E 78 20.49 -39.46 -0.45
CA GLU E 78 21.78 -39.46 -1.10
C GLU E 78 22.16 -40.76 -1.79
N ALA E 79 22.93 -40.67 -2.89
CA ALA E 79 23.38 -41.83 -3.65
C ALA E 79 24.91 -41.98 -3.67
N PRO E 80 25.48 -42.83 -2.80
CA PRO E 80 26.92 -42.98 -2.66
C PRO E 80 27.27 -44.41 -3.06
N PRO E 81 28.54 -44.87 -3.15
CA PRO E 81 28.90 -46.25 -3.51
C PRO E 81 28.08 -47.39 -2.87
N PRO E 82 27.18 -48.12 -3.55
CA PRO E 82 26.43 -49.23 -2.97
C PRO E 82 27.26 -50.49 -2.87
N PRO E 83 27.15 -51.35 -1.86
CA PRO E 83 27.76 -52.68 -1.88
C PRO E 83 27.51 -53.50 -3.15
N PRO E 84 26.32 -53.53 -3.80
CA PRO E 84 26.12 -54.31 -5.02
C PRO E 84 26.87 -53.79 -6.23
N VAL E 85 27.56 -52.64 -6.15
CA VAL E 85 28.31 -52.12 -7.30
C VAL E 85 29.81 -52.14 -7.07
N VAL E 86 30.27 -52.68 -5.92
CA VAL E 86 31.68 -52.76 -5.59
C VAL E 86 32.45 -53.76 -6.48
N PRO E 87 33.51 -53.36 -7.20
CA PRO E 87 34.34 -54.27 -7.98
C PRO E 87 34.98 -55.43 -7.24
N SER E 88 34.99 -56.63 -7.80
CA SER E 88 35.78 -57.74 -7.28
C SER E 88 37.31 -57.69 -7.47
N PRO E 89 37.92 -57.24 -8.57
CA PRO E 89 39.38 -57.20 -8.72
C PRO E 89 40.09 -56.29 -7.74
N GLU E 90 41.21 -56.73 -7.14
CA GLU E 90 41.99 -55.92 -6.19
C GLU E 90 42.60 -54.63 -6.71
N GLU E 91 42.42 -54.31 -8.02
CA GLU E 91 42.68 -52.99 -8.55
C GLU E 91 41.54 -52.03 -8.22
N LEU E 92 40.61 -52.48 -7.35
CA LEU E 92 39.70 -51.71 -6.52
C LEU E 92 40.41 -50.68 -5.63
N SER E 93 41.75 -50.83 -5.44
CA SER E 93 42.67 -49.82 -4.92
C SER E 93 42.55 -48.49 -5.63
N TYR E 94 42.34 -48.53 -6.96
CA TYR E 94 42.05 -47.37 -7.80
C TYR E 94 40.79 -46.60 -7.39
N LEU E 95 39.68 -47.30 -7.03
CA LEU E 95 38.47 -46.64 -6.56
C LEU E 95 38.71 -45.88 -5.27
N ILE E 96 39.45 -46.51 -4.34
CA ILE E 96 39.84 -45.91 -3.07
C ILE E 96 40.76 -44.72 -3.25
N GLU E 97 41.68 -44.78 -4.22
CA GLU E 97 42.50 -43.66 -4.61
C GLU E 97 41.71 -42.44 -5.09
N ALA E 98 40.58 -42.65 -5.79
CA ALA E 98 39.73 -41.55 -6.19
C ALA E 98 38.66 -41.12 -5.17
N LEU E 99 38.20 -42.02 -4.27
CA LEU E 99 37.31 -41.65 -3.16
C LEU E 99 37.97 -40.81 -2.09
N PHE E 100 39.25 -41.11 -1.76
CA PHE E 100 39.95 -40.44 -0.68
C PHE E 100 41.18 -39.71 -1.20
N LYS E 101 41.18 -38.38 -1.11
CA LYS E 101 42.32 -37.55 -1.50
C LYS E 101 43.18 -37.28 -0.29
N THR E 102 44.42 -37.77 -0.30
CA THR E 102 45.33 -37.66 0.84
C THR E 102 46.57 -36.93 0.39
N GLU E 103 46.91 -35.80 1.05
CA GLU E 103 48.12 -35.04 0.78
C GLU E 103 48.91 -34.89 2.06
N VAL E 104 50.23 -34.64 1.92
CA VAL E 104 51.05 -34.21 3.04
C VAL E 104 51.41 -32.78 2.76
N LEU E 105 50.81 -31.83 3.50
CA LEU E 105 51.01 -30.42 3.31
C LEU E 105 52.33 -29.97 3.95
N PRO E 106 53.00 -28.90 3.47
CA PRO E 106 54.15 -28.29 4.12
C PRO E 106 54.02 -28.11 5.63
N GLY E 107 55.09 -28.38 6.40
CA GLY E 107 55.00 -28.38 7.86
C GLY E 107 54.51 -29.67 8.46
N GLN E 108 54.39 -30.73 7.64
CA GLN E 108 54.01 -32.09 8.06
C GLN E 108 52.58 -32.17 8.56
N LEU E 109 51.67 -31.48 7.84
CA LEU E 109 50.27 -31.43 8.14
C LEU E 109 49.55 -32.35 7.18
N GLY E 110 48.85 -33.37 7.70
CA GLY E 110 48.04 -34.25 6.86
C GLY E 110 46.83 -33.57 6.33
N TYR E 111 46.46 -33.87 5.10
CA TYR E 111 45.21 -33.44 4.53
C TYR E 111 44.49 -34.68 4.03
N LEU E 112 43.25 -34.86 4.48
CA LEU E 112 42.38 -35.94 4.06
C LEU E 112 41.08 -35.33 3.60
N ARG E 113 40.68 -35.59 2.35
CA ARG E 113 39.38 -35.20 1.85
C ARG E 113 38.67 -36.41 1.31
N PHE E 114 37.38 -36.54 1.62
CA PHE E 114 36.52 -37.50 0.97
C PHE E 114 35.12 -36.93 0.97
N ASP E 115 34.34 -37.18 -0.10
CA ASP E 115 33.13 -36.42 -0.35
C ASP E 115 31.85 -37.26 -0.26
N ALA E 116 31.88 -38.39 0.45
CA ALA E 116 30.69 -39.17 0.78
C ALA E 116 31.01 -40.11 1.92
N MET E 117 29.98 -40.64 2.62
CA MET E 117 30.14 -41.69 3.61
C MET E 117 29.50 -42.96 3.07
N ALA E 118 30.24 -43.98 2.68
CA ALA E 118 29.57 -45.20 2.24
C ALA E 118 29.02 -46.02 3.41
N GLU E 119 28.01 -46.89 3.14
CA GLU E 119 27.51 -47.82 4.13
C GLU E 119 28.62 -48.72 4.68
N LEU E 120 28.54 -49.15 5.94
CA LEU E 120 29.58 -49.96 6.57
C LEU E 120 29.88 -51.25 5.83
N GLU E 121 28.88 -51.90 5.19
CA GLU E 121 29.09 -53.00 4.26
C GLU E 121 30.00 -52.67 3.07
N THR E 122 29.86 -51.48 2.47
CA THR E 122 30.85 -50.96 1.52
C THR E 122 32.21 -50.72 2.17
N VAL E 123 32.27 -50.11 3.38
CA VAL E 123 33.53 -49.86 4.09
C VAL E 123 34.30 -51.14 4.44
N LYS E 124 33.59 -52.24 4.79
CA LYS E 124 34.19 -53.53 5.02
C LYS E 124 34.98 -54.09 3.83
N ALA E 125 34.41 -54.01 2.61
CA ALA E 125 35.11 -54.43 1.42
C ALA E 125 36.33 -53.57 1.07
N VAL E 126 36.22 -52.24 1.24
CA VAL E 126 37.30 -51.34 0.87
C VAL E 126 38.38 -51.14 1.92
N GLY E 127 38.13 -51.56 3.17
CA GLY E 127 39.03 -51.43 4.31
C GLY E 127 40.49 -51.78 4.08
N PRO E 128 40.87 -52.91 3.48
CA PRO E 128 42.28 -53.23 3.20
C PRO E 128 42.98 -52.23 2.29
N GLN E 129 42.25 -51.63 1.33
CA GLN E 129 42.78 -50.66 0.41
C GLN E 129 42.87 -49.29 1.05
N LEU E 130 41.92 -48.97 1.97
CA LEU E 130 41.91 -47.73 2.73
C LEU E 130 43.15 -47.56 3.60
N VAL E 131 43.71 -48.68 4.10
CA VAL E 131 44.99 -48.72 4.80
C VAL E 131 46.13 -48.08 4.02
N GLN E 132 46.28 -48.45 2.74
CA GLN E 132 47.29 -47.90 1.84
C GLN E 132 47.06 -46.44 1.50
N LEU E 133 45.81 -46.04 1.20
CA LEU E 133 45.50 -44.70 0.73
C LEU E 133 45.44 -43.63 1.79
N VAL E 134 44.94 -43.95 2.99
CA VAL E 134 44.73 -42.96 4.03
C VAL E 134 45.65 -43.28 5.18
N TRP E 135 45.37 -44.38 5.91
CA TRP E 135 45.90 -44.60 7.24
C TRP E 135 47.40 -44.69 7.35
N GLN E 136 48.09 -45.43 6.44
CA GLN E 136 49.55 -45.46 6.40
C GLN E 136 50.21 -44.14 6.00
N LYS E 137 49.69 -43.46 4.97
CA LYS E 137 50.29 -42.23 4.47
C LYS E 137 50.24 -41.07 5.46
N LEU E 138 49.23 -41.03 6.35
CA LEU E 138 49.15 -39.98 7.34
C LEU E 138 49.84 -40.33 8.64
N VAL E 139 50.52 -41.49 8.77
CA VAL E 139 51.23 -41.85 10.01
C VAL E 139 52.34 -40.89 10.40
N ASP E 140 53.08 -40.39 9.41
CA ASP E 140 54.19 -39.47 9.59
C ASP E 140 53.78 -38.08 10.10
N THR E 141 52.53 -37.65 9.83
CA THR E 141 52.08 -36.30 10.18
C THR E 141 51.83 -36.07 11.65
N ALA E 142 51.95 -34.80 12.13
CA ALA E 142 51.73 -34.49 13.53
C ALA E 142 50.37 -33.87 13.78
N ALA E 143 49.68 -33.48 12.69
CA ALA E 143 48.38 -32.86 12.74
C ALA E 143 47.65 -33.27 11.47
N LEU E 144 46.30 -33.35 11.52
CA LEU E 144 45.49 -33.78 10.39
C LEU E 144 44.35 -32.81 10.14
N VAL E 145 44.14 -32.44 8.87
CA VAL E 145 42.98 -31.71 8.41
C VAL E 145 42.07 -32.66 7.66
N VAL E 146 40.82 -32.82 8.13
CA VAL E 146 39.81 -33.63 7.46
C VAL E 146 38.84 -32.68 6.81
N ASP E 147 38.83 -32.65 5.47
CA ASP E 147 38.00 -31.75 4.71
C ASP E 147 36.68 -32.40 4.36
N LEU E 148 35.58 -31.87 4.96
CA LEU E 148 34.24 -32.34 4.73
C LEU E 148 33.40 -31.23 4.12
N ARG E 149 34.03 -30.20 3.53
CA ARG E 149 33.36 -29.07 2.92
C ARG E 149 32.60 -29.42 1.64
N TYR E 150 32.83 -30.62 1.11
CA TYR E 150 32.22 -31.08 -0.12
C TYR E 150 31.50 -32.40 0.13
N ASN E 151 31.33 -32.80 1.40
CA ASN E 151 30.80 -34.11 1.75
C ASN E 151 29.32 -34.07 2.10
N PRO E 152 28.39 -34.62 1.31
CA PRO E 152 26.98 -34.45 1.58
C PRO E 152 26.49 -35.62 2.42
N GLY E 153 27.42 -36.44 2.92
CA GLY E 153 27.14 -37.54 3.82
C GLY E 153 26.66 -38.77 3.14
N SER E 154 25.49 -39.31 3.60
CA SER E 154 24.90 -40.63 3.34
C SER E 154 24.43 -41.29 4.62
N TYR E 155 24.38 -42.60 4.68
CA TYR E 155 24.25 -43.53 5.76
C TYR E 155 25.29 -43.32 6.86
N SER E 156 24.86 -43.38 8.12
CA SER E 156 25.74 -43.15 9.27
C SER E 156 26.27 -44.44 9.85
N THR E 157 26.09 -45.57 9.14
CA THR E 157 26.48 -46.90 9.61
C THR E 157 27.97 -47.06 9.84
N ALA E 158 28.80 -46.41 9.01
CA ALA E 158 30.25 -46.48 9.16
C ALA E 158 30.85 -45.36 10.00
N VAL E 159 30.04 -44.43 10.53
CA VAL E 159 30.54 -43.36 11.39
C VAL E 159 31.21 -43.86 12.68
N PRO E 160 30.73 -44.82 13.46
CA PRO E 160 31.47 -45.32 14.62
C PRO E 160 32.81 -45.93 14.27
N LEU E 161 32.91 -46.65 13.15
CA LEU E 161 34.15 -47.23 12.69
C LEU E 161 35.17 -46.20 12.30
N LEU E 162 34.77 -45.17 11.52
CA LEU E 162 35.69 -44.11 11.15
C LEU E 162 36.19 -43.33 12.34
N CYS E 163 35.29 -43.01 13.29
CA CYS E 163 35.66 -42.32 14.51
C CYS E 163 36.69 -43.08 15.34
N SER E 164 36.60 -44.42 15.40
CA SER E 164 37.55 -45.30 16.08
C SER E 164 39.00 -45.15 15.69
N TYR E 165 39.31 -44.66 14.47
CA TYR E 165 40.68 -44.41 14.07
C TYR E 165 41.31 -43.24 14.81
N PHE E 166 40.50 -42.41 15.48
CA PHE E 166 40.97 -41.24 16.17
C PHE E 166 40.89 -41.38 17.68
N PHE E 167 40.65 -42.59 18.20
CA PHE E 167 40.61 -42.81 19.62
C PHE E 167 41.72 -43.75 20.00
N GLU E 168 41.79 -44.09 21.30
CA GLU E 168 42.63 -45.14 21.82
C GLU E 168 42.25 -46.51 21.30
N ALA E 169 43.20 -47.45 21.17
CA ALA E 169 42.84 -48.78 20.70
C ALA E 169 42.00 -49.55 21.69
N GLU E 170 42.40 -49.56 22.97
CA GLU E 170 41.65 -50.23 24.00
C GLU E 170 40.86 -49.31 24.98
N PRO E 171 39.74 -48.62 24.65
CA PRO E 171 39.04 -47.83 25.67
C PRO E 171 37.58 -48.24 25.77
N ARG E 172 36.91 -48.64 24.66
CA ARG E 172 35.46 -48.75 24.54
C ARG E 172 34.74 -47.45 24.84
N ARG E 173 34.73 -46.51 23.89
CA ARG E 173 34.24 -45.16 24.11
C ARG E 173 32.81 -44.99 23.67
N HIS E 174 31.92 -44.58 24.59
CA HIS E 174 30.57 -44.20 24.24
C HIS E 174 30.57 -42.99 23.32
N LEU E 175 29.83 -43.05 22.20
CA LEU E 175 29.80 -41.99 21.21
C LEU E 175 28.52 -41.22 21.31
N TYR E 176 27.39 -41.93 21.26
CA TYR E 176 26.08 -41.33 21.36
C TYR E 176 25.09 -42.42 21.69
N SER E 177 23.90 -42.04 22.17
CA SER E 177 22.79 -42.95 22.35
C SER E 177 21.67 -42.50 21.45
N VAL E 178 21.04 -43.46 20.75
CA VAL E 178 19.93 -43.18 19.86
C VAL E 178 18.66 -43.63 20.54
N PHE E 179 17.71 -42.71 20.73
CA PHE E 179 16.39 -43.04 21.23
C PHE E 179 15.43 -42.87 20.09
N ASP E 180 14.99 -44.00 19.50
CA ASP E 180 13.97 -44.04 18.49
C ASP E 180 12.65 -44.29 19.19
N ARG E 181 11.71 -43.35 19.02
CA ARG E 181 10.37 -43.40 19.57
C ARG E 181 9.50 -44.42 18.88
N ALA E 182 9.74 -44.72 17.60
CA ALA E 182 8.84 -45.58 16.85
C ALA E 182 8.92 -47.03 17.33
N THR E 183 9.99 -47.31 18.08
CA THR E 183 10.21 -48.51 18.86
C THR E 183 10.69 -48.07 20.24
N SER E 184 11.60 -48.81 20.87
CA SER E 184 12.22 -48.44 22.13
C SER E 184 13.70 -48.72 22.01
N ARG E 185 14.37 -48.09 21.01
CA ARG E 185 15.76 -48.32 20.65
C ARG E 185 16.74 -48.24 21.81
N VAL E 186 16.92 -47.02 22.38
CA VAL E 186 17.78 -46.74 23.55
C VAL E 186 19.18 -47.31 23.36
N THR E 187 19.70 -47.22 22.12
CA THR E 187 20.85 -48.03 21.71
C THR E 187 22.08 -47.19 21.84
N GLU E 188 22.90 -47.48 22.86
CA GLU E 188 24.23 -46.93 22.97
C GLU E 188 25.14 -47.35 21.82
N VAL E 189 25.83 -46.38 21.24
CA VAL E 189 26.71 -46.59 20.10
C VAL E 189 28.11 -46.31 20.57
N TRP E 190 28.98 -47.33 20.45
CA TRP E 190 30.30 -47.29 21.01
C TRP E 190 31.32 -47.33 19.88
N THR E 191 32.55 -46.90 20.17
CA THR E 191 33.71 -47.17 19.35
C THR E 191 34.05 -48.64 19.21
N LEU E 192 34.74 -49.00 18.12
CA LEU E 192 35.22 -50.34 17.94
C LEU E 192 36.55 -50.50 18.66
N PRO E 193 36.81 -51.65 19.28
CA PRO E 193 38.09 -51.90 19.94
C PRO E 193 39.19 -52.24 18.96
N HIS E 194 38.86 -52.52 17.70
CA HIS E 194 39.85 -52.91 16.73
C HIS E 194 39.48 -52.31 15.40
N VAL E 195 40.48 -51.79 14.67
CA VAL E 195 40.28 -51.19 13.36
C VAL E 195 41.28 -51.79 12.41
N THR E 196 41.00 -51.73 11.10
CA THR E 196 41.89 -52.29 10.10
C THR E 196 42.86 -51.24 9.64
N GLY E 197 44.17 -51.47 9.87
CA GLY E 197 45.21 -50.48 9.60
C GLY E 197 45.56 -49.67 10.82
N GLN E 198 46.51 -48.73 10.67
CA GLN E 198 46.96 -47.91 11.78
C GLN E 198 45.97 -46.82 12.15
N ARG E 199 45.46 -46.84 13.39
CA ARG E 199 44.76 -45.70 13.95
C ARG E 199 45.65 -44.46 14.00
N TYR E 200 45.08 -43.29 13.72
CA TYR E 200 45.74 -42.01 13.82
C TYR E 200 46.04 -41.68 15.28
N GLY E 201 45.17 -42.18 16.18
CA GLY E 201 45.30 -42.06 17.61
C GLY E 201 44.65 -40.81 18.16
N SER E 202 44.66 -40.68 19.50
CA SER E 202 43.88 -39.65 20.16
C SER E 202 44.68 -38.42 20.52
N HIS E 203 45.99 -38.46 20.30
CA HIS E 203 46.91 -37.39 20.67
C HIS E 203 47.11 -36.33 19.60
N LYS E 204 47.43 -36.71 18.36
CA LYS E 204 47.73 -35.76 17.32
C LYS E 204 46.57 -34.85 16.94
N ASP E 205 46.82 -33.54 16.73
CA ASP E 205 45.81 -32.54 16.43
C ASP E 205 44.94 -32.89 15.22
N LEU E 206 43.63 -32.65 15.32
CA LEU E 206 42.68 -32.95 14.27
C LEU E 206 41.79 -31.75 14.06
N TYR E 207 41.65 -31.31 12.81
CA TYR E 207 40.87 -30.17 12.41
C TYR E 207 39.90 -30.62 11.35
N VAL E 208 38.60 -30.35 11.52
CA VAL E 208 37.60 -30.81 10.58
C VAL E 208 37.01 -29.60 9.90
N LEU E 209 37.08 -29.57 8.55
CA LEU E 209 36.57 -28.46 7.78
C LEU E 209 35.15 -28.73 7.35
N VAL E 210 34.26 -27.75 7.53
CA VAL E 210 32.84 -27.89 7.22
C VAL E 210 32.35 -26.73 6.40
N SER E 211 31.19 -26.92 5.76
CA SER E 211 30.53 -25.96 4.90
C SER E 211 29.04 -26.10 5.09
N HIS E 212 28.25 -25.18 4.49
CA HIS E 212 26.82 -25.32 4.40
C HIS E 212 26.33 -26.53 3.59
N THR E 213 27.19 -27.15 2.75
CA THR E 213 26.81 -28.32 1.97
C THR E 213 27.12 -29.62 2.68
N SER E 214 27.85 -29.57 3.82
CA SER E 214 28.10 -30.75 4.64
C SER E 214 26.81 -31.32 5.21
N GLY E 215 26.53 -32.62 4.95
CA GLY E 215 25.23 -33.23 5.18
C GLY E 215 25.28 -34.55 5.91
N SER E 216 24.16 -34.93 6.56
CA SER E 216 23.88 -36.24 7.16
C SER E 216 25.02 -36.85 7.97
N ALA E 217 25.55 -38.01 7.53
CA ALA E 217 26.66 -38.69 8.16
C ALA E 217 27.93 -37.86 8.34
N ALA E 218 28.25 -36.94 7.41
CA ALA E 218 29.33 -35.99 7.56
C ALA E 218 29.13 -35.00 8.71
N GLU E 219 27.89 -34.49 8.87
CA GLU E 219 27.50 -33.70 10.02
C GLU E 219 27.62 -34.48 11.32
N ALA E 220 27.15 -35.73 11.35
CA ALA E 220 27.27 -36.60 12.50
C ALA E 220 28.72 -36.87 12.89
N PHE E 221 29.61 -37.14 11.92
CA PHE E 221 31.04 -37.27 12.16
C PHE E 221 31.68 -35.99 12.71
N ALA E 222 31.38 -34.81 12.12
CA ALA E 222 31.91 -33.54 12.61
C ALA E 222 31.42 -33.22 14.02
N HIS E 223 30.12 -33.43 14.28
CA HIS E 223 29.50 -33.28 15.57
C HIS E 223 30.09 -34.19 16.64
N THR E 224 30.26 -35.50 16.37
CA THR E 224 30.87 -36.44 17.30
C THR E 224 32.31 -36.12 17.60
N MET E 225 33.10 -35.73 16.58
CA MET E 225 34.47 -35.30 16.79
C MET E 225 34.59 -34.06 17.69
N GLN E 226 33.68 -33.08 17.55
CA GLN E 226 33.54 -31.92 18.42
C GLN E 226 33.10 -32.24 19.86
N ASP E 227 32.01 -33.01 20.04
CA ASP E 227 31.44 -33.38 21.32
C ASP E 227 32.39 -34.17 22.20
N LEU E 228 33.23 -35.00 21.56
CA LEU E 228 34.22 -35.81 22.23
C LEU E 228 35.50 -35.05 22.50
N GLN E 229 35.56 -33.77 22.08
CA GLN E 229 36.69 -32.87 22.25
C GLN E 229 37.93 -33.38 21.53
N ARG E 230 37.73 -34.08 20.41
CA ARG E 230 38.82 -34.73 19.70
C ARG E 230 39.35 -33.81 18.63
N ALA E 231 38.48 -33.04 17.98
CA ALA E 231 38.88 -32.15 16.92
C ALA E 231 38.22 -30.81 17.00
N THR E 232 38.86 -29.81 16.39
CA THR E 232 38.35 -28.46 16.27
C THR E 232 37.63 -28.34 14.93
N ILE E 233 36.38 -27.88 14.95
CA ILE E 233 35.56 -27.77 13.75
C ILE E 233 35.68 -26.37 13.19
N ILE E 234 35.97 -26.26 11.87
CA ILE E 234 36.32 -25.00 11.24
C ILE E 234 35.50 -24.82 9.97
N GLY E 235 34.81 -23.67 9.81
CA GLY E 235 34.09 -23.39 8.57
C GLY E 235 32.73 -22.84 8.85
N GLU E 236 31.74 -23.26 8.07
CA GLU E 236 30.40 -22.72 8.16
C GLU E 236 29.49 -23.63 8.96
N PRO E 237 28.39 -23.16 9.55
CA PRO E 237 27.29 -24.02 10.00
C PRO E 237 26.84 -25.01 8.93
N THR E 238 26.67 -26.29 9.27
CA THR E 238 26.36 -27.35 8.30
C THR E 238 24.91 -27.37 7.88
N ALA E 239 24.55 -28.22 6.88
CA ALA E 239 23.25 -28.18 6.22
C ALA E 239 22.04 -28.38 7.13
N GLY E 240 22.17 -29.19 8.20
CA GLY E 240 21.10 -29.46 9.14
C GLY E 240 20.25 -30.63 8.72
N GLY E 241 20.77 -31.44 7.80
CA GLY E 241 20.04 -32.48 7.12
C GLY E 241 20.41 -33.84 7.61
N ALA E 242 19.90 -34.23 8.80
CA ALA E 242 20.15 -35.53 9.37
C ALA E 242 18.95 -36.46 9.22
N LEU E 243 19.19 -37.78 9.30
CA LEU E 243 18.18 -38.81 9.09
C LEU E 243 17.41 -39.17 10.35
N SER E 244 17.02 -38.16 11.16
CA SER E 244 16.42 -38.38 12.48
C SER E 244 14.94 -38.08 12.50
N VAL E 245 14.32 -37.83 11.33
CA VAL E 245 12.95 -37.38 11.23
C VAL E 245 12.21 -38.20 10.19
N GLY E 246 10.87 -38.23 10.28
CA GLY E 246 10.01 -38.77 9.24
C GLY E 246 8.95 -37.78 8.90
N ILE E 247 8.44 -37.86 7.66
CA ILE E 247 7.43 -36.95 7.16
C ILE E 247 6.09 -37.63 7.14
N TYR E 248 5.08 -36.96 7.72
CA TYR E 248 3.73 -37.46 7.76
C TYR E 248 2.83 -36.49 7.06
N GLN E 249 2.28 -36.88 5.90
CA GLN E 249 1.30 -36.10 5.19
C GLN E 249 -0.01 -36.01 5.93
N VAL E 250 -0.68 -34.85 5.81
CA VAL E 250 -1.98 -34.66 6.38
C VAL E 250 -3.00 -34.97 5.31
N GLY E 251 -3.73 -36.11 5.44
CA GLY E 251 -4.76 -36.51 4.49
C GLY E 251 -5.78 -35.44 4.23
N SER E 252 -6.10 -35.22 2.93
CA SER E 252 -7.05 -34.23 2.46
C SER E 252 -6.53 -32.80 2.47
N SER E 253 -5.20 -32.59 2.48
CA SER E 253 -4.66 -31.25 2.50
C SER E 253 -3.38 -31.14 1.69
N ALA E 254 -2.83 -29.92 1.57
CA ALA E 254 -1.54 -29.68 0.94
C ALA E 254 -0.46 -29.47 2.00
N LEU E 255 -0.69 -29.94 3.23
CA LEU E 255 0.24 -29.84 4.35
C LEU E 255 0.80 -31.18 4.79
N TYR E 256 1.97 -31.14 5.46
CA TYR E 256 2.58 -32.27 6.12
C TYR E 256 3.13 -31.81 7.45
N ALA E 257 3.48 -32.76 8.34
CA ALA E 257 4.28 -32.47 9.50
C ALA E 257 5.55 -33.31 9.47
N SER E 258 6.74 -32.66 9.56
CA SER E 258 8.00 -33.39 9.73
C SER E 258 8.20 -33.55 11.19
N MET E 259 8.47 -34.79 11.60
CA MET E 259 8.58 -35.11 12.99
C MET E 259 9.88 -35.82 13.27
N PRO E 260 10.72 -35.38 14.20
CA PRO E 260 11.75 -36.23 14.74
C PRO E 260 11.20 -37.47 15.40
N THR E 261 11.69 -38.64 14.98
CA THR E 261 11.36 -39.92 15.58
C THR E 261 12.51 -40.37 16.44
N GLN E 262 13.71 -39.79 16.20
CA GLN E 262 14.90 -40.13 16.92
C GLN E 262 15.49 -38.95 17.70
N MET E 263 15.90 -39.22 18.95
CA MET E 263 16.73 -38.33 19.72
C MET E 263 18.15 -38.84 19.66
N ALA E 264 19.12 -37.92 19.51
CA ALA E 264 20.53 -38.23 19.49
C ALA E 264 21.12 -37.59 20.72
N MET E 265 21.54 -38.40 21.71
CA MET E 265 22.11 -37.89 22.93
C MET E 265 23.57 -38.16 22.92
N SER E 266 24.38 -37.11 22.93
CA SER E 266 25.82 -37.25 22.91
C SER E 266 26.40 -37.78 24.21
N ALA E 267 27.28 -38.77 24.11
CA ALA E 267 27.77 -39.53 25.22
C ALA E 267 28.51 -38.76 26.30
N SER E 268 29.34 -37.82 25.85
CA SER E 268 30.31 -37.15 26.69
C SER E 268 29.82 -35.85 27.25
N THR E 269 28.68 -35.35 26.75
CA THR E 269 28.09 -34.11 27.24
C THR E 269 26.72 -34.33 27.84
N GLY E 270 26.01 -35.41 27.46
CA GLY E 270 24.63 -35.66 27.89
C GLY E 270 23.63 -34.88 27.09
N GLU E 271 24.10 -34.12 26.10
CA GLU E 271 23.26 -33.21 25.36
C GLU E 271 22.45 -33.89 24.29
N ALA E 272 21.19 -33.47 24.16
CA ALA E 272 20.36 -33.86 23.06
C ALA E 272 20.69 -32.99 21.86
N TRP E 273 21.12 -33.57 20.73
CA TRP E 273 21.37 -32.79 19.55
C TRP E 273 20.10 -32.67 18.73
N ASP E 274 19.58 -31.43 18.62
CA ASP E 274 18.38 -31.14 17.89
C ASP E 274 18.71 -30.73 16.44
N LEU E 275 19.94 -31.04 15.98
CA LEU E 275 20.40 -30.85 14.61
C LEU E 275 20.43 -29.40 14.17
N ALA E 276 19.95 -29.10 12.93
CA ALA E 276 19.86 -27.76 12.38
C ALA E 276 21.20 -27.17 11.96
N GLY E 277 22.24 -28.02 11.97
CA GLY E 277 23.61 -27.74 11.58
C GLY E 277 24.55 -27.91 12.74
N VAL E 278 25.73 -28.49 12.49
CA VAL E 278 26.87 -28.40 13.40
C VAL E 278 27.33 -26.96 13.45
N GLU E 279 27.61 -26.43 14.65
CA GLU E 279 28.15 -25.09 14.78
C GLU E 279 29.66 -25.18 14.93
N PRO E 280 30.48 -24.61 14.06
CA PRO E 280 31.93 -24.72 14.21
C PRO E 280 32.48 -23.99 15.41
N ASP E 281 33.59 -24.50 15.97
CA ASP E 281 34.39 -23.80 16.96
C ASP E 281 34.96 -22.52 16.37
N ILE E 282 35.39 -22.60 15.09
CA ILE E 282 35.90 -21.44 14.37
C ILE E 282 35.04 -21.22 13.14
N THR E 283 34.13 -20.24 13.22
CA THR E 283 33.20 -19.91 12.15
C THR E 283 33.86 -18.97 11.15
N VAL E 284 33.99 -19.43 9.90
CA VAL E 284 34.58 -18.69 8.78
C VAL E 284 33.85 -19.12 7.52
N PRO E 285 33.74 -18.37 6.43
CA PRO E 285 33.33 -18.92 5.14
C PRO E 285 34.12 -20.15 4.70
N MET E 286 33.52 -21.05 3.91
CA MET E 286 34.08 -22.34 3.48
C MET E 286 35.43 -22.23 2.81
N SER E 287 35.63 -21.18 1.99
CA SER E 287 36.87 -20.91 1.29
C SER E 287 38.03 -20.61 2.21
N VAL E 288 37.74 -20.03 3.39
CA VAL E 288 38.74 -19.59 4.34
C VAL E 288 39.18 -20.69 5.31
N ALA E 289 38.38 -21.78 5.43
CA ALA E 289 38.56 -22.81 6.45
C ALA E 289 39.91 -23.53 6.48
N LEU E 290 40.48 -23.87 5.30
CA LEU E 290 41.83 -24.44 5.22
C LEU E 290 42.93 -23.51 5.68
N SER E 291 42.83 -22.21 5.35
CA SER E 291 43.77 -21.21 5.87
C SER E 291 43.67 -21.04 7.35
N THR E 292 42.44 -20.95 7.87
CA THR E 292 42.16 -20.90 9.29
C THR E 292 42.70 -22.10 10.04
N ALA E 293 42.54 -23.33 9.53
CA ALA E 293 43.12 -24.51 10.15
C ALA E 293 44.63 -24.47 10.26
N ARG E 294 45.31 -24.01 9.20
CA ARG E 294 46.74 -23.77 9.19
C ARG E 294 47.20 -22.73 10.20
N ASP E 295 46.48 -21.60 10.33
CA ASP E 295 46.75 -20.56 11.32
C ASP E 295 46.68 -21.08 12.77
N ILE E 296 45.66 -21.89 13.11
CA ILE E 296 45.54 -22.54 14.41
C ILE E 296 46.67 -23.53 14.70
N VAL E 297 47.08 -24.34 13.70
CA VAL E 297 48.22 -25.23 13.82
C VAL E 297 49.54 -24.49 14.05
N THR E 298 49.78 -23.40 13.31
CA THR E 298 50.96 -22.56 13.42
C THR E 298 51.11 -21.87 14.76
N LEU E 299 50.01 -21.39 15.36
CA LEU E 299 50.03 -20.62 16.62
C LEU E 299 49.55 -21.42 17.83
N ARG E 300 49.70 -22.76 17.80
CA ARG E 300 49.43 -23.61 18.94
C ARG E 300 50.60 -23.64 19.98
N PRO F 1 61.48 -29.17 19.24
CA PRO F 1 60.43 -28.70 20.22
C PRO F 1 60.95 -28.25 21.54
N THR F 2 62.05 -28.80 22.13
CA THR F 2 62.56 -28.44 23.47
C THR F 2 62.76 -26.95 23.67
N VAL F 3 63.28 -26.28 22.62
CA VAL F 3 63.50 -24.85 22.52
C VAL F 3 62.27 -24.01 22.82
N LEU F 4 61.07 -24.40 22.33
CA LEU F 4 59.85 -23.68 22.63
C LEU F 4 59.44 -23.80 24.09
N GLN F 5 59.54 -25.02 24.66
CA GLN F 5 59.28 -25.31 26.06
C GLN F 5 60.22 -24.59 27.01
N THR F 6 61.53 -24.55 26.69
CA THR F 6 62.56 -23.84 27.46
C THR F 6 62.34 -22.36 27.40
N ALA F 7 61.98 -21.84 26.20
CA ALA F 7 61.64 -20.45 26.07
C ALA F 7 60.43 -20.05 26.89
N GLY F 8 59.34 -20.84 26.79
CA GLY F 8 58.08 -20.58 27.49
C GLY F 8 58.18 -20.59 28.97
N LYS F 9 59.04 -21.46 29.54
CA LYS F 9 59.34 -21.49 30.96
C LYS F 9 59.97 -20.21 31.46
N LEU F 10 61.00 -19.69 30.77
CA LEU F 10 61.64 -18.45 31.13
C LEU F 10 60.71 -17.24 31.03
N VAL F 11 59.83 -17.19 30.00
CA VAL F 11 58.77 -16.19 29.97
C VAL F 11 57.79 -16.30 31.13
N ALA F 12 57.27 -17.52 31.41
CA ALA F 12 56.29 -17.75 32.46
C ALA F 12 56.80 -17.49 33.87
N ASP F 13 58.08 -17.86 34.15
CA ASP F 13 58.71 -17.73 35.45
C ASP F 13 59.03 -16.28 35.81
N ASN F 14 59.18 -15.39 34.81
CA ASN F 14 59.73 -14.07 35.01
C ASN F 14 58.83 -12.92 34.57
N TYR F 15 57.69 -13.15 33.87
CA TYR F 15 56.78 -12.07 33.50
C TYR F 15 56.17 -11.36 34.70
N ALA F 16 56.20 -10.01 34.72
CA ALA F 16 55.79 -9.23 35.87
C ALA F 16 54.34 -9.38 36.32
N SER F 17 53.43 -9.77 35.40
CA SER F 17 52.01 -9.87 35.67
C SER F 17 51.48 -11.26 35.33
N PRO F 18 51.74 -12.32 36.13
CA PRO F 18 51.30 -13.69 35.90
C PRO F 18 49.79 -13.87 35.87
N GLU F 19 49.01 -13.00 36.53
CA GLU F 19 47.57 -13.06 36.58
C GLU F 19 46.90 -12.80 35.24
N LEU F 20 47.63 -12.22 34.26
CA LEU F 20 47.14 -11.93 32.93
C LEU F 20 47.49 -13.05 31.95
N GLY F 21 47.97 -14.21 32.46
CA GLY F 21 48.49 -15.31 31.65
C GLY F 21 47.55 -16.47 31.45
N VAL F 22 46.23 -16.31 31.66
CA VAL F 22 45.22 -17.28 31.25
C VAL F 22 45.34 -17.57 29.76
N LYS F 23 45.35 -18.87 29.36
CA LYS F 23 45.49 -19.36 27.99
C LYS F 23 46.93 -19.68 27.64
N MET F 24 47.92 -19.09 28.34
CA MET F 24 49.29 -19.13 27.90
C MET F 24 49.95 -20.51 27.83
N ALA F 25 49.71 -21.34 28.85
CA ALA F 25 50.16 -22.71 28.91
C ALA F 25 49.61 -23.56 27.77
N ALA F 26 48.33 -23.33 27.38
CA ALA F 26 47.70 -23.97 26.25
C ALA F 26 48.30 -23.60 24.90
N GLU F 27 48.58 -22.30 24.67
CA GLU F 27 49.24 -21.83 23.46
C GLU F 27 50.68 -22.33 23.32
N LEU F 28 51.41 -22.44 24.45
CA LEU F 28 52.72 -23.06 24.48
C LEU F 28 52.72 -24.52 24.02
N SER F 29 51.70 -25.30 24.45
CA SER F 29 51.45 -26.67 24.01
C SER F 29 51.10 -26.81 22.55
N GLY F 30 50.56 -25.75 21.93
CA GLY F 30 50.10 -25.68 20.55
C GLY F 30 51.20 -25.58 19.51
N LEU F 31 52.22 -26.43 19.63
CA LEU F 31 53.33 -26.51 18.70
C LEU F 31 52.88 -26.84 17.27
N GLN F 32 53.00 -25.86 16.36
CA GLN F 32 52.60 -26.05 14.98
C GLN F 32 53.68 -26.72 14.13
N SER F 33 53.25 -27.42 13.07
CA SER F 33 54.15 -28.00 12.10
C SER F 33 54.75 -26.95 11.17
N ARG F 34 54.08 -25.79 11.01
CA ARG F 34 54.64 -24.62 10.36
C ARG F 34 55.80 -24.03 11.13
N TYR F 35 55.70 -23.92 12.48
CA TYR F 35 56.81 -23.54 13.35
C TYR F 35 57.95 -24.54 13.31
N ALA F 36 57.64 -25.84 13.31
CA ALA F 36 58.61 -26.91 13.18
C ALA F 36 59.26 -27.02 11.78
N ARG F 37 58.71 -26.31 10.76
CA ARG F 37 59.26 -26.28 9.42
C ARG F 37 60.23 -25.10 9.25
N VAL F 38 60.34 -24.21 10.24
CA VAL F 38 61.25 -23.09 10.17
C VAL F 38 62.67 -23.52 10.49
N THR F 39 63.62 -23.32 9.54
CA THR F 39 65.04 -23.63 9.76
C THR F 39 65.84 -22.37 9.99
N SER F 40 65.25 -21.20 9.66
CA SER F 40 65.85 -19.90 9.86
C SER F 40 65.59 -19.42 11.28
N GLU F 41 66.64 -19.29 12.09
CA GLU F 41 66.57 -18.95 13.49
C GLU F 41 65.98 -17.57 13.77
N ALA F 42 66.33 -16.55 12.94
CA ALA F 42 65.74 -15.23 13.02
C ALA F 42 64.26 -15.23 12.68
N ALA F 43 63.83 -15.96 11.63
CA ALA F 43 62.42 -16.15 11.32
C ALA F 43 61.68 -16.86 12.44
N LEU F 44 62.28 -17.89 13.08
CA LEU F 44 61.70 -18.53 14.24
C LEU F 44 61.46 -17.57 15.39
N ALA F 45 62.45 -16.71 15.69
CA ALA F 45 62.33 -15.67 16.69
C ALA F 45 61.22 -14.65 16.41
N GLU F 46 61.12 -14.13 15.16
CA GLU F 46 60.08 -13.21 14.72
C GLU F 46 58.69 -13.80 14.83
N LEU F 47 58.54 -15.07 14.40
CA LEU F 47 57.28 -15.77 14.45
C LEU F 47 56.76 -16.02 15.86
N LEU F 48 57.61 -16.50 16.79
CA LEU F 48 57.25 -16.68 18.19
C LEU F 48 56.95 -15.36 18.88
N GLN F 49 57.64 -14.27 18.47
CA GLN F 49 57.34 -12.96 18.97
C GLN F 49 55.95 -12.44 18.64
N ALA F 50 55.56 -12.52 17.35
CA ALA F 50 54.25 -12.19 16.87
C ALA F 50 53.17 -13.09 17.44
N ASP F 51 53.47 -14.40 17.63
CA ASP F 51 52.60 -15.35 18.28
C ASP F 51 52.27 -14.85 19.68
N LEU F 52 53.27 -14.53 20.51
CA LEU F 52 53.01 -14.00 21.83
C LEU F 52 52.21 -12.71 21.84
N GLN F 53 52.45 -11.79 20.90
CA GLN F 53 51.67 -10.57 20.77
C GLN F 53 50.18 -10.78 20.57
N VAL F 54 49.76 -11.77 19.73
CA VAL F 54 48.36 -12.10 19.50
C VAL F 54 47.77 -12.98 20.61
N LEU F 55 48.49 -13.14 21.75
CA LEU F 55 48.05 -13.89 22.90
C LEU F 55 48.12 -13.11 24.20
N SER F 56 49.11 -12.20 24.35
CA SER F 56 49.36 -11.50 25.62
C SER F 56 49.21 -10.00 25.58
N GLY F 57 49.20 -9.37 24.38
CA GLY F 57 49.02 -7.93 24.24
C GLY F 57 50.07 -7.03 24.86
N ASP F 58 51.31 -7.52 25.09
CA ASP F 58 52.39 -6.74 25.64
C ASP F 58 53.46 -6.60 24.54
N PRO F 59 53.73 -5.42 23.98
CA PRO F 59 54.75 -5.24 22.96
C PRO F 59 56.17 -5.26 23.51
N HIS F 60 56.39 -5.30 24.85
CA HIS F 60 57.74 -5.34 25.41
C HIS F 60 58.31 -6.74 25.42
N LEU F 61 57.49 -7.77 25.15
CA LEU F 61 57.92 -9.15 25.15
C LEU F 61 58.45 -9.56 23.79
N LYS F 62 59.67 -10.14 23.74
CA LYS F 62 60.30 -10.44 22.48
C LYS F 62 61.19 -11.66 22.63
N THR F 63 61.32 -12.45 21.54
CA THR F 63 62.30 -13.51 21.47
C THR F 63 63.20 -13.09 20.35
N ALA F 64 64.53 -13.16 20.55
CA ALA F 64 65.50 -12.78 19.55
C ALA F 64 66.53 -13.88 19.43
N HIS F 65 67.22 -13.93 18.27
CA HIS F 65 68.32 -14.83 18.01
C HIS F 65 69.54 -13.97 17.86
N ILE F 66 70.49 -14.08 18.80
CA ILE F 66 71.59 -13.17 18.92
C ILE F 66 72.86 -13.98 19.17
N PRO F 67 73.47 -14.61 18.15
CA PRO F 67 74.86 -15.04 18.21
C PRO F 67 75.75 -13.81 18.25
N GLU F 68 76.94 -13.92 18.85
CA GLU F 68 77.92 -12.84 18.96
C GLU F 68 77.54 -11.77 19.99
N ASP F 69 76.45 -11.93 20.78
CA ASP F 69 76.20 -11.07 21.93
C ASP F 69 77.23 -11.30 23.00
N ALA F 70 77.88 -10.19 23.35
CA ALA F 70 78.61 -10.12 24.56
C ALA F 70 78.14 -8.89 25.30
N LYS F 71 77.60 -9.11 26.51
CA LYS F 71 77.23 -8.02 27.37
C LYS F 71 78.46 -7.48 28.05
N ASP F 72 78.66 -6.14 27.99
CA ASP F 72 79.66 -5.41 28.73
C ASP F 72 79.42 -5.60 30.24
N ARG F 73 80.39 -6.28 30.88
CA ARG F 73 80.47 -6.44 32.31
C ARG F 73 80.95 -5.15 32.94
N ILE F 74 80.41 -4.78 34.11
CA ILE F 74 80.87 -3.72 35.00
C ILE F 74 82.39 -3.54 35.02
N PRO F 75 83.00 -2.37 34.86
CA PRO F 75 84.45 -2.26 34.76
C PRO F 75 85.13 -2.56 36.07
N GLY F 76 86.38 -3.06 36.02
CA GLY F 76 87.23 -3.17 37.20
C GLY F 76 87.62 -1.82 37.76
N ILE F 77 87.48 -1.65 39.09
CA ILE F 77 87.58 -0.37 39.78
C ILE F 77 88.38 -0.56 41.06
N VAL F 78 87.90 -1.47 41.96
CA VAL F 78 88.58 -1.93 43.17
C VAL F 78 90.05 -2.27 42.99
N PRO F 79 90.54 -3.00 41.97
CA PRO F 79 91.97 -3.22 41.74
C PRO F 79 92.83 -1.99 41.68
N MET F 80 92.27 -0.83 41.28
CA MET F 80 93.04 0.39 41.11
C MET F 80 93.02 1.26 42.35
N GLN F 81 92.12 0.96 43.33
CA GLN F 81 91.81 1.70 44.55
C GLN F 81 90.29 1.75 44.80
N ILE F 82 89.88 1.92 46.08
CA ILE F 82 88.53 2.28 46.54
C ILE F 82 88.15 3.65 46.01
N PRO F 83 87.08 3.88 45.23
CA PRO F 83 86.53 5.21 45.00
C PRO F 83 86.11 5.88 46.29
N SER F 84 86.85 6.90 46.73
CA SER F 84 86.61 7.63 47.97
C SER F 84 85.29 8.42 47.95
N PRO F 85 84.61 8.72 49.06
CA PRO F 85 83.38 9.51 49.01
C PRO F 85 83.53 10.89 48.38
N GLU F 86 84.70 11.55 48.56
CA GLU F 86 85.09 12.80 47.93
C GLU F 86 85.15 12.73 46.39
N VAL F 87 85.54 11.60 45.75
CA VAL F 87 85.47 11.55 44.29
C VAL F 87 84.07 11.22 43.80
N PHE F 88 83.27 10.48 44.60
CA PHE F 88 81.88 10.22 44.29
C PHE F 88 81.00 11.46 44.35
N GLU F 89 81.23 12.36 45.32
CA GLU F 89 80.56 13.65 45.39
C GLU F 89 80.86 14.51 44.15
N ASP F 90 82.13 14.53 43.65
CA ASP F 90 82.53 15.24 42.46
C ASP F 90 81.84 14.72 41.21
N LEU F 91 81.69 13.38 41.08
CA LEU F 91 80.90 12.76 40.02
C LEU F 91 79.44 13.14 40.05
N ILE F 92 78.81 13.22 41.24
CA ILE F 92 77.45 13.71 41.38
C ILE F 92 77.30 15.19 41.08
N LYS F 93 78.31 16.01 41.41
CA LYS F 93 78.35 17.40 40.97
C LYS F 93 78.27 17.60 39.47
N PHE F 94 78.80 16.65 38.70
CA PHE F 94 78.74 16.67 37.26
C PHE F 94 77.42 16.18 36.67
N SER F 95 76.50 15.61 37.49
CA SER F 95 75.19 15.19 37.01
C SER F 95 74.08 16.11 37.44
N PHE F 96 74.41 17.25 38.09
CA PHE F 96 73.42 18.22 38.50
C PHE F 96 73.75 19.60 37.99
N HIS F 97 72.72 20.44 37.82
CA HIS F 97 72.90 21.87 37.69
C HIS F 97 72.03 22.58 38.71
N THR F 98 72.62 23.35 39.63
CA THR F 98 71.93 23.99 40.77
C THR F 98 72.00 25.50 40.66
N ASN F 99 70.84 26.18 40.65
CA ASN F 99 70.80 27.60 40.37
C ASN F 99 69.64 28.25 41.12
N VAL F 100 69.73 29.58 41.36
CA VAL F 100 68.63 30.40 41.82
C VAL F 100 68.33 31.31 40.66
N LEU F 101 67.16 31.16 40.04
CA LEU F 101 66.74 31.95 38.91
C LEU F 101 66.19 33.27 39.40
N GLU F 102 66.16 34.31 38.52
CA GLU F 102 65.53 35.57 38.83
C GLU F 102 64.09 35.41 39.32
N GLY F 103 63.76 36.04 40.46
CA GLY F 103 62.50 35.80 41.16
C GLY F 103 62.64 34.92 42.37
N ASN F 104 63.88 34.56 42.79
CA ASN F 104 64.15 33.70 43.94
C ASN F 104 63.58 32.30 43.76
N VAL F 105 63.73 31.71 42.56
CA VAL F 105 63.16 30.41 42.25
C VAL F 105 64.30 29.43 42.12
N GLY F 106 64.28 28.36 42.93
CA GLY F 106 65.25 27.29 42.88
C GLY F 106 65.14 26.47 41.65
N TYR F 107 66.28 26.11 41.08
CA TYR F 107 66.33 25.29 39.91
C TYR F 107 67.35 24.24 40.17
N LEU F 108 66.95 22.99 39.89
CA LEU F 108 67.80 21.88 40.07
C LEU F 108 67.55 20.89 38.96
N ARG F 109 68.53 20.75 38.07
CA ARG F 109 68.49 19.80 36.98
C ARG F 109 69.18 18.56 37.47
N PHE F 110 68.52 17.40 37.34
CA PHE F 110 69.07 16.13 37.76
C PHE F 110 69.11 15.17 36.62
N ASP F 111 70.32 14.80 36.17
CA ASP F 111 70.49 13.91 35.05
C ASP F 111 70.43 12.44 35.43
N MET F 112 70.64 12.13 36.72
CA MET F 112 70.65 10.79 37.19
C MET F 112 70.11 10.85 38.57
N PHE F 113 69.06 10.06 38.87
CA PHE F 113 68.65 9.85 40.25
C PHE F 113 69.75 8.97 40.92
N GLY F 114 70.21 9.34 42.16
CA GLY F 114 71.28 8.54 42.82
C GLY F 114 70.73 7.70 43.94
N ASP F 115 71.14 6.41 44.07
CA ASP F 115 70.54 5.42 44.97
C ASP F 115 70.54 5.73 46.46
N CYS F 116 69.86 4.90 47.29
CA CYS F 116 69.92 5.01 48.74
C CYS F 116 71.34 4.96 49.30
N GLU F 117 72.25 4.07 48.83
CA GLU F 117 73.59 3.99 49.37
C GLU F 117 74.42 5.21 49.06
N LEU F 118 74.39 5.68 47.80
CA LEU F 118 75.03 6.90 47.38
C LEU F 118 74.47 8.09 48.09
N LEU F 119 73.13 8.18 48.20
CA LEU F 119 72.52 9.20 49.00
C LEU F 119 72.85 9.09 50.47
N THR F 120 72.86 7.95 51.15
CA THR F 120 73.30 7.87 52.54
C THR F 120 74.76 8.19 52.76
N GLN F 121 75.67 7.78 51.85
CA GLN F 121 77.08 7.91 52.11
C GLN F 121 77.74 9.17 51.60
N VAL F 122 77.23 9.76 50.51
CA VAL F 122 77.85 10.92 49.90
C VAL F 122 77.01 12.19 50.04
N SER F 123 75.73 12.10 50.50
CA SER F 123 74.82 13.25 50.63
C SER F 123 75.36 14.31 51.52
N GLU F 124 75.97 13.93 52.65
CA GLU F 124 76.60 14.78 53.65
C GLU F 124 77.65 15.71 53.05
N LEU F 125 78.30 15.26 51.96
CA LEU F 125 79.31 15.99 51.22
C LEU F 125 78.69 16.88 50.14
N LEU F 126 77.37 16.82 49.91
CA LEU F 126 76.73 17.64 48.89
C LEU F 126 75.63 18.51 49.45
N VAL F 127 75.43 18.50 50.77
CA VAL F 127 74.40 19.23 51.47
C VAL F 127 74.51 20.74 51.26
N GLU F 128 75.73 21.28 51.41
CA GLU F 128 76.05 22.68 51.24
C GLU F 128 76.02 23.08 49.79
N HIS F 129 76.61 22.24 48.90
CA HIS F 129 76.71 22.48 47.47
C HIS F 129 75.38 22.54 46.72
N VAL F 130 74.46 21.61 47.02
CA VAL F 130 73.19 21.50 46.32
C VAL F 130 72.10 22.10 47.16
N TRP F 131 71.80 21.46 48.30
CA TRP F 131 70.56 21.70 49.01
C TRP F 131 70.51 23.05 49.68
N LYS F 132 71.55 23.44 50.46
CA LYS F 132 71.57 24.69 51.20
C LYS F 132 71.46 25.93 50.33
N LYS F 133 71.95 25.85 49.07
CA LYS F 133 71.82 26.88 48.07
C LYS F 133 70.38 27.20 47.67
N ILE F 134 69.51 26.18 47.52
CA ILE F 134 68.15 26.39 47.08
C ILE F 134 67.13 26.33 48.21
N VAL F 135 67.50 26.05 49.48
CA VAL F 135 66.56 25.96 50.61
C VAL F 135 65.74 27.23 50.84
N HIS F 136 66.39 28.39 50.68
CA HIS F 136 65.83 29.70 50.98
C HIS F 136 65.00 30.28 49.83
N THR F 137 64.90 29.57 48.67
CA THR F 137 64.07 29.99 47.53
C THR F 137 62.58 29.99 47.83
N ASP F 138 61.77 30.75 47.08
CA ASP F 138 60.33 30.81 47.33
C ASP F 138 59.56 29.74 46.58
N ALA F 139 60.20 29.12 45.58
CA ALA F 139 59.59 28.11 44.75
C ALA F 139 60.69 27.28 44.14
N LEU F 140 60.36 26.06 43.69
CA LEU F 140 61.34 25.11 43.23
C LEU F 140 60.94 24.48 41.91
N ILE F 141 61.88 24.42 40.96
CA ILE F 141 61.74 23.74 39.69
C ILE F 141 62.74 22.59 39.63
N VAL F 142 62.23 21.35 39.54
CA VAL F 142 63.03 20.15 39.29
C VAL F 142 63.01 19.91 37.80
N ASP F 143 64.18 19.92 37.13
CA ASP F 143 64.25 19.68 35.72
C ASP F 143 64.64 18.23 35.48
N MET F 144 63.69 17.43 34.97
CA MET F 144 63.93 16.07 34.58
C MET F 144 63.90 15.89 33.09
N ARG F 145 63.91 16.97 32.28
CA ARG F 145 63.71 16.86 30.85
C ARG F 145 64.71 16.03 30.08
N PHE F 146 65.90 15.77 30.65
CA PHE F 146 66.88 14.90 30.03
C PHE F 146 67.29 13.77 30.97
N ASN F 147 66.51 13.49 32.03
CA ASN F 147 66.80 12.38 32.92
C ASN F 147 66.33 11.07 32.29
N ILE F 148 67.28 10.15 32.01
CA ILE F 148 66.99 8.87 31.40
C ILE F 148 67.55 7.70 32.21
N GLY F 149 68.07 7.95 33.43
CA GLY F 149 68.65 6.89 34.23
C GLY F 149 68.51 7.14 35.70
N GLY F 150 68.49 6.07 36.52
CA GLY F 150 68.29 6.28 37.93
C GLY F 150 67.95 5.01 38.64
N PRO F 151 68.44 4.75 39.84
CA PRO F 151 67.92 3.72 40.73
C PRO F 151 66.62 4.04 41.43
N THR F 152 65.77 3.02 41.63
CA THR F 152 64.54 2.94 42.40
C THR F 152 64.61 3.39 43.84
N SER F 153 65.70 3.02 44.55
CA SER F 153 65.88 3.23 45.97
C SER F 153 66.09 4.71 46.32
N SER F 154 66.31 5.58 45.31
CA SER F 154 66.46 7.01 45.47
C SER F 154 65.18 7.79 45.72
N ILE F 155 64.01 7.21 45.34
CA ILE F 155 62.76 7.94 45.25
C ILE F 155 62.31 8.51 46.56
N SER F 156 62.53 7.72 47.64
CA SER F 156 62.26 8.10 49.01
C SER F 156 63.00 9.35 49.41
N ALA F 157 64.28 9.46 49.05
CA ALA F 157 65.06 10.63 49.32
C ALA F 157 64.57 11.83 48.59
N LEU F 158 64.22 11.79 47.29
CA LEU F 158 63.68 12.99 46.71
C LEU F 158 62.33 13.36 47.31
N CYS F 159 61.39 12.40 47.49
CA CYS F 159 60.04 12.74 47.92
C CYS F 159 60.08 13.30 49.31
N SER F 160 60.79 12.67 50.25
CA SER F 160 60.83 13.04 51.66
C SER F 160 61.19 14.47 51.95
N TYR F 161 62.05 15.13 51.14
CA TYR F 161 62.43 16.53 51.33
C TYR F 161 61.32 17.51 51.02
N PHE F 162 60.27 17.06 50.31
CA PHE F 162 59.19 17.88 49.84
C PHE F 162 57.84 17.55 50.44
N PHE F 163 57.79 16.68 51.47
CA PHE F 163 56.56 16.33 52.15
C PHE F 163 56.80 16.42 53.63
N ASP F 164 55.69 16.47 54.39
CA ASP F 164 55.68 16.39 55.82
C ASP F 164 56.33 15.09 56.29
N GLU F 165 57.00 15.17 57.45
CA GLU F 165 57.60 14.05 58.14
C GLU F 165 56.59 13.02 58.58
N GLY F 166 55.38 13.48 58.96
CA GLY F 166 54.33 12.65 59.49
C GLY F 166 53.02 12.96 58.82
N PRO F 167 52.17 11.99 58.53
CA PRO F 167 52.38 10.55 58.65
C PRO F 167 53.38 10.05 57.59
N PRO F 168 54.17 9.00 57.78
CA PRO F 168 54.85 8.32 56.67
C PRO F 168 53.97 8.03 55.46
N ILE F 169 54.52 8.22 54.26
CA ILE F 169 53.79 8.12 53.02
C ILE F 169 54.35 6.89 52.36
N LEU F 170 53.45 6.02 51.89
CA LEU F 170 53.78 4.87 51.09
C LEU F 170 53.83 5.37 49.65
N LEU F 171 55.05 5.65 49.15
CA LEU F 171 55.28 6.29 47.87
C LEU F 171 54.98 5.38 46.70
N ASP F 172 55.52 4.15 46.73
CA ASP F 172 55.29 3.20 45.67
C ASP F 172 55.48 1.80 46.20
N LYS F 173 54.99 0.83 45.40
CA LYS F 173 55.06 -0.59 45.62
C LYS F 173 55.50 -1.22 44.33
N ILE F 174 56.66 -1.91 44.32
CA ILE F 174 57.23 -2.48 43.11
C ILE F 174 57.31 -3.97 43.28
N TYR F 175 56.70 -4.75 42.38
CA TYR F 175 56.75 -6.18 42.45
C TYR F 175 57.76 -6.66 41.44
N ASN F 176 58.75 -7.49 41.85
CA ASN F 176 59.73 -8.13 40.99
C ASN F 176 59.37 -9.60 40.89
N ARG F 177 59.03 -10.09 39.68
CA ARG F 177 58.68 -11.49 39.45
C ARG F 177 59.80 -12.51 39.65
N PRO F 178 61.04 -12.37 39.14
CA PRO F 178 62.14 -13.30 39.37
C PRO F 178 62.48 -13.48 40.83
N ASN F 179 62.45 -12.38 41.62
CA ASN F 179 62.66 -12.45 43.05
C ASN F 179 61.42 -12.91 43.83
N ASN F 180 60.21 -12.90 43.20
CA ASN F 180 58.91 -13.09 43.84
C ASN F 180 58.73 -12.24 45.09
N SER F 181 58.97 -10.93 44.95
CA SER F 181 59.11 -10.06 46.10
C SER F 181 58.54 -8.72 45.75
N VAL F 182 57.78 -8.11 46.70
CA VAL F 182 57.32 -6.75 46.62
C VAL F 182 58.28 -5.88 47.41
N SER F 183 58.78 -4.81 46.77
CA SER F 183 59.61 -3.79 47.39
C SER F 183 58.73 -2.58 47.62
N GLU F 184 58.64 -2.12 48.87
CA GLU F 184 57.81 -1.00 49.25
C GLU F 184 58.71 0.22 49.45
N LEU F 185 58.34 1.36 48.85
CA LEU F 185 59.10 2.60 48.99
C LEU F 185 58.33 3.54 49.89
N TRP F 186 58.94 3.96 51.01
CA TRP F 186 58.29 4.82 51.98
C TRP F 186 59.08 6.09 52.15
N THR F 187 58.41 7.19 52.57
CA THR F 187 59.06 8.37 53.11
C THR F 187 59.84 8.11 54.38
N LEU F 188 60.81 8.98 54.66
CA LEU F 188 61.68 8.88 55.80
C LEU F 188 61.47 10.11 56.64
N SER F 189 61.02 9.90 57.88
CA SER F 189 60.75 10.95 58.85
C SER F 189 61.94 11.81 59.18
N GLN F 190 63.13 11.21 59.36
CA GLN F 190 64.35 11.94 59.65
C GLN F 190 65.22 11.98 58.40
N LEU F 191 65.75 13.17 58.06
CA LEU F 191 66.60 13.41 56.91
C LEU F 191 67.83 14.13 57.39
N GLU F 192 68.95 14.04 56.62
CA GLU F 192 70.19 14.77 56.87
C GLU F 192 70.02 16.28 56.78
N GLY F 193 69.34 16.72 55.71
CA GLY F 193 69.08 18.14 55.46
C GLY F 193 67.74 18.58 55.98
N GLU F 194 67.47 19.89 55.94
CA GLU F 194 66.18 20.45 56.26
C GLU F 194 65.15 20.16 55.18
N ARG F 195 63.90 19.88 55.53
CA ARG F 195 62.81 19.81 54.58
C ARG F 195 62.49 21.13 53.89
N TYR F 196 62.04 21.09 52.61
CA TYR F 196 61.69 22.28 51.87
C TYR F 196 60.33 22.86 52.29
N GLY F 197 59.53 22.02 52.98
CA GLY F 197 58.17 22.34 53.41
C GLY F 197 57.17 22.01 52.36
N SER F 198 55.89 22.20 52.69
CA SER F 198 54.79 21.77 51.84
C SER F 198 54.07 22.93 51.18
N LYS F 199 54.43 24.18 51.56
CA LYS F 199 53.81 25.42 51.14
C LYS F 199 54.34 25.97 49.84
N LYS F 200 55.68 26.00 49.69
CA LYS F 200 56.32 26.48 48.50
C LYS F 200 56.03 25.63 47.29
N SER F 201 55.74 26.28 46.16
CA SER F 201 55.45 25.66 44.89
C SER F 201 56.55 24.75 44.40
N MET F 202 56.17 23.55 43.93
CA MET F 202 57.09 22.65 43.31
C MET F 202 56.58 22.33 41.95
N VAL F 203 57.43 22.57 40.94
CA VAL F 203 57.12 22.25 39.58
C VAL F 203 58.16 21.26 39.11
N ILE F 204 57.73 20.24 38.35
CA ILE F 204 58.64 19.30 37.72
C ILE F 204 58.52 19.46 36.22
N LEU F 205 59.67 19.60 35.53
CA LEU F 205 59.71 19.69 34.09
C LEU F 205 59.96 18.34 33.46
N THR F 206 59.17 18.00 32.42
CA THR F 206 59.25 16.71 31.76
C THR F 206 59.35 16.88 30.25
N SER F 207 60.02 15.92 29.56
CA SER F 207 60.05 15.86 28.10
C SER F 207 59.61 14.47 27.69
N THR F 208 59.46 14.24 26.37
CA THR F 208 59.26 12.89 25.81
C THR F 208 60.44 11.95 25.99
N LEU F 209 61.65 12.47 26.30
CA LEU F 209 62.82 11.65 26.58
C LEU F 209 62.91 11.23 28.02
N THR F 210 62.19 11.91 28.95
CA THR F 210 62.25 11.60 30.39
C THR F 210 61.86 10.16 30.67
N ALA F 211 62.77 9.34 31.23
CA ALA F 211 62.60 7.91 31.23
C ALA F 211 63.04 7.25 32.54
N GLY F 212 62.26 6.26 33.01
CA GLY F 212 62.65 5.41 34.12
C GLY F 212 62.21 5.95 35.46
N ALA F 213 63.09 5.89 36.48
CA ALA F 213 62.78 6.28 37.84
C ALA F 213 62.36 7.76 38.00
N ALA F 214 62.80 8.64 37.08
CA ALA F 214 62.32 10.01 36.97
C ALA F 214 60.84 10.14 36.68
N GLU F 215 60.27 9.29 35.82
CA GLU F 215 58.85 9.25 35.58
C GLU F 215 58.08 8.86 36.83
N GLU F 216 58.61 7.89 37.61
CA GLU F 216 58.04 7.48 38.88
C GLU F 216 57.99 8.59 39.91
N PHE F 217 59.09 9.34 40.13
CA PHE F 217 59.08 10.47 41.05
C PHE F 217 58.04 11.52 40.64
N THR F 218 58.00 11.88 39.34
CA THR F 218 57.01 12.82 38.82
C THR F 218 55.59 12.37 38.98
N TYR F 219 55.33 11.09 38.68
CA TYR F 219 54.03 10.47 38.87
C TYR F 219 53.58 10.49 40.32
N ILE F 220 54.47 10.08 41.25
CA ILE F 220 54.17 10.05 42.68
C ILE F 220 53.90 11.43 43.23
N MET F 221 54.77 12.42 42.93
CA MET F 221 54.63 13.80 43.39
C MET F 221 53.38 14.47 42.88
N LYS F 222 53.02 14.21 41.61
CA LYS F 222 51.77 14.63 41.01
C LYS F 222 50.55 13.99 41.67
N ARG F 223 50.55 12.66 41.92
CA ARG F 223 49.44 11.98 42.57
C ARG F 223 49.25 12.35 44.02
N LEU F 224 50.34 12.68 44.72
CA LEU F 224 50.32 13.21 46.06
C LEU F 224 49.85 14.67 46.10
N GLY F 225 49.70 15.34 44.92
CA GLY F 225 49.25 16.72 44.81
C GLY F 225 50.24 17.72 45.30
N ARG F 226 51.52 17.36 45.27
CA ARG F 226 52.56 18.23 45.75
C ARG F 226 53.27 18.95 44.64
N ALA F 227 53.32 18.37 43.44
CA ALA F 227 54.00 18.96 42.33
C ALA F 227 53.10 19.12 41.14
N LEU F 228 53.27 20.23 40.41
CA LEU F 228 52.67 20.45 39.12
C LEU F 228 53.66 19.98 38.05
N VAL F 229 53.20 19.18 37.07
CA VAL F 229 54.04 18.68 36.00
C VAL F 229 53.91 19.56 34.77
N ILE F 230 55.04 20.10 34.26
CA ILE F 230 55.03 21.02 33.13
C ILE F 230 55.89 20.45 32.02
N GLY F 231 55.31 20.27 30.82
CA GLY F 231 56.11 19.84 29.68
C GLY F 231 55.37 18.91 28.81
N GLU F 232 56.04 17.82 28.40
CA GLU F 232 55.48 16.81 27.54
C GLU F 232 55.21 15.55 28.35
N VAL F 233 54.34 14.67 27.81
CA VAL F 233 54.17 13.30 28.28
C VAL F 233 55.50 12.56 28.25
N THR F 234 55.87 11.91 29.38
CA THR F 234 57.12 11.18 29.54
C THR F 234 57.22 9.94 28.67
N SER F 235 58.41 9.32 28.55
CA SER F 235 58.66 8.26 27.58
C SER F 235 57.86 6.98 27.77
N GLY F 236 57.51 6.63 29.02
CA GLY F 236 56.79 5.40 29.33
C GLY F 236 57.66 4.19 29.43
N GLY F 237 58.71 4.26 30.27
CA GLY F 237 59.59 3.11 30.51
C GLY F 237 58.94 1.96 31.26
N CYS F 238 59.78 1.09 31.86
CA CYS F 238 59.38 -0.07 32.62
C CYS F 238 60.40 -0.11 33.72
N GLN F 239 60.06 -0.47 34.97
CA GLN F 239 61.04 -0.37 36.04
C GLN F 239 62.28 -1.28 35.88
N PRO F 240 62.11 -2.57 35.51
CA PRO F 240 63.19 -3.33 34.88
C PRO F 240 62.70 -4.30 33.77
N PRO F 241 63.31 -4.30 32.59
CA PRO F 241 63.37 -5.45 31.69
C PRO F 241 64.53 -6.38 31.98
N GLN F 242 64.39 -7.68 31.66
CA GLN F 242 65.51 -8.60 31.65
C GLN F 242 65.57 -9.29 30.30
N THR F 243 66.81 -9.42 29.77
CA THR F 243 67.12 -10.05 28.50
C THR F 243 67.78 -11.35 28.85
N TYR F 244 67.10 -12.48 28.64
CA TYR F 244 67.52 -13.74 29.24
C TYR F 244 67.82 -14.82 28.21
N HIS F 245 69.04 -15.38 28.26
CA HIS F 245 69.48 -16.50 27.44
C HIS F 245 68.64 -17.74 27.67
N VAL F 246 68.35 -18.48 26.59
CA VAL F 246 67.60 -19.72 26.69
C VAL F 246 68.60 -20.88 26.75
N ASP F 247 68.85 -21.54 27.91
CA ASP F 247 69.87 -22.58 28.02
C ASP F 247 71.27 -22.22 27.46
N ASP F 248 71.88 -23.13 26.67
CA ASP F 248 73.15 -22.95 25.98
C ASP F 248 72.93 -22.50 24.53
N THR F 249 71.72 -22.02 24.17
CA THR F 249 71.37 -21.60 22.81
C THR F 249 71.59 -20.09 22.63
N ASP F 250 71.57 -19.55 21.37
CA ASP F 250 71.81 -18.14 21.07
C ASP F 250 70.51 -17.32 21.00
N LEU F 251 69.39 -17.92 21.44
CA LEU F 251 68.08 -17.33 21.57
C LEU F 251 67.97 -16.67 22.93
N TYR F 252 67.31 -15.51 22.96
CA TYR F 252 67.14 -14.71 24.15
C TYR F 252 65.69 -14.31 24.25
N LEU F 253 65.17 -14.28 25.47
CA LEU F 253 63.82 -13.83 25.75
C LEU F 253 63.90 -12.58 26.56
N THR F 254 63.21 -11.54 26.11
CA THR F 254 63.27 -10.25 26.71
C THR F 254 61.93 -9.93 27.27
N ILE F 255 61.87 -9.69 28.59
CA ILE F 255 60.63 -9.73 29.30
C ILE F 255 60.59 -8.59 30.33
N PRO F 256 59.53 -7.79 30.51
CA PRO F 256 59.36 -7.02 31.73
C PRO F 256 59.24 -7.89 32.97
N THR F 257 60.13 -7.69 33.96
CA THR F 257 60.21 -8.56 35.13
C THR F 257 59.77 -7.93 36.43
N ALA F 258 59.55 -6.61 36.47
CA ALA F 258 58.93 -6.00 37.60
C ALA F 258 58.09 -4.87 37.14
N ARG F 259 57.31 -4.30 38.06
CA ARG F 259 56.40 -3.24 37.70
C ARG F 259 56.04 -2.45 38.93
N SER F 260 55.61 -1.20 38.73
CA SER F 260 55.08 -0.34 39.78
C SER F 260 53.59 -0.62 39.95
N VAL F 261 53.10 -0.60 41.19
CA VAL F 261 51.70 -0.67 41.51
C VAL F 261 51.45 0.47 42.45
N GLY F 262 51.05 1.64 41.88
CA GLY F 262 50.97 2.86 42.66
C GLY F 262 49.91 2.80 43.71
N ALA F 263 50.22 3.19 44.95
CA ALA F 263 49.26 3.12 46.04
C ALA F 263 48.02 3.98 45.85
N ALA F 264 48.20 5.22 45.32
CA ALA F 264 47.13 6.16 45.07
C ALA F 264 46.11 5.74 44.02
N ASP F 265 46.59 5.44 42.78
CA ASP F 265 45.72 5.24 41.64
C ASP F 265 45.66 3.78 41.20
N GLY F 266 46.46 2.86 41.80
CA GLY F 266 46.47 1.44 41.46
C GLY F 266 47.16 1.12 40.15
N SER F 267 47.67 2.16 39.49
CA SER F 267 48.19 2.15 38.14
C SER F 267 49.66 2.44 38.21
N SER F 268 50.27 2.78 37.07
CA SER F 268 51.70 2.97 36.98
C SER F 268 51.94 4.10 36.01
N TRP F 269 53.15 4.68 36.09
CA TRP F 269 53.75 5.57 35.13
C TRP F 269 54.22 4.80 33.91
N GLU F 270 54.44 3.48 34.05
CA GLU F 270 55.01 2.64 33.01
C GLU F 270 54.21 2.53 31.72
N GLY F 271 54.91 2.46 30.58
CA GLY F 271 54.28 2.23 29.29
C GLY F 271 53.65 3.45 28.65
N VAL F 272 52.67 4.06 29.35
CA VAL F 272 51.97 5.25 28.88
C VAL F 272 52.66 6.53 29.30
N GLY F 273 53.62 6.47 30.26
CA GLY F 273 54.27 7.65 30.79
C GLY F 273 53.36 8.50 31.66
N VAL F 274 53.88 9.68 32.05
CA VAL F 274 53.19 10.59 32.94
C VAL F 274 52.73 11.79 32.15
N VAL F 275 51.42 12.07 32.24
CA VAL F 275 50.81 13.21 31.58
C VAL F 275 51.13 14.52 32.31
N PRO F 276 51.58 15.61 31.67
CA PRO F 276 51.76 16.90 32.32
C PRO F 276 50.45 17.53 32.73
N ASP F 277 50.41 18.30 33.83
CA ASP F 277 49.32 19.18 34.20
C ASP F 277 49.22 20.33 33.21
N VAL F 278 50.39 20.89 32.82
CA VAL F 278 50.47 21.94 31.82
C VAL F 278 51.27 21.42 30.64
N ALA F 279 50.59 21.23 29.49
CA ALA F 279 51.19 20.66 28.31
C ALA F 279 51.81 21.72 27.40
N VAL F 280 53.14 21.68 27.20
CA VAL F 280 53.89 22.64 26.41
C VAL F 280 55.06 21.91 25.81
N PRO F 281 55.61 22.29 24.65
CA PRO F 281 56.93 21.82 24.21
C PRO F 281 58.02 21.87 25.27
N ALA F 282 58.89 20.84 25.34
CA ALA F 282 59.90 20.71 26.36
C ALA F 282 60.90 21.85 26.45
N GLU F 283 61.28 22.44 25.31
CA GLU F 283 62.09 23.64 25.21
C GLU F 283 61.46 24.87 25.87
N ALA F 284 60.11 24.97 25.90
CA ALA F 284 59.42 26.08 26.49
C ALA F 284 59.01 25.80 27.95
N ALA F 285 59.23 24.58 28.47
CA ALA F 285 58.74 24.16 29.78
C ALA F 285 59.25 25.00 30.94
N LEU F 286 60.55 25.37 30.93
CA LEU F 286 61.13 26.21 31.96
C LEU F 286 60.51 27.60 32.03
N THR F 287 60.32 28.26 30.86
CA THR F 287 59.70 29.58 30.75
C THR F 287 58.31 29.58 31.29
N ARG F 288 57.52 28.56 30.93
CA ARG F 288 56.18 28.40 31.46
C ARG F 288 56.09 28.12 32.93
N ALA F 289 57.02 27.32 33.48
CA ALA F 289 57.10 27.10 34.91
C ALA F 289 57.35 28.38 35.67
N GLN F 290 58.31 29.20 35.20
CA GLN F 290 58.57 30.50 35.78
C GLN F 290 57.37 31.43 35.74
N GLU F 291 56.67 31.51 34.58
CA GLU F 291 55.44 32.28 34.42
C GLU F 291 54.30 31.84 35.35
N MET F 292 54.07 30.52 35.51
CA MET F 292 53.11 29.99 36.45
C MET F 292 53.40 30.32 37.91
N LEU F 293 54.68 30.17 38.33
CA LEU F 293 55.11 30.50 39.67
C LEU F 293 55.00 31.98 40.03
N GLN F 294 55.36 32.87 39.09
CA GLN F 294 55.28 34.31 39.25
C GLN F 294 53.87 34.89 39.29
N HIS F 295 52.92 34.31 38.53
CA HIS F 295 51.51 34.70 38.56
C HIS F 295 50.74 34.34 39.83
N THR F 296 51.02 33.15 40.40
CA THR F 296 50.46 32.61 41.65
C THR F 296 50.94 33.37 42.92
#